data_2KFY
#
_entry.id   2KFY
#
_cell.length_a   1.000
_cell.length_b   1.000
_cell.length_c   1.000
_cell.angle_alpha   90.00
_cell.angle_beta   90.00
_cell.angle_gamma   90.00
#
_symmetry.space_group_name_H-M   'P 1'
#
loop_
_entity.id
_entity.type
_entity.pdbx_description
1 polymer 'Heterogeneous nuclear ribonucleoprotein F'
2 polymer "5'-R(*AP*GP*GP*GP*AP*U)-3'"
#
loop_
_entity_poly.entity_id
_entity_poly.type
_entity_poly.pdbx_seq_one_letter_code
_entity_poly.pdbx_strand_id
1 'polypeptide(L)'
;MGSSHHHHHHSSGLVPRGSHMASMTGGQQMGRGSMMLGPEGGEGFVVKLRGLPWSCSVEDVQNFLSDCTIHDGAAGVHFI
YTREGRQSGEAFVELGSEDDVKMALKKDRESMGHRYIEVFKSHRTEMDWVLKHSGP
;
A
2 'polyribonucleotide' AGGGAU B
#
loop_
_chem_comp.id
_chem_comp.type
_chem_comp.name
_chem_comp.formula
A RNA linking ADENOSINE-5'-MONOPHOSPHATE 'C10 H14 N5 O7 P'
G RNA linking GUANOSINE-5'-MONOPHOSPHATE 'C10 H14 N5 O8 P'
U RNA linking URIDINE-5'-MONOPHOSPHATE 'C9 H13 N2 O9 P'
#
# COMPACT_ATOMS: atom_id res chain seq x y z
N MET A 35 3.86 19.09 -4.54
CA MET A 35 3.67 20.55 -4.45
C MET A 35 4.87 21.22 -3.82
N MET A 36 4.91 22.56 -3.86
CA MET A 36 6.00 23.36 -3.32
C MET A 36 5.46 24.67 -2.73
N LEU A 37 4.14 24.73 -2.52
CA LEU A 37 3.46 25.93 -2.00
C LEU A 37 2.31 25.52 -1.06
N GLY A 38 2.33 24.28 -0.57
CA GLY A 38 1.30 23.75 0.30
C GLY A 38 1.82 22.54 1.08
N PRO A 39 0.96 21.92 1.90
CA PRO A 39 1.33 20.79 2.74
C PRO A 39 1.59 19.53 1.91
N GLU A 40 2.22 18.53 2.55
CA GLU A 40 2.58 17.27 1.94
C GLU A 40 2.50 16.14 2.96
N GLY A 41 2.74 14.91 2.51
CA GLY A 41 2.73 13.71 3.35
C GLY A 41 3.53 12.58 2.73
N GLY A 42 4.33 12.89 1.70
CA GLY A 42 5.14 11.91 1.00
C GLY A 42 6.07 12.59 -0.01
N GLU A 43 6.89 11.80 -0.70
CA GLU A 43 7.89 12.30 -1.63
C GLU A 43 8.07 11.35 -2.81
N GLY A 44 7.12 10.43 -3.01
CA GLY A 44 7.20 9.46 -4.09
C GLY A 44 5.81 9.03 -4.55
N PHE A 45 5.76 8.32 -5.69
CA PHE A 45 4.53 7.83 -6.28
C PHE A 45 4.19 6.46 -5.70
N VAL A 46 4.25 6.36 -4.38
CA VAL A 46 4.02 5.12 -3.65
C VAL A 46 3.04 5.41 -2.52
N VAL A 47 2.24 4.41 -2.14
CA VAL A 47 1.30 4.56 -1.03
C VAL A 47 1.29 3.32 -0.14
N LYS A 48 0.84 3.52 1.10
CA LYS A 48 0.70 2.46 2.08
C LYS A 48 -0.70 1.86 1.96
N LEU A 49 -0.88 0.66 2.48
CA LEU A 49 -2.16 -0.03 2.47
C LEU A 49 -2.36 -0.76 3.80
N ARG A 50 -3.61 -0.86 4.25
CA ARG A 50 -3.99 -1.55 5.48
C ARG A 50 -5.43 -2.01 5.35
N GLY A 51 -5.78 -3.15 5.95
CA GLY A 51 -7.17 -3.60 5.97
C GLY A 51 -7.32 -5.04 5.49
N LEU A 52 -8.56 -5.38 5.16
CA LEU A 52 -8.95 -6.71 4.67
C LEU A 52 -8.77 -7.76 5.76
N PRO A 53 -9.19 -9.03 5.53
CA PRO A 53 -8.93 -10.14 6.43
C PRO A 53 -7.47 -10.27 6.82
N TRP A 54 -7.14 -11.24 7.68
CA TRP A 54 -5.78 -11.46 8.13
C TRP A 54 -4.82 -11.64 6.95
N SER A 55 -5.34 -11.96 5.76
CA SER A 55 -4.54 -12.12 4.54
C SER A 55 -5.33 -11.68 3.32
N CYS A 56 -4.63 -11.39 2.23
CA CYS A 56 -5.21 -10.96 0.97
C CYS A 56 -4.28 -11.29 -0.19
N SER A 57 -4.61 -10.86 -1.41
CA SER A 57 -3.82 -11.12 -2.59
C SER A 57 -3.67 -9.86 -3.45
N VAL A 58 -2.72 -9.88 -4.38
CA VAL A 58 -2.40 -8.70 -5.19
C VAL A 58 -3.55 -8.33 -6.12
N GLU A 59 -4.51 -9.24 -6.34
CA GLU A 59 -5.64 -8.99 -7.20
C GLU A 59 -6.73 -8.20 -6.46
N ASP A 60 -6.79 -8.32 -5.14
CA ASP A 60 -7.78 -7.61 -4.36
C ASP A 60 -7.34 -6.16 -4.17
N VAL A 61 -6.05 -5.93 -3.94
CA VAL A 61 -5.55 -4.59 -3.74
C VAL A 61 -5.63 -3.77 -5.03
N GLN A 62 -5.33 -4.38 -6.19
CA GLN A 62 -5.43 -3.64 -7.44
C GLN A 62 -6.88 -3.37 -7.81
N ASN A 63 -7.80 -4.22 -7.35
CA ASN A 63 -9.24 -4.00 -7.55
C ASN A 63 -9.73 -2.81 -6.73
N PHE A 64 -9.06 -2.50 -5.61
CA PHE A 64 -9.48 -1.42 -4.73
C PHE A 64 -8.98 -0.06 -5.20
N LEU A 65 -7.84 -0.03 -5.91
CA LEU A 65 -7.32 1.19 -6.51
C LEU A 65 -7.67 1.17 -8.00
N SER A 66 -8.96 0.96 -8.27
CA SER A 66 -9.53 0.79 -9.61
C SER A 66 -9.38 2.00 -10.54
N ASP A 67 -8.61 3.02 -10.13
CA ASP A 67 -8.37 4.20 -10.94
C ASP A 67 -6.87 4.43 -11.12
N CYS A 68 -6.05 3.49 -10.64
CA CYS A 68 -4.61 3.65 -10.57
C CYS A 68 -3.88 2.50 -11.26
N THR A 69 -2.56 2.53 -11.19
CA THR A 69 -1.68 1.51 -11.75
C THR A 69 -0.69 1.11 -10.67
N ILE A 70 -0.33 -0.17 -10.59
CA ILE A 70 0.49 -0.72 -9.52
C ILE A 70 1.94 -0.85 -10.00
N HIS A 71 2.41 0.19 -10.70
CA HIS A 71 3.75 0.30 -11.29
C HIS A 71 4.05 -0.75 -12.36
N ASP A 72 3.67 -2.01 -12.14
CA ASP A 72 3.73 -3.08 -13.13
C ASP A 72 2.59 -4.10 -12.91
N GLY A 73 1.77 -3.90 -11.87
CA GLY A 73 0.70 -4.84 -11.54
C GLY A 73 1.17 -5.77 -10.43
N ALA A 74 1.04 -7.08 -10.68
CA ALA A 74 1.52 -8.12 -9.77
C ALA A 74 3.04 -8.09 -9.59
N ALA A 75 3.71 -7.08 -10.16
CA ALA A 75 5.14 -6.89 -10.08
C ALA A 75 5.49 -5.57 -9.41
N GLY A 76 4.53 -4.98 -8.69
CA GLY A 76 4.73 -3.76 -7.92
C GLY A 76 3.98 -3.81 -6.59
N VAL A 77 3.33 -4.94 -6.28
CA VAL A 77 2.65 -5.14 -5.01
C VAL A 77 3.69 -5.36 -3.91
N HIS A 78 3.29 -5.16 -2.65
CA HIS A 78 4.12 -5.44 -1.48
C HIS A 78 3.22 -5.78 -0.29
N PHE A 79 3.78 -6.47 0.70
CA PHE A 79 3.07 -6.86 1.91
C PHE A 79 4.03 -6.91 3.09
N ILE A 80 3.50 -7.06 4.31
CA ILE A 80 4.30 -7.13 5.52
C ILE A 80 3.79 -8.28 6.38
N TYR A 81 4.70 -9.06 6.99
CA TYR A 81 4.34 -10.25 7.73
C TYR A 81 5.44 -10.61 8.73
N THR A 82 5.24 -11.72 9.46
CA THR A 82 6.21 -12.21 10.43
C THR A 82 6.32 -13.72 10.37
N ARG A 83 7.37 -14.25 10.98
CA ARG A 83 7.66 -15.68 11.00
C ARG A 83 6.59 -16.48 11.74
N GLU A 84 5.81 -15.80 12.60
CA GLU A 84 4.69 -16.41 13.29
C GLU A 84 3.68 -17.06 12.36
N GLY A 85 3.48 -16.50 11.15
CA GLY A 85 2.65 -17.15 10.14
C GLY A 85 1.43 -16.32 9.70
N ARG A 86 1.52 -14.99 9.72
CA ARG A 86 0.40 -14.11 9.38
C ARG A 86 0.93 -12.76 8.92
N GLN A 87 0.08 -11.96 8.26
CA GLN A 87 0.45 -10.62 7.86
C GLN A 87 0.48 -9.71 9.08
N SER A 88 1.27 -8.65 9.05
CA SER A 88 1.33 -7.70 10.14
C SER A 88 0.05 -6.87 10.20
N GLY A 89 -0.70 -6.83 9.10
CA GLY A 89 -1.96 -6.11 8.99
C GLY A 89 -1.84 -4.98 7.98
N GLU A 90 -0.67 -4.85 7.35
CA GLU A 90 -0.37 -3.73 6.47
C GLU A 90 0.42 -4.18 5.25
N ALA A 91 0.55 -3.26 4.28
CA ALA A 91 1.18 -3.51 2.99
C ALA A 91 1.52 -2.18 2.32
N PHE A 92 2.04 -2.25 1.09
CA PHE A 92 2.31 -1.07 0.28
C PHE A 92 1.91 -1.33 -1.17
N VAL A 93 1.82 -0.27 -1.96
CA VAL A 93 1.49 -0.35 -3.37
C VAL A 93 2.28 0.70 -4.14
N GLU A 94 3.24 0.26 -4.96
CA GLU A 94 3.96 1.17 -5.83
C GLU A 94 3.03 1.60 -6.96
N LEU A 95 3.23 2.80 -7.52
CA LEU A 95 2.42 3.28 -8.62
C LEU A 95 3.29 3.83 -9.74
N GLY A 96 2.64 4.36 -10.79
CA GLY A 96 3.34 4.81 -11.97
C GLY A 96 3.63 6.30 -12.00
N SER A 97 2.75 7.13 -11.42
CA SER A 97 2.91 8.58 -11.48
C SER A 97 2.27 9.27 -10.27
N GLU A 98 2.52 10.57 -10.14
CA GLU A 98 1.94 11.40 -9.09
C GLU A 98 0.42 11.39 -9.16
N ASP A 99 -0.14 11.22 -10.36
CA ASP A 99 -1.58 11.22 -10.51
C ASP A 99 -2.18 9.97 -9.87
N ASP A 100 -1.43 8.86 -9.83
CA ASP A 100 -1.91 7.62 -9.26
C ASP A 100 -1.87 7.69 -7.73
N VAL A 101 -0.86 8.33 -7.15
CA VAL A 101 -0.78 8.43 -5.70
C VAL A 101 -1.88 9.35 -5.19
N LYS A 102 -2.16 10.44 -5.90
CA LYS A 102 -3.26 11.30 -5.51
C LYS A 102 -4.58 10.55 -5.55
N MET A 103 -4.83 9.79 -6.63
CA MET A 103 -6.07 9.05 -6.79
C MET A 103 -6.20 7.91 -5.79
N ALA A 104 -5.08 7.37 -5.30
CA ALA A 104 -5.11 6.32 -4.30
C ALA A 104 -5.55 6.87 -2.94
N LEU A 105 -5.24 8.13 -2.67
CA LEU A 105 -5.58 8.80 -1.42
C LEU A 105 -7.05 9.25 -1.40
N LYS A 106 -7.69 9.31 -2.56
CA LYS A 106 -9.11 9.67 -2.65
C LYS A 106 -10.04 8.62 -2.05
N LYS A 107 -9.52 7.47 -1.63
CA LYS A 107 -10.30 6.40 -1.03
C LYS A 107 -9.60 5.84 0.20
N ASP A 108 -8.80 6.71 0.83
CA ASP A 108 -7.99 6.42 2.00
C ASP A 108 -8.65 5.64 3.13
N ARG A 109 -9.99 5.48 3.15
CA ARG A 109 -10.66 4.68 4.18
C ARG A 109 -11.93 4.00 3.65
N GLU A 110 -12.05 3.80 2.33
CA GLU A 110 -13.24 3.17 1.74
C GLU A 110 -13.33 1.68 2.05
N SER A 111 -14.21 0.99 1.32
CA SER A 111 -14.47 -0.43 1.53
C SER A 111 -14.78 -1.15 0.22
N MET A 112 -14.52 -2.46 0.16
CA MET A 112 -14.85 -3.27 -1.00
C MET A 112 -16.33 -3.62 -1.05
N GLY A 113 -17.01 -3.62 0.11
CA GLY A 113 -18.45 -3.89 0.16
C GLY A 113 -18.82 -4.83 1.32
N HIS A 114 -17.83 -5.52 1.91
CA HIS A 114 -18.07 -6.44 3.01
C HIS A 114 -16.97 -6.34 4.07
N ARG A 115 -15.93 -5.55 3.78
CA ARG A 115 -14.86 -5.24 4.71
C ARG A 115 -14.25 -3.91 4.28
N TYR A 116 -13.48 -3.24 5.15
CA TYR A 116 -12.99 -1.91 4.82
C TYR A 116 -11.47 -1.86 4.66
N ILE A 117 -10.99 -0.79 4.06
CA ILE A 117 -9.61 -0.68 3.63
C ILE A 117 -9.09 0.71 4.00
N GLU A 118 -7.78 0.86 3.93
CA GLU A 118 -7.09 2.09 4.32
C GLU A 118 -5.91 2.34 3.38
N VAL A 119 -5.62 3.63 3.14
CA VAL A 119 -4.52 4.05 2.28
C VAL A 119 -3.89 5.30 2.88
N PHE A 120 -2.60 5.51 2.58
CA PHE A 120 -1.88 6.67 3.07
C PHE A 120 -0.69 6.95 2.16
N LYS A 121 -0.22 8.19 2.11
CA LYS A 121 0.85 8.56 1.19
C LYS A 121 2.19 8.02 1.69
N SER A 122 3.12 7.79 0.75
CA SER A 122 4.43 7.23 1.07
C SER A 122 5.52 7.85 0.21
N HIS A 123 6.75 7.34 0.37
CA HIS A 123 7.92 7.87 -0.32
C HIS A 123 8.92 6.76 -0.64
N ARG A 124 8.51 5.50 -0.46
CA ARG A 124 9.25 4.30 -0.85
C ARG A 124 10.44 3.98 0.05
N THR A 125 11.02 4.97 0.72
CA THR A 125 12.11 4.72 1.64
C THR A 125 11.59 3.96 2.85
N GLU A 126 10.39 4.31 3.33
CA GLU A 126 9.75 3.59 4.41
C GLU A 126 9.34 2.21 3.93
N MET A 127 8.88 2.11 2.68
CA MET A 127 8.45 0.84 2.13
C MET A 127 9.62 -0.15 2.21
N ASP A 128 10.81 0.28 1.79
CA ASP A 128 12.00 -0.57 1.81
C ASP A 128 12.45 -0.85 3.24
N TRP A 129 12.20 0.09 4.15
CA TRP A 129 12.62 0.01 5.53
C TRP A 129 11.90 -1.08 6.32
N VAL A 130 10.74 -1.54 5.84
CA VAL A 130 9.97 -2.57 6.53
C VAL A 130 9.79 -3.83 5.67
N LEU A 131 9.93 -3.72 4.34
CA LEU A 131 9.88 -4.87 3.46
C LEU A 131 11.10 -5.78 3.65
N LYS A 132 12.07 -5.34 4.47
CA LYS A 132 13.32 -6.07 4.69
C LYS A 132 13.71 -6.07 6.17
N HIS A 133 12.81 -5.67 7.07
CA HIS A 133 13.11 -5.59 8.50
C HIS A 133 11.88 -5.88 9.35
N SER A 134 10.79 -6.34 8.73
CA SER A 134 9.56 -6.67 9.46
C SER A 134 9.83 -7.74 10.53
N GLY A 135 9.01 -7.72 11.59
CA GLY A 135 9.14 -8.67 12.68
C GLY A 135 8.07 -8.43 13.75
N PRO A 136 8.01 -9.31 14.76
CA PRO A 136 7.06 -9.22 15.85
C PRO A 136 7.39 -8.04 16.77
N MET A 35 17.77 27.41 -7.86
CA MET A 35 16.89 26.81 -8.88
C MET A 35 16.75 25.31 -8.62
N MET A 36 15.51 24.84 -8.45
CA MET A 36 15.23 23.43 -8.22
C MET A 36 13.81 23.09 -8.67
N LEU A 37 13.50 21.79 -8.74
CA LEU A 37 12.20 21.28 -9.15
C LEU A 37 11.88 20.02 -8.36
N GLY A 38 10.63 19.56 -8.42
CA GLY A 38 10.20 18.36 -7.72
C GLY A 38 8.69 18.15 -7.82
N PRO A 39 8.19 17.07 -7.20
CA PRO A 39 6.77 16.74 -7.16
C PRO A 39 6.00 17.69 -6.25
N GLU A 40 4.68 17.56 -6.22
CA GLU A 40 3.81 18.45 -5.46
C GLU A 40 2.65 17.70 -4.81
N GLY A 41 2.70 16.37 -4.79
CA GLY A 41 1.65 15.55 -4.17
C GLY A 41 2.16 14.19 -3.71
N GLY A 42 3.47 13.96 -3.76
CA GLY A 42 4.08 12.71 -3.33
C GLY A 42 5.60 12.83 -3.39
N GLU A 43 6.30 11.76 -3.03
CA GLU A 43 7.76 11.75 -3.04
C GLU A 43 8.30 10.39 -3.52
N GLY A 44 7.43 9.54 -4.06
CA GLY A 44 7.84 8.23 -4.56
C GLY A 44 6.79 7.54 -5.43
N PHE A 45 5.58 8.10 -5.52
CA PHE A 45 4.46 7.50 -6.24
C PHE A 45 4.18 6.10 -5.70
N VAL A 46 4.19 6.00 -4.37
CA VAL A 46 3.92 4.76 -3.66
C VAL A 46 2.92 5.09 -2.55
N VAL A 47 2.09 4.11 -2.17
CA VAL A 47 1.14 4.29 -1.09
C VAL A 47 1.06 3.06 -0.22
N LYS A 48 0.57 3.24 1.01
CA LYS A 48 0.37 2.16 1.96
C LYS A 48 -1.03 1.58 1.77
N LEU A 49 -1.26 0.37 2.26
CA LEU A 49 -2.54 -0.28 2.25
C LEU A 49 -2.71 -0.89 3.64
N ARG A 50 -3.86 -0.66 4.27
CA ARG A 50 -4.10 -1.08 5.64
C ARG A 50 -5.50 -1.64 5.79
N GLY A 51 -5.75 -2.37 6.87
CA GLY A 51 -7.06 -2.93 7.12
C GLY A 51 -7.11 -4.39 6.69
N LEU A 52 -8.26 -4.77 6.13
CA LEU A 52 -8.49 -6.12 5.59
C LEU A 52 -8.62 -7.12 6.74
N PRO A 53 -9.20 -8.30 6.52
CA PRO A 53 -9.26 -9.38 7.49
C PRO A 53 -7.89 -10.02 7.69
N TRP A 54 -6.81 -9.23 7.53
CA TRP A 54 -5.44 -9.71 7.57
C TRP A 54 -5.22 -10.88 6.61
N SER A 55 -6.02 -10.94 5.53
CA SER A 55 -5.87 -11.91 4.47
C SER A 55 -6.33 -11.27 3.16
N CYS A 56 -5.51 -11.35 2.12
CA CYS A 56 -5.79 -10.69 0.85
C CYS A 56 -4.87 -11.25 -0.26
N SER A 57 -5.11 -10.83 -1.49
CA SER A 57 -4.29 -11.18 -2.64
C SER A 57 -4.04 -9.94 -3.50
N VAL A 58 -3.02 -10.00 -4.37
CA VAL A 58 -2.62 -8.84 -5.14
C VAL A 58 -3.69 -8.41 -6.14
N GLU A 59 -4.66 -9.27 -6.43
CA GLU A 59 -5.71 -8.97 -7.38
C GLU A 59 -6.84 -8.17 -6.74
N ASP A 60 -7.03 -8.30 -5.42
CA ASP A 60 -8.07 -7.57 -4.72
C ASP A 60 -7.59 -6.15 -4.42
N VAL A 61 -6.29 -5.97 -4.14
CA VAL A 61 -5.75 -4.65 -3.86
C VAL A 61 -5.71 -3.82 -5.14
N GLN A 62 -5.30 -4.39 -6.28
CA GLN A 62 -5.31 -3.64 -7.52
C GLN A 62 -6.74 -3.33 -7.96
N ASN A 63 -7.70 -4.15 -7.55
CA ASN A 63 -9.11 -3.91 -7.82
C ASN A 63 -9.65 -2.72 -7.01
N PHE A 64 -9.08 -2.46 -5.84
CA PHE A 64 -9.57 -1.39 -4.97
C PHE A 64 -9.03 -0.02 -5.37
N LEU A 65 -7.86 0.01 -6.01
CA LEU A 65 -7.26 1.23 -6.53
C LEU A 65 -7.47 1.26 -8.04
N SER A 66 -8.69 0.93 -8.48
CA SER A 66 -9.03 0.75 -9.89
C SER A 66 -8.78 1.98 -10.76
N ASP A 67 -8.73 3.18 -10.18
CA ASP A 67 -8.45 4.39 -10.96
C ASP A 67 -6.94 4.58 -11.15
N CYS A 68 -6.16 3.95 -10.29
CA CYS A 68 -4.72 4.08 -10.24
C CYS A 68 -4.05 3.11 -11.22
N THR A 69 -2.71 3.13 -11.22
CA THR A 69 -1.90 2.24 -12.03
C THR A 69 -0.73 1.76 -11.17
N ILE A 70 -0.75 0.47 -10.85
CA ILE A 70 0.30 -0.15 -10.06
C ILE A 70 1.56 -0.21 -10.91
N HIS A 71 2.71 0.04 -10.26
CA HIS A 71 4.01 0.13 -10.91
C HIS A 71 4.29 -1.03 -11.89
N ASP A 72 3.80 -2.24 -11.58
CA ASP A 72 3.87 -3.38 -12.50
C ASP A 72 2.71 -4.36 -12.25
N GLY A 73 1.74 -3.99 -11.42
CA GLY A 73 0.64 -4.89 -11.09
C GLY A 73 1.11 -5.93 -10.08
N ALA A 74 1.03 -7.20 -10.48
CA ALA A 74 1.45 -8.34 -9.66
C ALA A 74 2.95 -8.34 -9.38
N ALA A 75 3.67 -7.30 -9.84
CA ALA A 75 5.09 -7.14 -9.62
C ALA A 75 5.40 -5.78 -8.98
N GLY A 76 4.36 -5.13 -8.46
CA GLY A 76 4.47 -3.85 -7.76
C GLY A 76 3.72 -3.90 -6.42
N VAL A 77 3.07 -5.03 -6.12
CA VAL A 77 2.39 -5.24 -4.85
C VAL A 77 3.44 -5.48 -3.76
N HIS A 78 3.06 -5.28 -2.50
CA HIS A 78 3.91 -5.58 -1.35
C HIS A 78 3.05 -5.89 -0.13
N PHE A 79 3.65 -6.58 0.86
CA PHE A 79 2.99 -6.95 2.11
C PHE A 79 4.03 -6.97 3.23
N ILE A 80 3.59 -7.14 4.47
CA ILE A 80 4.48 -7.09 5.63
C ILE A 80 4.15 -8.23 6.59
N TYR A 81 4.97 -9.28 6.58
CA TYR A 81 4.80 -10.47 7.40
C TYR A 81 6.12 -11.22 7.52
N THR A 82 6.11 -12.39 8.16
CA THR A 82 7.30 -13.21 8.31
C THR A 82 7.04 -14.68 8.03
N ARG A 83 8.13 -15.40 7.76
CA ARG A 83 8.13 -16.82 7.42
C ARG A 83 7.84 -17.73 8.60
N GLU A 84 7.55 -17.16 9.78
CA GLU A 84 7.30 -17.93 11.00
C GLU A 84 6.32 -17.20 11.92
N GLY A 85 5.58 -16.22 11.37
CA GLY A 85 4.65 -15.41 12.14
C GLY A 85 3.31 -15.32 11.42
N ARG A 86 2.76 -14.10 11.34
CA ARG A 86 1.44 -13.85 10.79
C ARG A 86 1.44 -12.53 10.03
N GLN A 87 0.30 -12.20 9.42
CA GLN A 87 0.08 -10.94 8.72
C GLN A 87 -0.14 -9.81 9.75
N SER A 88 0.60 -9.85 10.87
CA SER A 88 0.51 -8.89 11.96
C SER A 88 1.03 -7.50 11.57
N GLY A 89 1.01 -7.18 10.28
CA GLY A 89 1.48 -5.92 9.74
C GLY A 89 0.55 -5.42 8.65
N GLU A 90 1.03 -4.46 7.85
CA GLU A 90 0.24 -3.80 6.81
C GLU A 90 0.80 -4.18 5.44
N ALA A 91 0.59 -3.31 4.44
CA ALA A 91 1.04 -3.55 3.08
C ALA A 91 1.32 -2.23 2.35
N PHE A 92 1.83 -2.33 1.13
CA PHE A 92 2.09 -1.18 0.26
C PHE A 92 1.73 -1.51 -1.19
N VAL A 93 1.68 -0.48 -2.03
CA VAL A 93 1.44 -0.59 -3.46
C VAL A 93 2.22 0.49 -4.19
N GLU A 94 3.17 0.10 -5.05
CA GLU A 94 3.91 1.06 -5.85
C GLU A 94 3.03 1.50 -7.03
N LEU A 95 3.20 2.73 -7.51
CA LEU A 95 2.39 3.22 -8.63
C LEU A 95 3.27 3.74 -9.76
N GLY A 96 2.61 4.34 -10.77
CA GLY A 96 3.29 4.79 -11.96
C GLY A 96 3.57 6.29 -11.99
N SER A 97 2.79 7.11 -11.27
CA SER A 97 3.00 8.55 -11.25
C SER A 97 2.36 9.21 -10.04
N GLU A 98 2.61 10.51 -9.89
CA GLU A 98 2.01 11.33 -8.84
C GLU A 98 0.49 11.32 -8.97
N ASP A 99 -0.02 11.20 -10.19
CA ASP A 99 -1.46 11.21 -10.40
C ASP A 99 -2.10 9.97 -9.80
N ASP A 100 -1.36 8.85 -9.76
CA ASP A 100 -1.87 7.61 -9.23
C ASP A 100 -1.87 7.63 -7.70
N VAL A 101 -0.86 8.26 -7.08
CA VAL A 101 -0.83 8.33 -5.62
C VAL A 101 -1.93 9.26 -5.14
N LYS A 102 -2.19 10.36 -5.84
CA LYS A 102 -3.29 11.23 -5.49
C LYS A 102 -4.62 10.48 -5.56
N MET A 103 -4.83 9.73 -6.65
CA MET A 103 -6.07 9.00 -6.85
C MET A 103 -6.24 7.87 -5.84
N ALA A 104 -5.14 7.30 -5.34
CA ALA A 104 -5.22 6.24 -4.35
C ALA A 104 -5.66 6.79 -2.99
N LEU A 105 -5.35 8.06 -2.71
CA LEU A 105 -5.70 8.71 -1.46
C LEU A 105 -7.14 9.21 -1.47
N LYS A 106 -7.77 9.26 -2.65
CA LYS A 106 -9.17 9.64 -2.77
C LYS A 106 -10.14 8.61 -2.17
N LYS A 107 -9.64 7.43 -1.80
CA LYS A 107 -10.46 6.37 -1.21
C LYS A 107 -9.77 5.78 0.01
N ASP A 108 -8.95 6.62 0.66
CA ASP A 108 -8.14 6.29 1.82
C ASP A 108 -8.83 5.53 2.96
N ARG A 109 -10.16 5.39 2.95
CA ARG A 109 -10.87 4.60 3.96
C ARG A 109 -12.22 4.07 3.47
N GLU A 110 -12.34 3.85 2.15
CA GLU A 110 -13.57 3.30 1.57
C GLU A 110 -13.70 1.80 1.86
N SER A 111 -14.54 1.13 1.07
CA SER A 111 -14.84 -0.28 1.22
C SER A 111 -15.02 -0.93 -0.15
N MET A 112 -14.65 -2.21 -0.26
CA MET A 112 -14.88 -2.98 -1.47
C MET A 112 -16.37 -3.28 -1.65
N GLY A 113 -17.15 -3.04 -0.60
CA GLY A 113 -18.59 -3.28 -0.59
C GLY A 113 -19.03 -3.99 0.67
N HIS A 114 -18.09 -4.54 1.44
CA HIS A 114 -18.40 -5.28 2.66
C HIS A 114 -17.25 -5.28 3.67
N ARG A 115 -16.14 -4.56 3.40
CA ARG A 115 -15.01 -4.54 4.32
C ARG A 115 -14.25 -3.23 4.27
N TYR A 116 -13.83 -2.76 5.44
CA TYR A 116 -13.09 -1.52 5.66
C TYR A 116 -11.67 -1.65 5.11
N ILE A 117 -11.37 -0.83 4.10
CA ILE A 117 -10.05 -0.77 3.49
C ILE A 117 -9.45 0.58 3.82
N GLU A 118 -8.12 0.71 3.72
CA GLU A 118 -7.48 1.99 3.94
C GLU A 118 -6.25 2.16 3.06
N VAL A 119 -5.89 3.42 2.84
CA VAL A 119 -4.73 3.81 2.03
C VAL A 119 -4.10 5.02 2.69
N PHE A 120 -2.79 5.17 2.58
CA PHE A 120 -2.08 6.30 3.18
C PHE A 120 -0.88 6.63 2.30
N LYS A 121 -0.44 7.90 2.30
CA LYS A 121 0.61 8.33 1.41
C LYS A 121 1.96 7.74 1.82
N SER A 122 2.83 7.51 0.83
CA SER A 122 4.16 6.94 1.06
C SER A 122 5.18 7.55 0.12
N HIS A 123 6.44 7.13 0.25
CA HIS A 123 7.56 7.70 -0.50
C HIS A 123 8.63 6.64 -0.78
N ARG A 124 8.29 5.37 -0.57
CA ARG A 124 9.11 4.21 -0.91
C ARG A 124 10.31 3.99 0.01
N THR A 125 10.83 5.04 0.64
CA THR A 125 11.94 4.88 1.59
C THR A 125 11.44 4.17 2.84
N GLU A 126 10.22 4.51 3.28
CA GLU A 126 9.58 3.83 4.40
C GLU A 126 9.24 2.40 3.99
N MET A 127 8.83 2.21 2.73
CA MET A 127 8.46 0.89 2.27
C MET A 127 9.64 -0.06 2.45
N ASP A 128 10.83 0.36 2.04
CA ASP A 128 12.03 -0.46 2.12
C ASP A 128 12.45 -0.70 3.56
N TRP A 129 12.11 0.23 4.45
CA TRP A 129 12.48 0.19 5.86
C TRP A 129 11.69 -0.85 6.64
N VAL A 130 10.52 -1.28 6.14
CA VAL A 130 9.68 -2.25 6.84
C VAL A 130 9.47 -3.52 6.01
N LEU A 131 9.72 -3.48 4.69
CA LEU A 131 9.63 -4.67 3.86
C LEU A 131 10.68 -5.71 4.25
N LYS A 132 11.64 -5.35 5.12
CA LYS A 132 12.66 -6.27 5.59
C LYS A 132 12.07 -7.43 6.40
N HIS A 133 10.79 -7.30 6.77
CA HIS A 133 9.95 -8.26 7.51
C HIS A 133 8.99 -7.48 8.42
N SER A 134 9.52 -6.50 9.16
CA SER A 134 8.74 -5.65 10.04
C SER A 134 9.53 -4.44 10.52
N GLY A 135 10.82 -4.42 10.20
CA GLY A 135 11.72 -3.33 10.53
C GLY A 135 13.16 -3.72 10.23
N PRO A 136 14.11 -2.80 10.46
CA PRO A 136 15.53 -3.01 10.27
C PRO A 136 16.03 -4.32 10.89
N MET A 35 10.78 10.84 3.76
CA MET A 35 10.40 10.83 5.18
C MET A 35 9.30 11.84 5.44
N MET A 36 8.12 11.36 5.86
CA MET A 36 6.98 12.21 6.14
C MET A 36 6.10 11.57 7.21
N LEU A 37 5.14 12.31 7.76
CA LEU A 37 4.29 11.86 8.85
C LEU A 37 2.80 12.11 8.56
N GLY A 38 2.46 12.41 7.31
CA GLY A 38 1.08 12.65 6.91
C GLY A 38 0.96 12.82 5.40
N PRO A 39 -0.27 12.83 4.88
CA PRO A 39 -0.56 12.98 3.46
C PRO A 39 -0.36 14.42 2.99
N GLU A 40 0.00 15.34 3.91
CA GLU A 40 0.22 16.74 3.60
C GLU A 40 1.48 16.95 2.75
N GLY A 41 2.22 15.87 2.46
CA GLY A 41 3.43 15.93 1.66
C GLY A 41 3.96 14.54 1.37
N GLY A 42 5.03 14.44 0.59
CA GLY A 42 5.62 13.16 0.22
C GLY A 42 6.84 13.37 -0.68
N GLU A 43 7.47 12.27 -1.09
CA GLU A 43 8.67 12.29 -1.91
C GLU A 43 8.69 11.16 -2.93
N GLY A 44 7.54 10.50 -3.15
CA GLY A 44 7.44 9.42 -4.11
C GLY A 44 6.00 9.13 -4.52
N PHE A 45 5.85 8.44 -5.65
CA PHE A 45 4.56 8.04 -6.19
C PHE A 45 4.18 6.65 -5.66
N VAL A 46 4.21 6.50 -4.35
CA VAL A 46 3.94 5.23 -3.68
C VAL A 46 2.98 5.47 -2.53
N VAL A 47 2.21 4.43 -2.18
CA VAL A 47 1.29 4.50 -1.05
C VAL A 47 1.33 3.22 -0.23
N LYS A 48 0.90 3.34 1.02
CA LYS A 48 0.77 2.22 1.94
C LYS A 48 -0.64 1.65 1.80
N LEU A 49 -0.83 0.42 2.28
CA LEU A 49 -2.13 -0.24 2.29
C LEU A 49 -2.25 -1.01 3.60
N ARG A 50 -3.42 -0.96 4.24
CA ARG A 50 -3.63 -1.66 5.50
C ARG A 50 -5.07 -2.16 5.58
N GLY A 51 -5.33 -3.07 6.51
CA GLY A 51 -6.66 -3.60 6.69
C GLY A 51 -6.76 -5.02 6.14
N LEU A 52 -7.83 -5.28 5.39
CA LEU A 52 -8.06 -6.55 4.71
C LEU A 52 -8.37 -7.66 5.70
N PRO A 53 -9.00 -8.76 5.26
CA PRO A 53 -9.19 -9.97 6.05
C PRO A 53 -7.86 -10.54 6.56
N TRP A 54 -7.92 -11.66 7.27
CA TRP A 54 -6.72 -12.36 7.74
C TRP A 54 -5.83 -12.80 6.58
N SER A 55 -6.31 -12.66 5.33
CA SER A 55 -5.54 -13.00 4.14
C SER A 55 -6.03 -12.16 2.94
N CYS A 56 -5.19 -12.02 1.92
CA CYS A 56 -5.52 -11.26 0.73
C CYS A 56 -4.57 -11.61 -0.42
N SER A 57 -4.72 -10.98 -1.59
CA SER A 57 -3.85 -11.20 -2.74
C SER A 57 -3.69 -9.92 -3.56
N VAL A 58 -2.72 -9.93 -4.49
CA VAL A 58 -2.38 -8.76 -5.28
C VAL A 58 -3.51 -8.36 -6.23
N GLU A 59 -4.49 -9.25 -6.46
CA GLU A 59 -5.59 -8.98 -7.37
C GLU A 59 -6.70 -8.20 -6.69
N ASP A 60 -6.85 -8.33 -5.37
CA ASP A 60 -7.87 -7.60 -4.64
C ASP A 60 -7.39 -6.17 -4.36
N VAL A 61 -6.09 -5.99 -4.12
CA VAL A 61 -5.56 -4.65 -3.87
C VAL A 61 -5.61 -3.81 -5.15
N GLN A 62 -5.25 -4.39 -6.31
CA GLN A 62 -5.32 -3.64 -7.55
C GLN A 62 -6.77 -3.37 -7.96
N ASN A 63 -7.70 -4.21 -7.50
CA ASN A 63 -9.12 -3.99 -7.73
C ASN A 63 -9.62 -2.81 -6.90
N PHE A 64 -8.97 -2.51 -5.78
CA PHE A 64 -9.43 -1.47 -4.86
C PHE A 64 -8.89 -0.08 -5.22
N LEU A 65 -7.64 0.00 -5.69
CA LEU A 65 -7.08 1.28 -6.11
C LEU A 65 -7.54 1.60 -7.53
N SER A 66 -8.85 1.86 -7.66
CA SER A 66 -9.47 2.22 -8.92
C SER A 66 -8.77 3.39 -9.60
N ASP A 67 -8.84 3.40 -10.94
CA ASP A 67 -8.22 4.38 -11.83
C ASP A 67 -6.70 4.52 -11.66
N CYS A 68 -6.09 3.82 -10.70
CA CYS A 68 -4.66 3.89 -10.47
C CYS A 68 -3.93 2.82 -11.26
N THR A 69 -2.61 2.75 -11.06
CA THR A 69 -1.73 1.77 -11.68
C THR A 69 -0.77 1.28 -10.61
N ILE A 70 -0.27 0.04 -10.74
CA ILE A 70 0.57 -0.58 -9.71
C ILE A 70 2.00 -0.70 -10.23
N HIS A 71 2.47 0.36 -10.89
CA HIS A 71 3.79 0.49 -11.48
C HIS A 71 4.10 -0.53 -12.58
N ASP A 72 3.48 -1.72 -12.52
CA ASP A 72 3.57 -2.77 -13.53
C ASP A 72 2.36 -3.70 -13.44
N GLY A 73 1.76 -3.82 -12.26
CA GLY A 73 0.68 -4.76 -11.98
C GLY A 73 1.26 -6.15 -11.81
N ALA A 74 0.89 -6.81 -10.71
CA ALA A 74 1.44 -8.10 -10.31
C ALA A 74 2.98 -8.10 -10.27
N ALA A 75 3.58 -6.92 -10.38
CA ALA A 75 5.03 -6.73 -10.36
C ALA A 75 5.41 -5.44 -9.62
N GLY A 76 4.48 -4.91 -8.83
CA GLY A 76 4.71 -3.71 -8.02
C GLY A 76 4.01 -3.80 -6.67
N VAL A 77 3.40 -4.95 -6.37
CA VAL A 77 2.75 -5.17 -5.08
C VAL A 77 3.80 -5.45 -4.01
N HIS A 78 3.42 -5.27 -2.74
CA HIS A 78 4.26 -5.64 -1.60
C HIS A 78 3.35 -5.95 -0.41
N PHE A 79 3.88 -6.68 0.58
CA PHE A 79 3.16 -7.03 1.79
C PHE A 79 4.13 -7.08 2.97
N ILE A 80 3.60 -7.18 4.18
CA ILE A 80 4.41 -7.19 5.39
C ILE A 80 3.89 -8.25 6.35
N TYR A 81 4.80 -8.90 7.07
CA TYR A 81 4.48 -9.96 8.01
C TYR A 81 5.62 -10.09 9.03
N THR A 82 5.50 -11.05 9.94
CA THR A 82 6.53 -11.34 10.93
C THR A 82 6.64 -12.84 11.15
N ARG A 83 7.67 -13.25 11.91
CA ARG A 83 7.92 -14.64 12.22
C ARG A 83 6.74 -15.27 12.97
N GLU A 84 5.93 -14.44 13.65
CA GLU A 84 4.71 -14.86 14.31
C GLU A 84 3.88 -13.65 14.70
N GLY A 85 2.91 -13.26 13.88
CA GLY A 85 1.99 -12.18 14.25
C GLY A 85 0.83 -12.02 13.29
N ARG A 86 1.11 -11.78 12.01
CA ARG A 86 0.07 -11.57 11.00
C ARG A 86 0.63 -11.77 9.59
N GLN A 87 -0.25 -11.69 8.60
CA GLN A 87 0.12 -11.81 7.20
C GLN A 87 -0.85 -11.02 6.33
N SER A 88 -0.34 -10.45 5.23
CA SER A 88 -1.10 -9.71 4.23
C SER A 88 -2.24 -8.87 4.83
N GLY A 89 -1.94 -8.09 5.87
CA GLY A 89 -2.90 -7.22 6.53
C GLY A 89 -2.33 -5.81 6.62
N GLU A 90 -1.13 -5.66 6.05
CA GLU A 90 -0.38 -4.43 5.98
C GLU A 90 0.54 -4.58 4.77
N ALA A 91 0.67 -3.52 3.97
CA ALA A 91 1.32 -3.63 2.67
C ALA A 91 1.69 -2.27 2.08
N PHE A 92 2.23 -2.30 0.87
CA PHE A 92 2.51 -1.11 0.07
C PHE A 92 2.08 -1.37 -1.36
N VAL A 93 1.93 -0.29 -2.15
CA VAL A 93 1.54 -0.36 -3.54
C VAL A 93 2.27 0.72 -4.30
N GLU A 94 3.31 0.36 -5.07
CA GLU A 94 3.98 1.33 -5.92
C GLU A 94 3.06 1.72 -7.05
N LEU A 95 3.22 2.93 -7.59
CA LEU A 95 2.38 3.43 -8.66
C LEU A 95 3.22 3.97 -9.81
N GLY A 96 2.56 4.57 -10.82
CA GLY A 96 3.24 5.02 -12.02
C GLY A 96 3.46 6.54 -12.07
N SER A 97 2.68 7.33 -11.33
CA SER A 97 2.86 8.78 -11.35
C SER A 97 2.24 9.43 -10.12
N GLU A 98 2.47 10.74 -9.99
CA GLU A 98 1.90 11.57 -8.94
C GLU A 98 0.37 11.54 -9.02
N ASP A 99 -0.18 11.35 -10.21
CA ASP A 99 -1.62 11.34 -10.37
C ASP A 99 -2.22 10.07 -9.75
N ASP A 100 -1.46 8.97 -9.75
CA ASP A 100 -1.92 7.71 -9.19
C ASP A 100 -1.89 7.76 -7.67
N VAL A 101 -0.87 8.41 -7.08
CA VAL A 101 -0.79 8.48 -5.62
C VAL A 101 -1.92 9.36 -5.09
N LYS A 102 -2.26 10.44 -5.80
CA LYS A 102 -3.39 11.27 -5.40
C LYS A 102 -4.68 10.46 -5.46
N MET A 103 -4.90 9.73 -6.56
CA MET A 103 -6.12 8.95 -6.74
C MET A 103 -6.23 7.80 -5.74
N ALA A 104 -5.10 7.28 -5.25
CA ALA A 104 -5.11 6.21 -4.27
C ALA A 104 -5.52 6.73 -2.89
N LEU A 105 -5.21 8.00 -2.59
CA LEU A 105 -5.53 8.62 -1.32
C LEU A 105 -7.00 9.07 -1.28
N LYS A 106 -7.67 9.12 -2.43
CA LYS A 106 -9.10 9.47 -2.49
C LYS A 106 -10.01 8.41 -1.86
N LYS A 107 -9.47 7.25 -1.48
CA LYS A 107 -10.25 6.16 -0.90
C LYS A 107 -9.56 5.61 0.34
N ASP A 108 -8.78 6.48 0.99
CA ASP A 108 -7.96 6.19 2.16
C ASP A 108 -8.62 5.39 3.28
N ARG A 109 -9.94 5.18 3.28
CA ARG A 109 -10.60 4.37 4.30
C ARG A 109 -11.87 3.69 3.78
N GLU A 110 -11.97 3.48 2.45
CA GLU A 110 -13.14 2.83 1.87
C GLU A 110 -13.23 1.35 2.22
N SER A 111 -14.06 0.61 1.49
CA SER A 111 -14.35 -0.80 1.77
C SER A 111 -14.51 -1.61 0.48
N MET A 112 -14.76 -2.92 0.63
CA MET A 112 -14.95 -3.82 -0.50
C MET A 112 -16.35 -4.44 -0.49
N GLY A 113 -17.09 -4.31 0.61
CA GLY A 113 -18.46 -4.80 0.70
C GLY A 113 -18.72 -5.62 1.95
N HIS A 114 -17.67 -6.17 2.56
CA HIS A 114 -17.79 -7.00 3.76
C HIS A 114 -16.63 -6.75 4.74
N ARG A 115 -15.68 -5.89 4.36
CA ARG A 115 -14.56 -5.51 5.19
C ARG A 115 -14.06 -4.15 4.73
N TYR A 116 -13.21 -3.47 5.51
CA TYR A 116 -12.74 -2.14 5.13
C TYR A 116 -11.25 -2.10 4.87
N ILE A 117 -10.83 -1.04 4.19
CA ILE A 117 -9.50 -0.92 3.64
C ILE A 117 -8.93 0.43 4.05
N GLU A 118 -7.62 0.61 3.91
CA GLU A 118 -6.98 1.86 4.25
C GLU A 118 -5.80 2.14 3.33
N VAL A 119 -5.51 3.42 3.11
CA VAL A 119 -4.40 3.86 2.27
C VAL A 119 -3.74 5.08 2.91
N PHE A 120 -2.43 5.22 2.74
CA PHE A 120 -1.68 6.34 3.31
C PHE A 120 -0.54 6.64 2.36
N LYS A 121 0.01 7.86 2.39
CA LYS A 121 1.01 8.26 1.42
C LYS A 121 2.40 7.75 1.82
N SER A 122 3.26 7.52 0.84
CA SER A 122 4.59 6.94 1.08
C SER A 122 5.65 7.58 0.18
N HIS A 123 6.91 7.12 0.31
CA HIS A 123 8.05 7.71 -0.36
C HIS A 123 9.17 6.70 -0.61
N ARG A 124 8.86 5.39 -0.53
CA ARG A 124 9.75 4.27 -0.85
C ARG A 124 10.82 4.02 0.21
N THR A 125 11.31 5.05 0.89
CA THR A 125 12.33 4.85 1.92
C THR A 125 11.79 3.99 3.05
N GLU A 126 10.52 4.22 3.41
CA GLU A 126 9.86 3.42 4.43
C GLU A 126 9.58 2.02 3.89
N MET A 127 9.18 1.94 2.62
CA MET A 127 8.81 0.68 1.99
C MET A 127 10.01 -0.25 1.95
N ASP A 128 11.19 0.27 1.65
CA ASP A 128 12.40 -0.54 1.55
C ASP A 128 12.84 -1.08 2.91
N TRP A 129 12.51 -0.34 3.97
CA TRP A 129 12.92 -0.68 5.32
C TRP A 129 12.07 -1.80 5.93
N VAL A 130 10.77 -1.57 6.12
CA VAL A 130 9.91 -2.50 6.83
C VAL A 130 9.72 -3.81 6.06
N LEU A 131 9.95 -3.80 4.73
CA LEU A 131 9.87 -5.02 3.93
C LEU A 131 10.93 -6.05 4.35
N LYS A 132 11.92 -5.64 5.16
CA LYS A 132 13.02 -6.50 5.57
C LYS A 132 13.41 -6.29 7.04
N HIS A 133 12.60 -5.53 7.80
CA HIS A 133 12.93 -5.22 9.19
C HIS A 133 11.70 -5.22 10.09
N SER A 134 10.56 -5.71 9.60
CA SER A 134 9.34 -5.81 10.41
C SER A 134 9.58 -6.73 11.61
N GLY A 135 8.77 -6.57 12.65
CA GLY A 135 8.89 -7.34 13.87
C GLY A 135 7.80 -6.98 14.88
N PRO A 136 7.84 -7.58 16.07
CA PRO A 136 8.82 -8.58 16.49
C PRO A 136 8.60 -9.91 15.78
N MET A 35 12.75 27.39 0.63
CA MET A 35 12.21 26.48 1.66
C MET A 35 10.70 26.59 1.72
N MET A 36 10.00 25.45 1.80
CA MET A 36 8.55 25.41 1.87
C MET A 36 8.10 24.18 2.65
N LEU A 37 6.88 24.22 3.19
CA LEU A 37 6.32 23.12 3.97
C LEU A 37 4.79 23.10 3.84
N GLY A 38 4.14 22.16 4.51
CA GLY A 38 2.69 22.01 4.47
C GLY A 38 2.21 20.94 5.45
N PRO A 39 0.90 20.65 5.44
CA PRO A 39 0.29 19.66 6.32
C PRO A 39 0.64 18.23 5.91
N GLU A 40 1.37 18.07 4.80
CA GLU A 40 1.79 16.76 4.31
C GLU A 40 3.08 16.88 3.51
N GLY A 41 3.61 15.75 3.05
CA GLY A 41 4.82 15.70 2.25
C GLY A 41 5.04 14.30 1.68
N GLY A 42 6.12 14.12 0.92
CA GLY A 42 6.46 12.84 0.33
C GLY A 42 7.67 12.96 -0.60
N GLU A 43 8.17 11.81 -1.06
CA GLU A 43 9.34 11.75 -1.93
C GLU A 43 9.23 10.62 -2.95
N GLY A 44 8.03 10.03 -3.10
CA GLY A 44 7.83 8.94 -4.04
C GLY A 44 6.35 8.73 -4.37
N PHE A 45 6.11 8.09 -5.51
CA PHE A 45 4.78 7.75 -6.00
C PHE A 45 4.37 6.39 -5.48
N VAL A 46 4.38 6.23 -4.16
CA VAL A 46 4.09 4.97 -3.50
C VAL A 46 3.09 5.21 -2.37
N VAL A 47 2.30 4.19 -2.05
CA VAL A 47 1.34 4.26 -0.95
C VAL A 47 1.34 2.97 -0.15
N LYS A 48 0.62 2.97 0.98
CA LYS A 48 0.48 1.81 1.85
C LYS A 48 -0.96 1.29 1.77
N LEU A 49 -1.17 0.05 2.20
CA LEU A 49 -2.49 -0.57 2.21
C LEU A 49 -2.68 -1.35 3.50
N ARG A 50 -3.87 -1.25 4.09
CA ARG A 50 -4.27 -1.94 5.31
C ARG A 50 -5.76 -2.23 5.22
N GLY A 51 -6.22 -3.33 5.81
CA GLY A 51 -7.63 -3.64 5.85
C GLY A 51 -7.91 -5.12 5.72
N LEU A 52 -9.20 -5.47 5.68
CA LEU A 52 -9.71 -6.83 5.62
C LEU A 52 -9.27 -7.73 6.78
N PRO A 53 -10.05 -8.77 7.08
CA PRO A 53 -9.77 -9.81 8.07
C PRO A 53 -8.36 -10.40 7.96
N TRP A 54 -7.39 -9.75 8.61
CA TRP A 54 -5.99 -10.16 8.70
C TRP A 54 -5.30 -10.51 7.37
N SER A 55 -5.93 -10.35 6.21
CA SER A 55 -5.29 -10.78 4.97
C SER A 55 -5.80 -10.03 3.73
N CYS A 56 -4.99 -10.06 2.67
CA CYS A 56 -5.27 -9.41 1.40
C CYS A 56 -4.39 -10.05 0.31
N SER A 57 -4.61 -9.70 -0.96
CA SER A 57 -3.80 -10.19 -2.07
C SER A 57 -3.60 -9.11 -3.11
N VAL A 58 -2.67 -9.34 -4.04
CA VAL A 58 -2.39 -8.38 -5.10
C VAL A 58 -3.61 -8.23 -6.00
N GLU A 59 -4.50 -9.22 -6.00
CA GLU A 59 -5.68 -9.19 -6.85
C GLU A 59 -6.80 -8.36 -6.20
N ASP A 60 -6.79 -8.23 -4.87
CA ASP A 60 -7.80 -7.45 -4.18
C ASP A 60 -7.42 -5.98 -4.19
N VAL A 61 -6.12 -5.70 -4.01
CA VAL A 61 -5.65 -4.32 -3.97
C VAL A 61 -5.79 -3.66 -5.34
N GLN A 62 -5.60 -4.40 -6.43
CA GLN A 62 -5.80 -3.86 -7.76
C GLN A 62 -7.30 -3.76 -8.08
N ASN A 63 -8.11 -4.60 -7.43
CA ASN A 63 -9.57 -4.53 -7.52
C ASN A 63 -10.11 -3.30 -6.77
N PHE A 64 -9.30 -2.70 -5.91
CA PHE A 64 -9.74 -1.56 -5.09
C PHE A 64 -9.13 -0.24 -5.55
N LEU A 65 -7.96 -0.28 -6.17
CA LEU A 65 -7.34 0.89 -6.77
C LEU A 65 -7.84 1.04 -8.22
N SER A 66 -9.17 0.99 -8.36
CA SER A 66 -9.88 1.02 -9.64
C SER A 66 -9.71 2.33 -10.42
N ASP A 67 -8.81 3.21 -9.97
CA ASP A 67 -8.56 4.49 -10.61
C ASP A 67 -7.07 4.74 -10.75
N CYS A 68 -6.25 3.74 -10.41
CA CYS A 68 -4.82 3.86 -10.27
C CYS A 68 -4.08 2.76 -11.02
N THR A 69 -2.76 2.81 -10.99
CA THR A 69 -1.88 1.84 -11.61
C THR A 69 -0.82 1.46 -10.58
N ILE A 70 -0.33 0.22 -10.67
CA ILE A 70 0.46 -0.41 -9.61
C ILE A 70 1.85 -0.71 -10.14
N HIS A 71 2.38 0.25 -10.91
CA HIS A 71 3.68 0.20 -11.56
C HIS A 71 3.83 -0.96 -12.57
N ASP A 72 2.98 -1.98 -12.46
CA ASP A 72 2.91 -3.11 -13.37
C ASP A 72 1.50 -3.72 -13.31
N GLY A 73 0.92 -3.75 -12.11
CA GLY A 73 -0.44 -4.22 -11.88
C GLY A 73 -0.47 -5.32 -10.82
N ALA A 74 0.53 -6.20 -10.89
CA ALA A 74 0.69 -7.35 -10.01
C ALA A 74 2.16 -7.62 -9.75
N ALA A 75 3.02 -6.66 -10.13
CA ALA A 75 4.47 -6.78 -9.95
C ALA A 75 5.04 -5.55 -9.24
N GLY A 76 4.16 -4.78 -8.60
CA GLY A 76 4.52 -3.62 -7.79
C GLY A 76 3.89 -3.71 -6.40
N VAL A 77 3.23 -4.84 -6.12
CA VAL A 77 2.62 -5.11 -4.82
C VAL A 77 3.71 -5.44 -3.80
N HIS A 78 3.38 -5.32 -2.51
CA HIS A 78 4.23 -5.75 -1.41
C HIS A 78 3.37 -6.12 -0.22
N PHE A 79 3.93 -6.87 0.73
CA PHE A 79 3.25 -7.27 1.94
C PHE A 79 4.27 -7.34 3.08
N ILE A 80 3.79 -7.45 4.33
CA ILE A 80 4.69 -7.40 5.48
C ILE A 80 4.41 -8.58 6.40
N TYR A 81 5.48 -9.15 6.97
CA TYR A 81 5.43 -10.35 7.79
C TYR A 81 6.67 -10.42 8.67
N THR A 82 6.69 -11.38 9.60
CA THR A 82 7.82 -11.61 10.49
C THR A 82 7.94 -13.09 10.82
N ARG A 83 9.02 -13.44 11.52
CA ARG A 83 9.33 -14.81 11.89
C ARG A 83 8.43 -15.35 13.01
N GLU A 84 7.48 -14.55 13.49
CA GLU A 84 6.56 -14.93 14.55
C GLU A 84 5.32 -14.04 14.54
N GLY A 85 4.85 -13.71 13.34
CA GLY A 85 3.75 -12.79 13.14
C GLY A 85 2.52 -13.52 12.60
N ARG A 86 1.97 -12.99 11.50
CA ARG A 86 0.73 -13.48 10.91
C ARG A 86 0.78 -13.48 9.38
N GLN A 87 1.96 -13.27 8.82
CA GLN A 87 2.27 -13.30 7.39
C GLN A 87 1.48 -12.33 6.51
N SER A 88 0.49 -11.61 7.07
CA SER A 88 -0.26 -10.63 6.29
C SER A 88 -1.10 -9.75 7.23
N GLY A 89 -1.52 -8.57 6.73
CA GLY A 89 -2.36 -7.65 7.46
C GLY A 89 -2.03 -6.22 7.04
N GLU A 90 -0.86 -6.05 6.40
CA GLU A 90 -0.34 -4.76 5.99
C GLU A 90 0.43 -4.93 4.68
N ALA A 91 0.56 -3.84 3.92
CA ALA A 91 1.16 -3.90 2.60
C ALA A 91 1.57 -2.52 2.10
N PHE A 92 2.23 -2.51 0.94
CA PHE A 92 2.56 -1.31 0.19
C PHE A 92 2.18 -1.52 -1.27
N VAL A 93 2.07 -0.42 -2.02
CA VAL A 93 1.70 -0.46 -3.42
C VAL A 93 2.48 0.61 -4.17
N GLU A 94 3.44 0.19 -5.00
CA GLU A 94 4.13 1.13 -5.86
C GLU A 94 3.19 1.52 -6.99
N LEU A 95 3.32 2.76 -7.49
CA LEU A 95 2.47 3.26 -8.56
C LEU A 95 3.31 3.80 -9.71
N GLY A 96 2.66 4.44 -10.68
CA GLY A 96 3.32 4.92 -11.87
C GLY A 96 3.62 6.42 -11.86
N SER A 97 2.78 7.22 -11.21
CA SER A 97 2.95 8.67 -11.20
C SER A 97 2.37 9.31 -9.94
N GLU A 98 2.64 10.60 -9.75
CA GLU A 98 2.10 11.38 -8.65
C GLU A 98 0.58 11.39 -8.71
N ASP A 99 0.00 11.30 -9.90
CA ASP A 99 -1.44 11.32 -10.03
C ASP A 99 -2.05 10.06 -9.45
N ASP A 100 -1.31 8.94 -9.43
CA ASP A 100 -1.79 7.69 -8.89
C ASP A 100 -1.73 7.71 -7.37
N VAL A 101 -0.67 8.28 -6.78
CA VAL A 101 -0.58 8.33 -5.32
C VAL A 101 -1.66 9.24 -4.79
N LYS A 102 -1.91 10.38 -5.43
CA LYS A 102 -2.96 11.28 -5.00
C LYS A 102 -4.32 10.59 -5.07
N MET A 103 -4.60 9.90 -6.18
CA MET A 103 -5.89 9.24 -6.36
C MET A 103 -6.06 8.01 -5.47
N ALA A 104 -4.97 7.35 -5.07
CA ALA A 104 -5.04 6.22 -4.16
C ALA A 104 -5.47 6.70 -2.77
N LEU A 105 -5.11 7.93 -2.41
CA LEU A 105 -5.46 8.53 -1.13
C LEU A 105 -6.90 9.03 -1.13
N LYS A 106 -7.51 9.21 -2.32
CA LYS A 106 -8.90 9.63 -2.42
C LYS A 106 -9.88 8.55 -1.97
N LYS A 107 -9.42 7.33 -1.70
CA LYS A 107 -10.30 6.26 -1.22
C LYS A 107 -9.74 5.61 0.03
N ASP A 108 -8.90 6.35 0.73
CA ASP A 108 -8.22 5.99 1.98
C ASP A 108 -9.08 5.37 3.09
N ARG A 109 -10.40 5.21 2.91
CA ARG A 109 -11.24 4.60 3.93
C ARG A 109 -12.46 3.89 3.30
N GLU A 110 -12.48 3.71 1.98
CA GLU A 110 -13.61 3.11 1.29
C GLU A 110 -13.72 1.61 1.55
N SER A 111 -14.51 0.94 0.71
CA SER A 111 -14.79 -0.49 0.82
C SER A 111 -14.84 -1.12 -0.55
N MET A 112 -14.49 -2.41 -0.63
CA MET A 112 -14.55 -3.17 -1.87
C MET A 112 -16.00 -3.53 -2.22
N GLY A 113 -16.92 -3.28 -1.27
CA GLY A 113 -18.34 -3.56 -1.44
C GLY A 113 -18.88 -4.36 -0.27
N HIS A 114 -18.00 -4.93 0.56
CA HIS A 114 -18.40 -5.76 1.69
C HIS A 114 -17.49 -5.57 2.91
N ARG A 115 -16.36 -4.87 2.78
CA ARG A 115 -15.45 -4.67 3.90
C ARG A 115 -14.56 -3.45 3.69
N TYR A 116 -14.25 -2.78 4.81
CA TYR A 116 -13.51 -1.53 4.89
C TYR A 116 -12.02 -1.75 4.58
N ILE A 117 -11.48 -0.78 3.83
CA ILE A 117 -10.10 -0.76 3.35
C ILE A 117 -9.49 0.58 3.72
N GLU A 118 -8.17 0.69 3.65
CA GLU A 118 -7.48 1.91 3.97
C GLU A 118 -6.27 2.11 3.06
N VAL A 119 -5.89 3.38 2.86
CA VAL A 119 -4.75 3.74 2.04
C VAL A 119 -4.01 4.90 2.68
N PHE A 120 -2.69 4.82 2.70
CA PHE A 120 -1.87 5.81 3.41
C PHE A 120 -0.73 6.24 2.51
N LYS A 121 -0.25 7.47 2.69
CA LYS A 121 0.77 8.02 1.82
C LYS A 121 2.14 7.47 2.17
N SER A 122 2.98 7.26 1.15
CA SER A 122 4.31 6.73 1.33
C SER A 122 5.31 7.43 0.40
N HIS A 123 6.58 7.00 0.47
CA HIS A 123 7.67 7.64 -0.25
C HIS A 123 8.75 6.62 -0.63
N ARG A 124 8.44 5.33 -0.48
CA ARG A 124 9.28 4.20 -0.92
C ARG A 124 10.47 3.92 0.01
N THR A 125 11.00 4.95 0.67
CA THR A 125 12.12 4.75 1.60
C THR A 125 11.66 3.92 2.80
N GLU A 126 10.44 4.18 3.28
CA GLU A 126 9.86 3.38 4.36
C GLU A 126 9.56 1.98 3.85
N MET A 127 9.04 1.87 2.62
CA MET A 127 8.67 0.60 2.04
C MET A 127 9.89 -0.31 1.97
N ASP A 128 11.03 0.22 1.51
CA ASP A 128 12.25 -0.55 1.36
C ASP A 128 12.79 -1.03 2.70
N TRP A 129 12.54 -0.26 3.75
CA TRP A 129 13.05 -0.56 5.08
C TRP A 129 12.33 -1.74 5.73
N VAL A 130 11.00 -1.66 5.87
CA VAL A 130 10.24 -2.69 6.57
C VAL A 130 10.16 -3.98 5.75
N LEU A 131 10.26 -3.91 4.42
CA LEU A 131 10.28 -5.10 3.59
C LEU A 131 11.59 -5.87 3.77
N LYS A 132 12.57 -5.30 4.50
CA LYS A 132 13.90 -5.87 4.62
C LYS A 132 14.45 -5.78 6.05
N HIS A 133 13.63 -5.37 7.02
CA HIS A 133 14.08 -5.18 8.39
C HIS A 133 12.95 -5.43 9.41
N SER A 134 11.83 -6.01 8.97
CA SER A 134 10.72 -6.31 9.86
C SER A 134 11.16 -7.23 11.02
N GLY A 135 10.39 -7.20 12.11
CA GLY A 135 10.67 -8.03 13.27
C GLY A 135 9.66 -7.76 14.39
N PRO A 136 9.76 -8.52 15.49
CA PRO A 136 8.92 -8.38 16.67
C PRO A 136 8.78 -6.94 17.13
N MET A 35 11.68 16.48 3.49
CA MET A 35 10.22 16.61 3.33
C MET A 35 9.82 18.08 3.27
N MET A 36 9.42 18.56 2.09
CA MET A 36 9.06 19.95 1.88
C MET A 36 8.11 20.11 0.68
N LEU A 37 7.65 19.00 0.11
CA LEU A 37 6.79 19.02 -1.07
C LEU A 37 5.66 18.00 -0.95
N GLY A 38 5.49 17.40 0.23
CA GLY A 38 4.45 16.42 0.47
C GLY A 38 4.30 16.07 1.95
N PRO A 39 4.18 17.07 2.84
CA PRO A 39 4.04 16.84 4.27
C PRO A 39 2.69 16.19 4.62
N GLU A 40 1.84 15.97 3.62
CA GLU A 40 0.55 15.33 3.82
C GLU A 40 0.71 13.84 4.17
N GLY A 41 1.88 13.25 3.92
CA GLY A 41 2.13 11.86 4.28
C GLY A 41 3.23 11.21 3.46
N GLY A 42 3.66 11.83 2.35
CA GLY A 42 4.68 11.23 1.49
C GLY A 42 5.03 12.12 0.30
N GLU A 43 6.06 11.72 -0.45
CA GLU A 43 6.62 12.52 -1.54
C GLU A 43 6.98 11.65 -2.74
N GLY A 44 6.39 10.46 -2.84
CA GLY A 44 6.66 9.54 -3.93
C GLY A 44 5.36 8.96 -4.49
N PHE A 45 5.47 8.28 -5.63
CA PHE A 45 4.33 7.67 -6.30
C PHE A 45 4.08 6.27 -5.73
N VAL A 46 4.13 6.18 -4.40
CA VAL A 46 3.97 4.94 -3.67
C VAL A 46 2.97 5.18 -2.55
N VAL A 47 2.22 4.15 -2.17
CA VAL A 47 1.24 4.28 -1.10
C VAL A 47 1.23 3.07 -0.18
N LYS A 48 0.71 3.27 1.02
CA LYS A 48 0.52 2.23 2.02
C LYS A 48 -0.88 1.65 1.85
N LEU A 49 -1.09 0.42 2.33
CA LEU A 49 -2.39 -0.24 2.30
C LEU A 49 -2.56 -0.99 3.61
N ARG A 50 -3.65 -0.72 4.34
CA ARG A 50 -3.87 -1.31 5.66
C ARG A 50 -5.30 -1.81 5.79
N GLY A 51 -5.57 -2.68 6.76
CA GLY A 51 -6.92 -3.16 7.02
C GLY A 51 -7.09 -4.62 6.59
N LEU A 52 -8.32 -4.94 6.15
CA LEU A 52 -8.75 -6.23 5.62
C LEU A 52 -8.16 -7.45 6.36
N PRO A 53 -8.90 -8.00 7.34
CA PRO A 53 -8.44 -9.12 8.16
C PRO A 53 -8.37 -10.40 7.31
N TRP A 54 -7.18 -10.94 7.02
CA TRP A 54 -5.88 -10.42 7.44
C TRP A 54 -4.87 -10.49 6.29
N SER A 55 -5.32 -10.93 5.11
CA SER A 55 -4.48 -11.03 3.92
C SER A 55 -5.33 -11.04 2.67
N CYS A 56 -4.69 -10.82 1.51
CA CYS A 56 -5.34 -10.83 0.21
C CYS A 56 -4.30 -11.16 -0.87
N SER A 57 -4.70 -11.08 -2.13
CA SER A 57 -3.80 -11.28 -3.26
C SER A 57 -3.56 -9.95 -3.96
N VAL A 58 -2.51 -9.90 -4.79
CA VAL A 58 -2.14 -8.67 -5.47
C VAL A 58 -3.25 -8.23 -6.43
N GLU A 59 -4.16 -9.14 -6.78
CA GLU A 59 -5.26 -8.85 -7.68
C GLU A 59 -6.39 -8.13 -6.96
N ASP A 60 -6.49 -8.29 -5.64
CA ASP A 60 -7.55 -7.64 -4.88
C ASP A 60 -7.16 -6.21 -4.57
N VAL A 61 -5.88 -5.97 -4.27
CA VAL A 61 -5.41 -4.63 -3.96
C VAL A 61 -5.39 -3.75 -5.21
N GLN A 62 -5.04 -4.31 -6.37
CA GLN A 62 -5.08 -3.53 -7.61
C GLN A 62 -6.51 -3.27 -8.05
N ASN A 63 -7.44 -4.16 -7.66
CA ASN A 63 -8.86 -3.98 -7.95
C ASN A 63 -9.44 -2.83 -7.12
N PHE A 64 -8.88 -2.60 -5.93
CA PHE A 64 -9.42 -1.61 -5.00
C PHE A 64 -8.89 -0.20 -5.31
N LEU A 65 -7.68 -0.09 -5.83
CA LEU A 65 -7.13 1.19 -6.29
C LEU A 65 -7.65 1.47 -7.68
N SER A 66 -8.97 1.70 -7.78
CA SER A 66 -9.63 2.02 -9.03
C SER A 66 -8.91 3.16 -9.76
N ASP A 67 -8.93 3.07 -11.10
CA ASP A 67 -8.31 3.99 -12.03
C ASP A 67 -6.80 4.20 -11.83
N CYS A 68 -6.20 3.64 -10.78
CA CYS A 68 -4.77 3.77 -10.54
C CYS A 68 -3.98 2.86 -11.48
N THR A 69 -2.66 2.96 -11.40
CA THR A 69 -1.75 2.13 -12.17
C THR A 69 -0.58 1.73 -11.29
N ILE A 70 -0.53 0.44 -10.99
CA ILE A 70 0.53 -0.15 -10.19
C ILE A 70 1.78 -0.21 -11.04
N HIS A 71 2.93 -0.02 -10.39
CA HIS A 71 4.23 0.06 -11.04
C HIS A 71 4.53 -1.11 -12.00
N ASP A 72 3.83 -2.25 -11.85
CA ASP A 72 3.97 -3.38 -12.77
C ASP A 72 2.67 -4.15 -12.94
N GLY A 73 1.67 -3.95 -12.06
CA GLY A 73 0.37 -4.59 -12.18
C GLY A 73 0.33 -5.98 -11.56
N ALA A 74 1.45 -6.42 -10.99
CA ALA A 74 1.61 -7.70 -10.32
C ALA A 74 3.03 -7.87 -9.78
N ALA A 75 3.90 -6.86 -9.98
CA ALA A 75 5.28 -6.92 -9.52
C ALA A 75 5.70 -5.63 -8.81
N GLY A 76 4.72 -4.80 -8.48
CA GLY A 76 4.92 -3.55 -7.75
C GLY A 76 4.18 -3.62 -6.41
N VAL A 77 3.51 -4.75 -6.16
CA VAL A 77 2.82 -5.00 -4.91
C VAL A 77 3.84 -5.31 -3.81
N HIS A 78 3.46 -5.14 -2.55
CA HIS A 78 4.27 -5.52 -1.40
C HIS A 78 3.37 -5.85 -0.23
N PHE A 79 3.93 -6.54 0.78
CA PHE A 79 3.21 -6.93 1.98
C PHE A 79 4.19 -6.99 3.15
N ILE A 80 3.66 -7.10 4.38
CA ILE A 80 4.49 -7.19 5.57
C ILE A 80 4.02 -8.36 6.41
N TYR A 81 4.93 -9.25 6.82
CA TYR A 81 4.57 -10.49 7.48
C TYR A 81 5.70 -11.05 8.33
N THR A 82 5.45 -12.19 8.96
CA THR A 82 6.43 -12.91 9.77
C THR A 82 6.32 -14.41 9.54
N ARG A 83 7.29 -15.16 10.08
CA ARG A 83 7.34 -16.61 9.95
C ARG A 83 6.15 -17.28 10.64
N GLU A 84 5.47 -16.57 11.53
CA GLU A 84 4.28 -17.08 12.22
C GLU A 84 3.12 -17.30 11.25
N GLY A 85 3.03 -16.52 10.18
CA GLY A 85 2.06 -16.76 9.11
C GLY A 85 0.73 -16.02 9.31
N ARG A 86 0.77 -14.76 9.72
CA ARG A 86 -0.45 -13.98 9.99
C ARG A 86 -0.26 -12.50 9.67
N GLN A 87 0.66 -12.21 8.73
CA GLN A 87 1.02 -10.85 8.34
C GLN A 87 1.45 -10.01 9.55
N SER A 88 1.63 -8.71 9.37
CA SER A 88 2.02 -7.81 10.45
C SER A 88 1.00 -6.69 10.65
N GLY A 89 0.06 -6.54 9.70
CA GLY A 89 -1.05 -5.61 9.86
C GLY A 89 -1.34 -4.81 8.58
N GLU A 90 -0.33 -4.65 7.71
CA GLU A 90 -0.51 -3.84 6.51
C GLU A 90 0.49 -4.19 5.41
N ALA A 91 0.48 -3.38 4.35
CA ALA A 91 1.20 -3.60 3.11
C ALA A 91 1.49 -2.29 2.40
N PHE A 92 2.09 -2.36 1.20
CA PHE A 92 2.34 -1.20 0.36
C PHE A 92 2.05 -1.52 -1.11
N VAL A 93 2.00 -0.48 -1.95
CA VAL A 93 1.80 -0.63 -3.38
C VAL A 93 2.56 0.48 -4.11
N GLU A 94 3.43 0.11 -5.05
CA GLU A 94 4.12 1.07 -5.89
C GLU A 94 3.23 1.43 -7.07
N LEU A 95 3.35 2.65 -7.59
CA LEU A 95 2.54 3.08 -8.73
C LEU A 95 3.41 3.65 -9.84
N GLY A 96 2.77 4.19 -10.88
CA GLY A 96 3.46 4.67 -12.06
C GLY A 96 3.68 6.18 -12.07
N SER A 97 2.76 6.96 -11.52
CA SER A 97 2.86 8.42 -11.56
C SER A 97 2.17 9.07 -10.36
N GLU A 98 2.37 10.39 -10.21
CA GLU A 98 1.73 11.17 -9.16
C GLU A 98 0.22 11.10 -9.27
N ASP A 99 -0.31 10.93 -10.49
CA ASP A 99 -1.74 10.88 -10.67
C ASP A 99 -2.32 9.60 -10.06
N ASP A 100 -1.52 8.54 -9.97
CA ASP A 100 -1.97 7.28 -9.41
C ASP A 100 -1.94 7.31 -7.89
N VAL A 101 -0.96 7.99 -7.29
CA VAL A 101 -0.91 8.09 -5.84
C VAL A 101 -2.06 8.96 -5.35
N LYS A 102 -2.39 10.03 -6.07
CA LYS A 102 -3.53 10.86 -5.72
C LYS A 102 -4.81 10.04 -5.77
N MET A 103 -5.01 9.26 -6.84
CA MET A 103 -6.21 8.47 -7.01
C MET A 103 -6.30 7.34 -5.98
N ALA A 104 -5.17 6.84 -5.47
CA ALA A 104 -5.18 5.81 -4.45
C ALA A 104 -5.65 6.38 -3.11
N LEU A 105 -5.40 7.67 -2.88
CA LEU A 105 -5.81 8.35 -1.65
C LEU A 105 -7.28 8.75 -1.68
N LYS A 106 -7.91 8.68 -2.86
CA LYS A 106 -9.35 8.97 -2.99
C LYS A 106 -10.24 7.89 -2.37
N LYS A 107 -9.67 6.79 -1.89
CA LYS A 107 -10.43 5.72 -1.25
C LYS A 107 -9.76 5.29 0.05
N ASP A 108 -9.02 6.24 0.62
CA ASP A 108 -8.22 6.08 1.83
C ASP A 108 -8.90 5.41 3.03
N ARG A 109 -10.23 5.19 3.03
CA ARG A 109 -10.88 4.46 4.10
C ARG A 109 -12.15 3.75 3.62
N GLU A 110 -12.21 3.37 2.34
CA GLU A 110 -13.34 2.61 1.81
C GLU A 110 -13.44 1.24 2.47
N SER A 111 -14.26 0.35 1.88
CA SER A 111 -14.65 -0.88 2.54
C SER A 111 -14.68 -2.11 1.64
N MET A 112 -14.24 -1.99 0.38
CA MET A 112 -14.39 -3.05 -0.63
C MET A 112 -15.85 -3.55 -0.74
N GLY A 113 -16.78 -2.94 0.00
CA GLY A 113 -18.19 -3.26 -0.05
C GLY A 113 -18.69 -3.97 1.21
N HIS A 114 -17.79 -4.51 2.05
CA HIS A 114 -18.20 -5.32 3.20
C HIS A 114 -17.24 -5.23 4.41
N ARG A 115 -16.22 -4.36 4.37
CA ARG A 115 -15.25 -4.29 5.46
C ARG A 115 -14.79 -2.86 5.71
N TYR A 116 -13.48 -2.64 5.76
CA TYR A 116 -12.84 -1.38 6.13
C TYR A 116 -11.39 -1.50 5.68
N ILE A 117 -10.97 -0.58 4.82
CA ILE A 117 -9.67 -0.58 4.20
C ILE A 117 -9.00 0.74 4.52
N GLU A 118 -7.72 0.88 4.23
CA GLU A 118 -7.01 2.13 4.44
C GLU A 118 -5.93 2.30 3.39
N VAL A 119 -5.69 3.56 2.98
CA VAL A 119 -4.67 3.89 2.01
C VAL A 119 -4.05 5.23 2.40
N PHE A 120 -2.73 5.27 2.54
CA PHE A 120 -2.04 6.46 2.99
C PHE A 120 -0.84 6.71 2.10
N LYS A 121 -0.41 7.97 1.98
CA LYS A 121 0.65 8.32 1.06
C LYS A 121 1.99 7.80 1.57
N SER A 122 2.94 7.58 0.66
CA SER A 122 4.25 7.07 1.03
C SER A 122 5.34 7.72 0.19
N HIS A 123 6.59 7.30 0.41
CA HIS A 123 7.76 7.88 -0.23
C HIS A 123 8.82 6.81 -0.51
N ARG A 124 8.46 5.53 -0.32
CA ARG A 124 9.25 4.37 -0.69
C ARG A 124 10.41 4.10 0.27
N THR A 125 10.90 5.11 0.99
CA THR A 125 11.95 4.89 1.96
C THR A 125 11.40 4.13 3.16
N GLU A 126 10.18 4.47 3.59
CA GLU A 126 9.51 3.73 4.65
C GLU A 126 9.18 2.34 4.18
N MET A 127 8.80 2.19 2.91
CA MET A 127 8.45 0.90 2.37
C MET A 127 9.64 -0.04 2.54
N ASP A 128 10.83 0.42 2.15
CA ASP A 128 12.05 -0.38 2.23
C ASP A 128 12.46 -0.63 3.68
N TRP A 129 12.13 0.33 4.56
CA TRP A 129 12.50 0.28 5.96
C TRP A 129 11.77 -0.83 6.72
N VAL A 130 10.65 -1.34 6.20
CA VAL A 130 9.90 -2.40 6.87
C VAL A 130 9.79 -3.65 6.00
N LEU A 131 9.99 -3.54 4.69
CA LEU A 131 10.03 -4.70 3.82
C LEU A 131 11.27 -5.57 4.09
N LYS A 132 12.19 -5.08 4.94
CA LYS A 132 13.42 -5.77 5.27
C LYS A 132 13.61 -5.90 6.79
N HIS A 133 12.60 -5.52 7.57
CA HIS A 133 12.65 -5.57 9.03
C HIS A 133 11.29 -5.98 9.60
N SER A 134 10.46 -6.62 8.76
CA SER A 134 9.12 -7.06 9.12
C SER A 134 9.11 -8.07 10.26
N GLY A 135 10.27 -8.61 10.59
CA GLY A 135 10.42 -9.57 11.67
C GLY A 135 11.90 -9.93 11.89
N PRO A 136 12.16 -10.82 12.86
CA PRO A 136 13.48 -11.33 13.18
C PRO A 136 14.29 -11.74 11.95
N MET A 35 7.96 15.41 9.45
CA MET A 35 7.65 16.64 8.69
C MET A 35 6.75 16.31 7.49
N MET A 36 7.33 15.74 6.42
CA MET A 36 6.58 15.36 5.22
C MET A 36 7.25 14.17 4.52
N LEU A 37 8.08 13.43 5.26
CA LEU A 37 8.84 12.31 4.73
C LEU A 37 8.82 11.15 5.74
N GLY A 38 7.64 10.95 6.34
CA GLY A 38 7.43 9.96 7.39
C GLY A 38 5.94 9.80 7.67
N PRO A 39 5.59 9.34 8.88
CA PRO A 39 4.21 9.20 9.38
C PRO A 39 3.33 10.46 9.30
N GLU A 40 3.73 11.48 8.54
CA GLU A 40 3.02 12.75 8.46
C GLU A 40 2.85 13.22 7.02
N GLY A 41 3.36 12.48 6.03
CA GLY A 41 3.26 12.88 4.64
C GLY A 41 4.11 12.01 3.71
N GLY A 42 4.21 12.41 2.45
CA GLY A 42 5.00 11.69 1.46
C GLY A 42 5.25 12.56 0.23
N GLU A 43 6.15 12.11 -0.64
CA GLU A 43 6.59 12.87 -1.81
C GLU A 43 6.87 11.95 -3.00
N GLY A 44 6.33 10.72 -2.98
CA GLY A 44 6.57 9.75 -4.03
C GLY A 44 5.25 9.19 -4.56
N PHE A 45 5.34 8.47 -5.68
CA PHE A 45 4.19 7.85 -6.33
C PHE A 45 3.96 6.46 -5.73
N VAL A 46 4.02 6.39 -4.40
CA VAL A 46 3.87 5.17 -3.65
C VAL A 46 2.90 5.44 -2.52
N VAL A 47 2.15 4.41 -2.09
CA VAL A 47 1.21 4.55 -1.00
C VAL A 47 1.24 3.34 -0.08
N LYS A 48 0.78 3.53 1.14
CA LYS A 48 0.66 2.48 2.13
C LYS A 48 -0.75 1.88 2.01
N LEU A 49 -0.92 0.63 2.45
CA LEU A 49 -2.21 -0.02 2.43
C LEU A 49 -2.38 -0.86 3.70
N ARG A 50 -3.61 -0.91 4.22
CA ARG A 50 -3.92 -1.67 5.44
C ARG A 50 -5.35 -2.17 5.37
N GLY A 51 -5.69 -3.16 6.19
CA GLY A 51 -7.07 -3.61 6.31
C GLY A 51 -7.25 -5.05 5.85
N LEU A 52 -8.51 -5.45 5.64
CA LEU A 52 -8.89 -6.80 5.25
C LEU A 52 -8.50 -7.84 6.30
N PRO A 53 -8.90 -9.11 6.16
CA PRO A 53 -8.50 -10.20 7.04
C PRO A 53 -7.00 -10.24 7.33
N TRP A 54 -6.59 -11.14 8.22
CA TRP A 54 -5.20 -11.25 8.65
C TRP A 54 -4.23 -11.53 7.48
N SER A 55 -4.75 -11.68 6.26
CA SER A 55 -3.97 -11.89 5.05
C SER A 55 -4.68 -11.27 3.85
N CYS A 56 -3.96 -11.13 2.73
CA CYS A 56 -4.50 -10.48 1.53
C CYS A 56 -3.73 -10.94 0.28
N SER A 57 -4.15 -10.49 -0.90
CA SER A 57 -3.52 -10.84 -2.17
C SER A 57 -3.49 -9.63 -3.11
N VAL A 58 -2.59 -9.68 -4.09
CA VAL A 58 -2.32 -8.57 -4.99
C VAL A 58 -3.49 -8.27 -5.94
N GLU A 59 -4.40 -9.22 -6.13
CA GLU A 59 -5.53 -9.02 -7.03
C GLU A 59 -6.64 -8.22 -6.37
N ASP A 60 -6.74 -8.27 -5.03
CA ASP A 60 -7.77 -7.54 -4.33
C ASP A 60 -7.33 -6.08 -4.16
N VAL A 61 -6.05 -5.85 -3.89
CA VAL A 61 -5.52 -4.52 -3.70
C VAL A 61 -5.55 -3.71 -5.00
N GLN A 62 -5.38 -4.35 -6.17
CA GLN A 62 -5.46 -3.64 -7.43
C GLN A 62 -6.92 -3.43 -7.84
N ASN A 63 -7.82 -4.31 -7.39
CA ASN A 63 -9.25 -4.14 -7.65
C ASN A 63 -9.81 -2.94 -6.88
N PHE A 64 -9.16 -2.57 -5.77
CA PHE A 64 -9.62 -1.50 -4.90
C PHE A 64 -9.07 -0.14 -5.34
N LEU A 65 -7.87 -0.12 -5.91
CA LEU A 65 -7.29 1.11 -6.46
C LEU A 65 -7.67 1.21 -7.94
N SER A 66 -8.97 1.30 -8.21
CA SER A 66 -9.48 1.45 -9.56
C SER A 66 -8.84 2.66 -10.23
N ASP A 67 -8.74 2.59 -11.56
CA ASP A 67 -8.10 3.58 -12.43
C ASP A 67 -6.62 3.83 -12.12
N CYS A 68 -6.07 3.25 -11.05
CA CYS A 68 -4.66 3.40 -10.71
C CYS A 68 -3.82 2.38 -11.47
N THR A 69 -2.52 2.37 -11.17
CA THR A 69 -1.56 1.43 -11.73
C THR A 69 -0.66 0.99 -10.58
N ILE A 70 -0.12 -0.23 -10.64
CA ILE A 70 0.63 -0.81 -9.54
C ILE A 70 2.09 -0.97 -9.96
N HIS A 71 2.62 0.05 -10.64
CA HIS A 71 3.98 0.15 -11.16
C HIS A 71 4.32 -0.91 -12.22
N ASP A 72 3.91 -2.17 -12.00
CA ASP A 72 4.02 -3.25 -12.98
C ASP A 72 2.87 -4.26 -12.79
N GLY A 73 2.00 -4.05 -11.79
CA GLY A 73 0.93 -4.98 -11.48
C GLY A 73 1.34 -5.86 -10.31
N ALA A 74 1.21 -7.17 -10.49
CA ALA A 74 1.65 -8.17 -9.52
C ALA A 74 3.17 -8.13 -9.29
N ALA A 75 3.85 -7.15 -9.90
CA ALA A 75 5.29 -6.97 -9.78
C ALA A 75 5.63 -5.62 -9.12
N GLY A 76 4.64 -5.01 -8.47
CA GLY A 76 4.82 -3.77 -7.72
C GLY A 76 4.05 -3.78 -6.41
N VAL A 77 3.39 -4.89 -6.09
CA VAL A 77 2.69 -5.05 -4.82
C VAL A 77 3.71 -5.29 -3.71
N HIS A 78 3.30 -5.12 -2.44
CA HIS A 78 4.13 -5.43 -1.29
C HIS A 78 3.26 -5.84 -0.10
N PHE A 79 3.83 -6.66 0.79
CA PHE A 79 3.17 -7.11 2.01
C PHE A 79 4.24 -7.40 3.07
N ILE A 80 3.85 -7.44 4.34
CA ILE A 80 4.78 -7.69 5.43
C ILE A 80 4.12 -8.66 6.42
N TYR A 81 4.77 -9.80 6.64
CA TYR A 81 4.21 -10.90 7.42
C TYR A 81 5.34 -11.73 8.06
N THR A 82 4.97 -12.81 8.76
CA THR A 82 5.91 -13.71 9.40
C THR A 82 5.47 -15.16 9.23
N ARG A 83 6.34 -16.09 9.67
CA ARG A 83 6.08 -17.52 9.59
C ARG A 83 4.83 -17.91 10.37
N GLU A 84 4.41 -17.06 11.32
CA GLU A 84 3.16 -17.23 12.06
C GLU A 84 1.93 -17.30 11.13
N GLY A 85 2.03 -16.79 9.90
CA GLY A 85 0.97 -16.95 8.91
C GLY A 85 0.01 -15.77 8.78
N ARG A 86 0.41 -14.58 9.24
CA ARG A 86 -0.44 -13.38 9.22
C ARG A 86 0.42 -12.16 8.98
N GLN A 87 -0.22 -11.03 8.63
CA GLN A 87 0.50 -9.79 8.44
C GLN A 87 1.13 -9.33 9.76
N SER A 88 2.17 -8.51 9.68
CA SER A 88 2.88 -7.99 10.84
C SER A 88 3.33 -6.55 10.62
N GLY A 89 2.91 -5.96 9.50
CA GLY A 89 3.26 -4.59 9.13
C GLY A 89 2.37 -4.08 8.01
N GLU A 90 1.19 -4.69 7.86
CA GLU A 90 0.27 -4.38 6.77
C GLU A 90 0.99 -4.42 5.42
N ALA A 91 0.73 -3.46 4.51
CA ALA A 91 1.25 -3.54 3.16
C ALA A 91 1.48 -2.16 2.52
N PHE A 92 1.89 -2.18 1.24
CA PHE A 92 2.10 -0.99 0.42
C PHE A 92 1.73 -1.31 -1.02
N VAL A 93 1.65 -0.27 -1.85
CA VAL A 93 1.35 -0.41 -3.27
C VAL A 93 2.14 0.65 -4.04
N GLU A 94 3.16 0.24 -4.79
CA GLU A 94 3.88 1.16 -5.65
C GLU A 94 2.97 1.53 -6.82
N LEU A 95 3.17 2.72 -7.40
CA LEU A 95 2.37 3.17 -8.53
C LEU A 95 3.27 3.69 -9.64
N GLY A 96 2.66 4.31 -10.67
CA GLY A 96 3.40 4.74 -11.84
C GLY A 96 3.50 6.25 -11.99
N SER A 97 2.55 7.02 -11.44
CA SER A 97 2.56 8.46 -11.58
C SER A 97 1.92 9.15 -10.39
N GLU A 98 2.09 10.47 -10.29
CA GLU A 98 1.48 11.29 -9.25
C GLU A 98 -0.04 11.19 -9.31
N ASP A 99 -0.60 10.97 -10.50
CA ASP A 99 -2.05 10.89 -10.62
C ASP A 99 -2.57 9.61 -9.97
N ASP A 100 -1.73 8.57 -9.88
CA ASP A 100 -2.14 7.31 -9.27
C ASP A 100 -2.11 7.43 -7.75
N VAL A 101 -1.13 8.14 -7.19
CA VAL A 101 -1.06 8.30 -5.73
C VAL A 101 -2.21 9.18 -5.27
N LYS A 102 -2.54 10.21 -6.05
CA LYS A 102 -3.69 11.05 -5.75
C LYS A 102 -4.97 10.21 -5.73
N MET A 103 -5.17 9.39 -6.77
CA MET A 103 -6.36 8.56 -6.88
C MET A 103 -6.40 7.48 -5.79
N ALA A 104 -5.25 7.01 -5.32
CA ALA A 104 -5.21 6.00 -4.28
C ALA A 104 -5.63 6.57 -2.92
N LEU A 105 -5.40 7.87 -2.70
CA LEU A 105 -5.76 8.53 -1.45
C LEU A 105 -7.25 8.88 -1.40
N LYS A 106 -7.93 8.85 -2.55
CA LYS A 106 -9.37 9.09 -2.62
C LYS A 106 -10.21 8.01 -1.92
N LYS A 107 -9.59 6.92 -1.46
CA LYS A 107 -10.29 5.82 -0.80
C LYS A 107 -9.57 5.42 0.48
N ASP A 108 -8.83 6.38 1.03
CA ASP A 108 -7.99 6.22 2.21
C ASP A 108 -8.57 5.47 3.42
N ARG A 109 -9.88 5.32 3.55
CA ARG A 109 -10.46 4.53 4.64
C ARG A 109 -11.80 3.88 4.24
N GLU A 110 -12.19 3.99 2.97
CA GLU A 110 -13.47 3.44 2.52
C GLU A 110 -13.35 1.94 2.27
N SER A 111 -14.36 1.37 1.61
CA SER A 111 -14.48 -0.08 1.48
C SER A 111 -14.69 -0.50 0.03
N MET A 112 -14.33 -1.76 -0.28
CA MET A 112 -14.54 -2.33 -1.61
C MET A 112 -16.04 -2.50 -1.89
N GLY A 113 -16.85 -2.49 -0.83
CA GLY A 113 -18.28 -2.73 -0.92
C GLY A 113 -18.73 -3.75 0.12
N HIS A 114 -17.77 -4.39 0.80
CA HIS A 114 -18.07 -5.40 1.80
C HIS A 114 -17.04 -5.44 2.93
N ARG A 115 -15.90 -4.75 2.79
CA ARG A 115 -14.90 -4.71 3.86
C ARG A 115 -14.07 -3.42 3.80
N TYR A 116 -13.69 -2.96 4.99
CA TYR A 116 -12.94 -1.73 5.25
C TYR A 116 -11.48 -1.88 4.82
N ILE A 117 -11.00 -0.87 4.08
CA ILE A 117 -9.64 -0.80 3.60
C ILE A 117 -9.03 0.51 4.08
N GLU A 118 -7.72 0.66 3.91
CA GLU A 118 -7.03 1.87 4.31
C GLU A 118 -5.90 2.19 3.34
N VAL A 119 -5.61 3.49 3.17
CA VAL A 119 -4.55 3.97 2.31
C VAL A 119 -3.96 5.25 2.91
N PHE A 120 -2.70 5.53 2.61
CA PHE A 120 -2.02 6.71 3.10
C PHE A 120 -0.82 7.00 2.20
N LYS A 121 -0.41 8.26 2.10
CA LYS A 121 0.63 8.66 1.17
C LYS A 121 1.99 8.16 1.65
N SER A 122 2.90 7.89 0.71
CA SER A 122 4.21 7.36 1.04
C SER A 122 5.30 8.00 0.17
N HIS A 123 6.54 7.56 0.37
CA HIS A 123 7.72 8.10 -0.28
C HIS A 123 8.75 7.02 -0.55
N ARG A 124 8.38 5.75 -0.34
CA ARG A 124 9.15 4.57 -0.70
C ARG A 124 10.30 4.27 0.26
N THR A 125 10.83 5.29 0.96
CA THR A 125 11.90 5.05 1.92
C THR A 125 11.36 4.28 3.12
N GLU A 126 10.14 4.62 3.56
CA GLU A 126 9.49 3.90 4.64
C GLU A 126 9.14 2.50 4.17
N MET A 127 8.67 2.39 2.93
CA MET A 127 8.26 1.12 2.37
C MET A 127 9.44 0.15 2.36
N ASP A 128 10.61 0.61 1.91
CA ASP A 128 11.79 -0.23 1.80
C ASP A 128 12.27 -0.72 3.15
N TRP A 129 12.07 0.09 4.19
CA TRP A 129 12.54 -0.21 5.53
C TRP A 129 11.77 -1.37 6.16
N VAL A 130 10.44 -1.31 6.14
CA VAL A 130 9.61 -2.34 6.77
C VAL A 130 9.48 -3.58 5.89
N LEU A 131 9.77 -3.46 4.59
CA LEU A 131 9.79 -4.61 3.70
C LEU A 131 11.05 -5.46 3.96
N LYS A 132 11.93 -5.02 4.85
CA LYS A 132 13.18 -5.70 5.16
C LYS A 132 13.47 -5.74 6.66
N HIS A 133 12.54 -5.23 7.48
CA HIS A 133 12.69 -5.20 8.93
C HIS A 133 11.32 -5.09 9.58
N SER A 134 11.24 -5.36 10.89
CA SER A 134 9.98 -5.28 11.62
C SER A 134 10.22 -5.04 13.10
N GLY A 135 9.18 -4.60 13.80
CA GLY A 135 9.25 -4.31 15.23
C GLY A 135 7.93 -3.72 15.75
N PRO A 136 7.89 -3.39 17.04
CA PRO A 136 6.75 -2.77 17.70
C PRO A 136 6.18 -1.59 16.91
N MET A 35 4.80 12.66 15.71
CA MET A 35 5.08 11.24 15.46
C MET A 35 6.57 11.02 15.26
N MET A 36 7.05 9.82 15.62
CA MET A 36 8.46 9.45 15.49
C MET A 36 8.60 7.95 15.19
N LEU A 37 7.47 7.27 14.96
CA LEU A 37 7.45 5.84 14.70
C LEU A 37 8.14 5.48 13.38
N GLY A 38 8.38 6.48 12.51
CA GLY A 38 9.03 6.25 11.23
C GLY A 38 9.19 7.55 10.44
N PRO A 39 9.79 7.45 9.24
CA PRO A 39 10.03 8.56 8.34
C PRO A 39 8.72 9.02 7.68
N GLU A 40 8.82 10.02 6.80
CA GLU A 40 7.67 10.55 6.08
C GLU A 40 8.10 11.07 4.70
N GLY A 41 7.17 11.12 3.76
CA GLY A 41 7.44 11.57 2.40
C GLY A 41 6.19 11.45 1.53
N GLY A 42 6.32 11.80 0.25
CA GLY A 42 5.19 11.80 -0.67
C GLY A 42 5.62 12.14 -2.09
N GLU A 43 6.79 11.63 -2.53
CA GLU A 43 7.36 11.99 -3.82
C GLU A 43 7.85 10.75 -4.57
N GLY A 44 7.35 9.57 -4.23
CA GLY A 44 7.75 8.32 -4.84
C GLY A 44 6.65 7.68 -5.69
N PHE A 45 5.45 8.26 -5.68
CA PHE A 45 4.26 7.72 -6.33
C PHE A 45 4.00 6.30 -5.80
N VAL A 46 4.05 6.17 -4.47
CA VAL A 46 3.80 4.92 -3.77
C VAL A 46 2.78 5.22 -2.67
N VAL A 47 2.03 4.20 -2.26
CA VAL A 47 1.08 4.34 -1.17
C VAL A 47 1.10 3.11 -0.27
N LYS A 48 0.69 3.33 0.99
CA LYS A 48 0.56 2.28 1.98
C LYS A 48 -0.84 1.68 1.88
N LEU A 49 -1.02 0.49 2.43
CA LEU A 49 -2.31 -0.17 2.52
C LEU A 49 -2.38 -0.82 3.90
N ARG A 50 -3.57 -0.82 4.52
CA ARG A 50 -3.75 -1.46 5.83
C ARG A 50 -5.14 -2.07 5.89
N GLY A 51 -5.33 -3.02 6.82
CA GLY A 51 -6.61 -3.67 6.99
C GLY A 51 -6.66 -5.02 6.32
N LEU A 52 -7.88 -5.48 6.03
CA LEU A 52 -8.20 -6.71 5.30
C LEU A 52 -8.29 -7.93 6.24
N PRO A 53 -8.95 -9.00 5.80
CA PRO A 53 -9.08 -10.32 6.44
C PRO A 53 -7.76 -11.04 6.78
N TRP A 54 -6.74 -10.34 7.28
CA TRP A 54 -5.45 -10.91 7.64
C TRP A 54 -4.72 -11.55 6.46
N SER A 55 -5.21 -11.35 5.24
CA SER A 55 -4.60 -11.88 4.03
C SER A 55 -5.08 -11.08 2.82
N CYS A 56 -4.32 -11.14 1.72
CA CYS A 56 -4.64 -10.41 0.50
C CYS A 56 -3.82 -10.96 -0.68
N SER A 57 -4.10 -10.46 -1.88
CA SER A 57 -3.37 -10.80 -3.10
C SER A 57 -3.26 -9.56 -3.97
N VAL A 58 -2.29 -9.55 -4.90
CA VAL A 58 -2.00 -8.35 -5.69
C VAL A 58 -3.17 -7.96 -6.59
N GLU A 59 -4.07 -8.89 -6.92
CA GLU A 59 -5.19 -8.60 -7.78
C GLU A 59 -6.33 -7.93 -7.04
N ASP A 60 -6.44 -8.15 -5.72
CA ASP A 60 -7.50 -7.55 -4.93
C ASP A 60 -7.14 -6.12 -4.55
N VAL A 61 -5.86 -5.85 -4.33
CA VAL A 61 -5.43 -4.51 -3.97
C VAL A 61 -5.51 -3.57 -5.18
N GLN A 62 -5.17 -4.05 -6.38
CA GLN A 62 -5.31 -3.22 -7.56
C GLN A 62 -6.78 -3.12 -7.99
N ASN A 63 -7.62 -4.06 -7.56
CA ASN A 63 -9.06 -4.00 -7.79
C ASN A 63 -9.68 -2.87 -6.98
N PHE A 64 -9.10 -2.56 -5.82
CA PHE A 64 -9.61 -1.52 -4.94
C PHE A 64 -9.06 -0.14 -5.34
N LEU A 65 -7.96 -0.12 -6.08
CA LEU A 65 -7.34 1.10 -6.60
C LEU A 65 -7.74 1.27 -8.07
N SER A 66 -9.04 1.41 -8.31
CA SER A 66 -9.57 1.62 -9.64
C SER A 66 -8.88 2.82 -10.31
N ASP A 67 -8.72 2.71 -11.63
CA ASP A 67 -8.07 3.69 -12.50
C ASP A 67 -6.60 3.98 -12.15
N CYS A 68 -6.08 3.42 -11.05
CA CYS A 68 -4.67 3.58 -10.70
C CYS A 68 -3.80 2.65 -11.56
N THR A 69 -2.50 2.66 -11.28
CA THR A 69 -1.52 1.81 -11.94
C THR A 69 -0.62 1.24 -10.84
N ILE A 70 0.00 0.09 -11.09
CA ILE A 70 0.72 -0.68 -10.07
C ILE A 70 2.21 -0.71 -10.41
N HIS A 71 2.68 0.34 -11.08
CA HIS A 71 4.04 0.45 -11.58
C HIS A 71 4.45 -0.66 -12.57
N ASP A 72 3.71 -1.78 -12.59
CA ASP A 72 3.92 -2.90 -13.48
C ASP A 72 2.62 -3.67 -13.71
N GLY A 73 1.70 -3.66 -12.73
CA GLY A 73 0.40 -4.30 -12.84
C GLY A 73 0.27 -5.55 -11.98
N ALA A 74 1.37 -5.96 -11.38
CA ALA A 74 1.48 -7.14 -10.53
C ALA A 74 2.89 -7.28 -9.96
N ALA A 75 3.76 -6.29 -10.21
CA ALA A 75 5.15 -6.35 -9.79
C ALA A 75 5.56 -5.10 -9.01
N GLY A 76 4.58 -4.35 -8.51
CA GLY A 76 4.81 -3.17 -7.67
C GLY A 76 4.10 -3.36 -6.32
N VAL A 77 3.47 -4.52 -6.13
CA VAL A 77 2.80 -4.87 -4.90
C VAL A 77 3.81 -5.23 -3.82
N HIS A 78 3.40 -5.11 -2.55
CA HIS A 78 4.17 -5.57 -1.40
C HIS A 78 3.21 -5.88 -0.25
N PHE A 79 3.70 -6.64 0.73
CA PHE A 79 2.92 -7.01 1.91
C PHE A 79 3.86 -7.14 3.11
N ILE A 80 3.30 -7.18 4.32
CA ILE A 80 4.10 -7.25 5.54
C ILE A 80 3.52 -8.32 6.46
N TYR A 81 4.38 -9.22 6.94
CA TYR A 81 3.98 -10.38 7.75
C TYR A 81 5.13 -10.82 8.64
N THR A 82 4.91 -11.85 9.46
CA THR A 82 5.93 -12.37 10.36
C THR A 82 5.90 -13.89 10.40
N ARG A 83 6.88 -14.46 11.10
CA ARG A 83 7.01 -15.90 11.28
C ARG A 83 5.80 -16.47 12.03
N GLU A 84 5.05 -15.62 12.72
CA GLU A 84 3.82 -16.01 13.41
C GLU A 84 2.83 -16.70 12.47
N GLY A 85 2.65 -16.18 11.25
CA GLY A 85 1.84 -16.87 10.25
C GLY A 85 0.81 -16.01 9.51
N ARG A 86 0.73 -14.70 9.77
CA ARG A 86 -0.28 -13.85 9.16
C ARG A 86 0.29 -12.46 8.93
N GLN A 87 -0.43 -11.65 8.16
CA GLN A 87 0.01 -10.29 7.86
C GLN A 87 0.07 -9.46 9.14
N SER A 88 1.01 -8.53 9.22
CA SER A 88 1.17 -7.68 10.38
C SER A 88 0.03 -6.66 10.48
N GLY A 89 -0.66 -6.43 9.36
CA GLY A 89 -1.80 -5.52 9.30
C GLY A 89 -1.58 -4.44 8.24
N GLU A 90 -0.45 -4.48 7.53
CA GLU A 90 -0.10 -3.43 6.59
C GLU A 90 0.59 -4.00 5.34
N ALA A 91 0.70 -3.14 4.32
CA ALA A 91 1.27 -3.47 3.03
C ALA A 91 1.57 -2.17 2.26
N PHE A 92 2.09 -2.30 1.03
CA PHE A 92 2.38 -1.15 0.18
C PHE A 92 2.03 -1.46 -1.27
N VAL A 93 1.92 -0.40 -2.08
CA VAL A 93 1.66 -0.50 -3.51
C VAL A 93 2.38 0.63 -4.23
N GLU A 94 3.35 0.29 -5.08
CA GLU A 94 4.02 1.28 -5.92
C GLU A 94 3.10 1.63 -7.08
N LEU A 95 3.16 2.87 -7.58
CA LEU A 95 2.33 3.28 -8.69
C LEU A 95 3.17 3.87 -9.83
N GLY A 96 2.50 4.41 -10.85
CA GLY A 96 3.17 4.88 -12.05
C GLY A 96 3.32 6.39 -12.13
N SER A 97 2.47 7.16 -11.43
CA SER A 97 2.58 8.61 -11.47
C SER A 97 1.92 9.26 -10.26
N GLU A 98 2.09 10.57 -10.14
CA GLU A 98 1.45 11.39 -9.12
C GLU A 98 -0.07 11.28 -9.22
N ASP A 99 -0.59 11.06 -10.42
CA ASP A 99 -2.02 10.97 -10.61
C ASP A 99 -2.57 9.70 -9.96
N ASP A 100 -1.76 8.63 -9.91
CA ASP A 100 -2.18 7.38 -9.32
C ASP A 100 -2.17 7.46 -7.80
N VAL A 101 -1.18 8.16 -7.22
CA VAL A 101 -1.12 8.28 -5.77
C VAL A 101 -2.26 9.18 -5.28
N LYS A 102 -2.58 10.24 -6.02
CA LYS A 102 -3.71 11.08 -5.65
C LYS A 102 -5.00 10.25 -5.67
N MET A 103 -5.22 9.48 -6.74
CA MET A 103 -6.42 8.67 -6.88
C MET A 103 -6.49 7.58 -5.80
N ALA A 104 -5.35 7.13 -5.29
CA ALA A 104 -5.33 6.13 -4.24
C ALA A 104 -5.71 6.71 -2.89
N LEU A 105 -5.43 8.00 -2.66
CA LEU A 105 -5.75 8.67 -1.42
C LEU A 105 -7.23 9.08 -1.36
N LYS A 106 -7.94 9.02 -2.50
CA LYS A 106 -9.37 9.35 -2.55
C LYS A 106 -10.25 8.32 -1.85
N LYS A 107 -9.72 7.16 -1.46
CA LYS A 107 -10.49 6.12 -0.80
C LYS A 107 -9.76 5.61 0.44
N ASP A 108 -9.01 6.51 1.07
CA ASP A 108 -8.12 6.24 2.18
C ASP A 108 -8.69 5.46 3.37
N ARG A 109 -10.00 5.21 3.43
CA ARG A 109 -10.57 4.38 4.49
C ARG A 109 -11.94 3.80 4.11
N GLU A 110 -12.17 3.59 2.80
CA GLU A 110 -13.41 3.00 2.31
C GLU A 110 -13.45 1.49 2.62
N SER A 111 -14.25 0.77 1.82
CA SER A 111 -14.45 -0.66 1.97
C SER A 111 -14.49 -1.33 0.60
N MET A 112 -13.89 -2.52 0.49
CA MET A 112 -13.96 -3.33 -0.73
C MET A 112 -15.37 -3.89 -0.91
N GLY A 113 -16.19 -3.80 0.14
CA GLY A 113 -17.56 -4.30 0.12
C GLY A 113 -17.86 -5.19 1.33
N HIS A 114 -16.83 -5.51 2.14
CA HIS A 114 -17.02 -6.39 3.28
C HIS A 114 -16.02 -6.13 4.40
N ARG A 115 -15.02 -5.27 4.22
CA ARG A 115 -14.05 -4.99 5.28
C ARG A 115 -13.42 -3.61 5.15
N TYR A 116 -12.96 -3.09 6.29
CA TYR A 116 -12.29 -1.81 6.45
C TYR A 116 -10.93 -1.85 5.77
N ILE A 117 -10.67 -0.82 4.96
CA ILE A 117 -9.43 -0.68 4.21
C ILE A 117 -8.79 0.64 4.61
N GLU A 118 -7.52 0.84 4.26
CA GLU A 118 -6.86 2.12 4.48
C GLU A 118 -5.81 2.37 3.40
N VAL A 119 -5.55 3.64 3.07
CA VAL A 119 -4.58 4.00 2.05
C VAL A 119 -3.92 5.32 2.43
N PHE A 120 -2.60 5.31 2.60
CA PHE A 120 -1.86 6.48 3.04
C PHE A 120 -0.71 6.72 2.07
N LYS A 121 -0.18 7.96 2.02
CA LYS A 121 0.83 8.32 1.05
C LYS A 121 2.19 7.75 1.46
N SER A 122 3.05 7.48 0.48
CA SER A 122 4.36 6.88 0.73
C SER A 122 5.42 7.45 -0.21
N HIS A 123 6.66 6.97 -0.04
CA HIS A 123 7.82 7.53 -0.71
C HIS A 123 8.91 6.51 -1.05
N ARG A 124 8.81 5.28 -0.52
CA ARG A 124 9.65 4.10 -0.81
C ARG A 124 10.66 3.84 0.31
N THR A 125 11.07 4.87 1.04
CA THR A 125 12.06 4.70 2.11
C THR A 125 11.48 3.87 3.24
N GLU A 126 10.20 4.12 3.59
CA GLU A 126 9.52 3.34 4.60
C GLU A 126 9.22 1.95 4.07
N MET A 127 8.89 1.86 2.77
CA MET A 127 8.56 0.60 2.14
C MET A 127 9.76 -0.34 2.17
N ASP A 128 10.97 0.19 1.97
CA ASP A 128 12.18 -0.62 1.96
C ASP A 128 12.54 -1.09 3.38
N TRP A 129 12.12 -0.31 4.38
CA TRP A 129 12.47 -0.58 5.77
C TRP A 129 11.63 -1.70 6.39
N VAL A 130 10.31 -1.51 6.50
CA VAL A 130 9.45 -2.44 7.22
C VAL A 130 9.30 -3.76 6.45
N LEU A 131 9.61 -3.79 5.15
CA LEU A 131 9.63 -5.03 4.39
C LEU A 131 10.74 -5.96 4.88
N LYS A 132 11.61 -5.48 5.78
CA LYS A 132 12.75 -6.23 6.29
C LYS A 132 12.92 -6.04 7.80
N HIS A 133 11.94 -5.41 8.45
CA HIS A 133 11.99 -5.11 9.88
C HIS A 133 10.62 -5.27 10.52
N SER A 134 9.74 -6.07 9.90
CA SER A 134 8.39 -6.31 10.38
C SER A 134 8.35 -6.98 11.75
N GLY A 135 9.51 -7.43 12.22
CA GLY A 135 9.65 -8.06 13.53
C GLY A 135 11.10 -8.39 13.83
N PRO A 136 11.37 -8.96 15.01
CA PRO A 136 12.70 -9.34 15.46
C PRO A 136 13.23 -10.52 14.66
N MET A 35 -1.03 18.18 15.40
CA MET A 35 -0.75 17.43 14.15
C MET A 35 -0.47 18.38 13.00
N MET A 36 0.16 17.88 11.94
CA MET A 36 0.47 18.66 10.76
C MET A 36 0.51 17.75 9.53
N LEU A 37 0.24 18.31 8.35
CA LEU A 37 0.21 17.56 7.10
C LEU A 37 0.42 18.49 5.91
N GLY A 38 0.62 17.90 4.72
CA GLY A 38 0.78 18.65 3.48
C GLY A 38 1.15 17.71 2.33
N PRO A 39 1.18 18.24 1.10
CA PRO A 39 1.56 17.49 -0.09
C PRO A 39 2.93 16.80 0.03
N GLU A 40 3.78 17.31 0.93
CA GLU A 40 5.11 16.77 1.15
C GLU A 40 5.09 15.40 1.84
N GLY A 41 3.90 14.84 2.07
CA GLY A 41 3.74 13.53 2.70
C GLY A 41 4.39 12.41 1.88
N GLY A 42 4.78 12.69 0.64
CA GLY A 42 5.47 11.72 -0.20
C GLY A 42 5.75 12.27 -1.59
N GLU A 43 6.69 11.66 -2.31
CA GLU A 43 7.11 12.08 -3.64
C GLU A 43 7.57 10.88 -4.48
N GLY A 44 7.28 9.66 -4.02
CA GLY A 44 7.78 8.45 -4.67
C GLY A 44 6.73 7.73 -5.51
N PHE A 45 5.51 8.27 -5.54
CA PHE A 45 4.37 7.66 -6.21
C PHE A 45 4.10 6.28 -5.63
N VAL A 46 4.26 6.17 -4.31
CA VAL A 46 4.01 4.95 -3.57
C VAL A 46 3.01 5.28 -2.47
N VAL A 47 2.19 4.31 -2.07
CA VAL A 47 1.24 4.49 -0.98
C VAL A 47 1.22 3.27 -0.08
N LYS A 48 0.80 3.48 1.17
CA LYS A 48 0.62 2.42 2.15
C LYS A 48 -0.78 1.85 1.98
N LEU A 49 -0.99 0.62 2.47
CA LEU A 49 -2.27 -0.04 2.40
C LEU A 49 -2.50 -0.82 3.69
N ARG A 50 -3.75 -0.85 4.16
CA ARG A 50 -4.16 -1.63 5.32
C ARG A 50 -5.59 -2.05 5.12
N GLY A 51 -5.99 -3.18 5.71
CA GLY A 51 -7.37 -3.60 5.64
C GLY A 51 -7.54 -5.10 5.79
N LEU A 52 -8.80 -5.52 5.93
CA LEU A 52 -9.22 -6.90 6.05
C LEU A 52 -8.64 -7.59 7.30
N PRO A 53 -9.29 -8.66 7.78
CA PRO A 53 -8.86 -9.42 8.95
C PRO A 53 -7.56 -10.18 8.69
N TRP A 54 -6.44 -9.44 8.61
CA TRP A 54 -5.12 -9.99 8.42
C TRP A 54 -5.02 -11.00 7.27
N SER A 55 -5.80 -10.79 6.20
CA SER A 55 -5.72 -11.63 5.02
C SER A 55 -6.01 -10.81 3.76
N CYS A 56 -5.18 -10.96 2.74
CA CYS A 56 -5.29 -10.22 1.49
C CYS A 56 -4.40 -10.85 0.42
N SER A 57 -4.52 -10.41 -0.83
CA SER A 57 -3.66 -10.84 -1.92
C SER A 57 -3.42 -9.68 -2.89
N VAL A 58 -2.49 -9.86 -3.84
CA VAL A 58 -2.16 -8.80 -4.77
C VAL A 58 -3.33 -8.50 -5.72
N GLU A 59 -4.28 -9.42 -5.83
CA GLU A 59 -5.42 -9.25 -6.71
C GLU A 59 -6.53 -8.45 -6.02
N ASP A 60 -6.60 -8.51 -4.69
CA ASP A 60 -7.60 -7.76 -3.94
C ASP A 60 -7.17 -6.30 -3.85
N VAL A 61 -5.88 -6.05 -3.70
CA VAL A 61 -5.38 -4.68 -3.57
C VAL A 61 -5.48 -3.94 -4.91
N GLN A 62 -5.18 -4.59 -6.03
CA GLN A 62 -5.32 -3.94 -7.32
C GLN A 62 -6.79 -3.74 -7.68
N ASN A 63 -7.67 -4.57 -7.10
CA ASN A 63 -9.11 -4.42 -7.28
C ASN A 63 -9.63 -3.18 -6.53
N PHE A 64 -8.96 -2.79 -5.45
CA PHE A 64 -9.44 -1.68 -4.62
C PHE A 64 -8.97 -0.32 -5.14
N LEU A 65 -7.80 -0.26 -5.77
CA LEU A 65 -7.30 0.96 -6.40
C LEU A 65 -7.66 0.89 -7.89
N SER A 66 -8.94 0.66 -8.17
CA SER A 66 -9.51 0.44 -9.50
C SER A 66 -9.38 1.64 -10.44
N ASP A 67 -8.62 2.67 -10.06
CA ASP A 67 -8.40 3.87 -10.88
C ASP A 67 -6.91 4.13 -11.06
N CYS A 68 -6.07 3.21 -10.59
CA CYS A 68 -4.63 3.40 -10.51
C CYS A 68 -3.88 2.25 -11.18
N THR A 69 -2.55 2.31 -11.10
CA THR A 69 -1.65 1.30 -11.65
C THR A 69 -0.61 0.98 -10.59
N ILE A 70 -0.35 -0.31 -10.39
CA ILE A 70 0.53 -0.81 -9.34
C ILE A 70 1.97 -0.89 -9.84
N HIS A 71 2.38 0.15 -10.60
CA HIS A 71 3.70 0.29 -11.22
C HIS A 71 4.00 -0.78 -12.27
N ASP A 72 3.63 -2.05 -12.02
CA ASP A 72 3.69 -3.14 -12.98
C ASP A 72 2.58 -4.16 -12.74
N GLY A 73 1.83 -4.05 -11.63
CA GLY A 73 0.81 -5.01 -11.30
C GLY A 73 1.29 -5.90 -10.17
N ALA A 74 1.21 -7.22 -10.37
CA ALA A 74 1.72 -8.22 -9.44
C ALA A 74 3.25 -8.11 -9.28
N ALA A 75 3.87 -7.12 -9.91
CA ALA A 75 5.31 -6.88 -9.86
C ALA A 75 5.61 -5.55 -9.17
N GLY A 76 4.63 -5.00 -8.45
CA GLY A 76 4.80 -3.79 -7.67
C GLY A 76 4.08 -3.87 -6.32
N VAL A 77 3.47 -5.02 -6.01
CA VAL A 77 2.81 -5.23 -4.74
C VAL A 77 3.86 -5.46 -3.63
N HIS A 78 3.47 -5.21 -2.38
CA HIS A 78 4.30 -5.51 -1.21
C HIS A 78 3.40 -5.75 -0.01
N PHE A 79 3.96 -6.38 1.04
CA PHE A 79 3.25 -6.67 2.28
C PHE A 79 4.21 -6.56 3.45
N ILE A 80 3.69 -6.62 4.68
CA ILE A 80 4.50 -6.42 5.88
C ILE A 80 4.18 -7.46 6.94
N TYR A 81 4.57 -8.69 6.69
CA TYR A 81 4.34 -9.80 7.60
C TYR A 81 5.52 -10.79 7.50
N THR A 82 5.36 -12.01 8.02
CA THR A 82 6.45 -12.98 7.96
C THR A 82 5.99 -14.35 7.51
N ARG A 83 6.96 -15.15 7.06
CA ARG A 83 6.78 -16.50 6.56
C ARG A 83 6.44 -17.50 7.67
N GLU A 84 6.20 -17.01 8.88
CA GLU A 84 5.86 -17.83 10.04
C GLU A 84 4.91 -17.04 10.95
N GLY A 85 4.28 -16.01 10.39
CA GLY A 85 3.39 -15.12 11.12
C GLY A 85 2.06 -15.02 10.40
N ARG A 86 1.41 -13.87 10.57
CA ARG A 86 0.02 -13.65 10.16
C ARG A 86 -0.23 -12.16 9.94
N GLN A 87 0.83 -11.36 9.98
CA GLN A 87 0.73 -9.91 9.96
C GLN A 87 0.33 -9.34 8.60
N SER A 88 -0.10 -10.20 7.66
CA SER A 88 -0.60 -9.83 6.34
C SER A 88 -1.91 -9.02 6.42
N GLY A 89 -1.88 -7.86 7.07
CA GLY A 89 -3.03 -6.98 7.22
C GLY A 89 -2.60 -5.54 7.00
N GLU A 90 -1.35 -5.38 6.54
CA GLU A 90 -0.71 -4.11 6.28
C GLU A 90 0.25 -4.32 5.10
N ALA A 91 0.39 -3.31 4.24
CA ALA A 91 1.10 -3.46 2.99
C ALA A 91 1.49 -2.11 2.38
N PHE A 92 2.06 -2.16 1.17
CA PHE A 92 2.38 -1.00 0.36
C PHE A 92 1.98 -1.29 -1.08
N VAL A 93 1.88 -0.23 -1.89
CA VAL A 93 1.56 -0.33 -3.30
C VAL A 93 2.31 0.75 -4.06
N GLU A 94 3.32 0.36 -4.84
CA GLU A 94 4.03 1.30 -5.69
C GLU A 94 3.13 1.66 -6.86
N LEU A 95 3.25 2.88 -7.41
CA LEU A 95 2.44 3.29 -8.54
C LEU A 95 3.30 3.84 -9.67
N GLY A 96 2.64 4.30 -10.74
CA GLY A 96 3.32 4.75 -11.94
C GLY A 96 3.60 6.26 -11.94
N SER A 97 2.70 7.07 -11.39
CA SER A 97 2.83 8.53 -11.44
C SER A 97 2.16 9.20 -10.26
N GLU A 98 2.36 10.52 -10.13
CA GLU A 98 1.73 11.32 -9.09
C GLU A 98 0.21 11.25 -9.19
N ASP A 99 -0.33 11.09 -10.41
CA ASP A 99 -1.76 11.04 -10.58
C ASP A 99 -2.34 9.78 -9.93
N ASP A 100 -1.54 8.70 -9.86
CA ASP A 100 -1.99 7.45 -9.26
C ASP A 100 -1.97 7.55 -7.74
N VAL A 101 -0.95 8.19 -7.15
CA VAL A 101 -0.88 8.32 -5.71
C VAL A 101 -2.00 9.24 -5.22
N LYS A 102 -2.26 10.33 -5.94
CA LYS A 102 -3.33 11.23 -5.59
C LYS A 102 -4.67 10.50 -5.62
N MET A 103 -4.91 9.71 -6.67
CA MET A 103 -6.15 8.96 -6.82
C MET A 103 -6.28 7.82 -5.82
N ALA A 104 -5.15 7.27 -5.34
CA ALA A 104 -5.19 6.22 -4.35
C ALA A 104 -5.61 6.77 -2.99
N LEU A 105 -5.27 8.03 -2.71
CA LEU A 105 -5.62 8.70 -1.46
C LEU A 105 -7.08 9.13 -1.43
N LYS A 106 -7.73 9.21 -2.60
CA LYS A 106 -9.14 9.57 -2.68
C LYS A 106 -10.06 8.52 -2.06
N LYS A 107 -9.53 7.36 -1.67
CA LYS A 107 -10.31 6.30 -1.04
C LYS A 107 -9.60 5.74 0.17
N ASP A 108 -8.76 6.60 0.77
CA ASP A 108 -7.94 6.32 1.94
C ASP A 108 -8.61 5.63 3.13
N ARG A 109 -9.93 5.43 3.14
CA ARG A 109 -10.60 4.64 4.17
C ARG A 109 -11.92 4.05 3.70
N GLU A 110 -12.07 3.79 2.39
CA GLU A 110 -13.28 3.19 1.85
C GLU A 110 -13.37 1.69 2.18
N SER A 111 -14.14 0.97 1.37
CA SER A 111 -14.39 -0.46 1.55
C SER A 111 -14.52 -1.14 0.20
N MET A 112 -14.17 -2.43 0.13
CA MET A 112 -14.35 -3.23 -1.08
C MET A 112 -15.83 -3.53 -1.30
N GLY A 113 -16.66 -3.26 -0.30
CA GLY A 113 -18.09 -3.51 -0.35
C GLY A 113 -18.56 -4.29 0.87
N HIS A 114 -17.62 -4.84 1.66
CA HIS A 114 -17.94 -5.66 2.81
C HIS A 114 -16.95 -5.48 3.97
N ARG A 115 -15.84 -4.77 3.77
CA ARG A 115 -14.86 -4.58 4.84
C ARG A 115 -13.98 -3.35 4.60
N TYR A 116 -13.61 -2.71 5.72
CA TYR A 116 -12.81 -1.49 5.80
C TYR A 116 -11.43 -1.69 5.22
N ILE A 117 -11.04 -0.78 4.33
CA ILE A 117 -9.74 -0.72 3.71
C ILE A 117 -9.18 0.67 3.98
N GLU A 118 -7.87 0.85 3.82
CA GLU A 118 -7.22 2.12 4.06
C GLU A 118 -6.04 2.34 3.13
N VAL A 119 -5.68 3.62 2.97
CA VAL A 119 -4.54 4.04 2.16
C VAL A 119 -3.90 5.25 2.84
N PHE A 120 -2.62 5.46 2.58
CA PHE A 120 -1.89 6.60 3.13
C PHE A 120 -0.71 6.88 2.23
N LYS A 121 -0.21 8.12 2.21
CA LYS A 121 0.84 8.49 1.27
C LYS A 121 2.19 7.95 1.72
N SER A 122 3.08 7.70 0.76
CA SER A 122 4.40 7.13 1.02
C SER A 122 5.44 7.69 0.05
N HIS A 123 6.69 7.25 0.20
CA HIS A 123 7.82 7.80 -0.55
C HIS A 123 8.89 6.73 -0.81
N ARG A 124 8.55 5.46 -0.59
CA ARG A 124 9.37 4.29 -0.93
C ARG A 124 10.55 4.09 0.02
N THR A 125 11.06 5.14 0.66
CA THR A 125 12.14 4.99 1.62
C THR A 125 11.63 4.27 2.87
N GLU A 126 10.41 4.61 3.29
CA GLU A 126 9.77 3.92 4.41
C GLU A 126 9.44 2.49 4.00
N MET A 127 9.05 2.30 2.74
CA MET A 127 8.70 0.97 2.25
C MET A 127 9.89 0.03 2.46
N ASP A 128 11.09 0.47 2.05
CA ASP A 128 12.29 -0.34 2.16
C ASP A 128 12.70 -0.55 3.61
N TRP A 129 12.37 0.43 4.46
CA TRP A 129 12.74 0.43 5.86
C TRP A 129 11.98 -0.60 6.68
N VAL A 130 10.83 -1.06 6.20
CA VAL A 130 9.99 -2.01 6.94
C VAL A 130 9.74 -3.29 6.14
N LEU A 131 10.05 -3.30 4.83
CA LEU A 131 10.06 -4.53 4.05
C LEU A 131 11.25 -5.42 4.45
N LYS A 132 12.08 -4.93 5.38
CA LYS A 132 13.29 -5.61 5.85
C LYS A 132 13.26 -5.77 7.37
N HIS A 133 12.15 -5.38 8.00
CA HIS A 133 11.95 -5.41 9.44
C HIS A 133 10.48 -5.72 9.73
N SER A 134 9.83 -6.43 8.81
CA SER A 134 8.40 -6.73 8.87
C SER A 134 7.99 -7.54 10.10
N GLY A 135 8.97 -7.99 10.89
CA GLY A 135 8.73 -8.76 12.09
C GLY A 135 10.02 -9.03 12.87
N PRO A 136 11.06 -9.57 12.22
CA PRO A 136 12.36 -9.79 12.86
C PRO A 136 13.10 -8.47 13.08
N MET A 35 -3.59 14.21 14.81
CA MET A 35 -3.45 14.59 13.39
C MET A 35 -2.29 15.57 13.21
N MET A 36 -1.90 15.81 11.95
CA MET A 36 -0.82 16.73 11.61
C MET A 36 -1.17 17.51 10.34
N LEU A 37 -0.31 18.46 9.97
CA LEU A 37 -0.52 19.31 8.80
C LEU A 37 -0.37 18.53 7.50
N GLY A 38 0.03 17.25 7.57
CA GLY A 38 0.20 16.41 6.39
C GLY A 38 0.65 15.00 6.77
N PRO A 39 0.81 14.12 5.78
CA PRO A 39 1.24 12.74 5.97
C PRO A 39 2.72 12.68 6.34
N GLU A 40 3.20 11.48 6.69
CA GLU A 40 4.59 11.26 7.07
C GLU A 40 5.55 11.49 5.91
N GLY A 41 5.04 11.61 4.68
CA GLY A 41 5.86 11.85 3.51
C GLY A 41 5.03 11.81 2.22
N GLY A 42 5.69 12.08 1.09
CA GLY A 42 5.04 12.10 -0.21
C GLY A 42 6.05 12.29 -1.33
N GLU A 43 7.32 12.00 -1.07
CA GLU A 43 8.41 12.23 -2.02
C GLU A 43 8.48 11.14 -3.10
N GLY A 44 7.45 10.29 -3.20
CA GLY A 44 7.42 9.22 -4.18
C GLY A 44 6.00 8.85 -4.56
N PHE A 45 5.86 8.14 -5.69
CA PHE A 45 4.59 7.68 -6.22
C PHE A 45 4.24 6.31 -5.63
N VAL A 46 4.24 6.24 -4.31
CA VAL A 46 3.96 5.01 -3.57
C VAL A 46 2.98 5.32 -2.45
N VAL A 47 2.18 4.32 -2.07
CA VAL A 47 1.21 4.49 -0.99
C VAL A 47 1.18 3.24 -0.11
N LYS A 48 0.66 3.43 1.11
CA LYS A 48 0.47 2.35 2.08
C LYS A 48 -0.91 1.75 1.89
N LEU A 49 -1.14 0.57 2.45
CA LEU A 49 -2.42 -0.11 2.38
C LEU A 49 -2.65 -0.81 3.72
N ARG A 50 -3.88 -0.78 4.23
CA ARG A 50 -4.22 -1.41 5.49
C ARG A 50 -5.63 -1.99 5.42
N GLY A 51 -5.89 -3.05 6.17
CA GLY A 51 -7.24 -3.58 6.29
C GLY A 51 -7.33 -5.08 6.07
N LEU A 52 -8.54 -5.52 5.73
CA LEU A 52 -8.93 -6.92 5.53
C LEU A 52 -8.77 -7.73 6.83
N PRO A 53 -9.59 -8.77 7.01
CA PRO A 53 -9.68 -9.54 8.25
C PRO A 53 -8.33 -9.83 8.90
N TRP A 54 -7.39 -10.41 8.15
CA TRP A 54 -6.03 -10.66 8.61
C TRP A 54 -5.07 -10.84 7.43
N SER A 55 -5.58 -10.92 6.20
CA SER A 55 -4.75 -11.16 5.03
C SER A 55 -5.43 -10.64 3.77
N CYS A 56 -4.69 -10.58 2.66
CA CYS A 56 -5.17 -10.08 1.38
C CYS A 56 -4.32 -10.69 0.26
N SER A 57 -4.65 -10.39 -0.99
CA SER A 57 -3.92 -10.88 -2.15
C SER A 57 -3.75 -9.75 -3.16
N VAL A 58 -2.78 -9.90 -4.07
CA VAL A 58 -2.41 -8.84 -4.99
C VAL A 58 -3.53 -8.52 -5.98
N GLU A 59 -4.48 -9.43 -6.16
CA GLU A 59 -5.57 -9.22 -7.10
C GLU A 59 -6.72 -8.44 -6.45
N ASP A 60 -6.87 -8.53 -5.12
CA ASP A 60 -7.91 -7.80 -4.43
C ASP A 60 -7.47 -6.36 -4.19
N VAL A 61 -6.17 -6.16 -3.93
CA VAL A 61 -5.67 -4.81 -3.71
C VAL A 61 -5.70 -4.02 -5.02
N GLN A 62 -5.35 -4.63 -6.15
CA GLN A 62 -5.43 -3.91 -7.42
C GLN A 62 -6.88 -3.69 -7.85
N ASN A 63 -7.80 -4.53 -7.36
CA ASN A 63 -9.23 -4.34 -7.59
C ASN A 63 -9.75 -3.12 -6.82
N PHE A 64 -9.09 -2.75 -5.72
CA PHE A 64 -9.57 -1.66 -4.88
C PHE A 64 -9.03 -0.29 -5.32
N LEU A 65 -7.79 -0.23 -5.82
CA LEU A 65 -7.21 1.03 -6.31
C LEU A 65 -7.61 1.25 -7.77
N SER A 66 -8.91 1.36 -8.03
CA SER A 66 -9.43 1.64 -9.36
C SER A 66 -8.81 2.89 -9.94
N ASP A 67 -8.75 2.93 -11.28
CA ASP A 67 -8.16 3.99 -12.10
C ASP A 67 -6.66 4.20 -11.87
N CYS A 68 -6.08 3.64 -10.80
CA CYS A 68 -4.65 3.74 -10.54
C CYS A 68 -3.88 2.73 -11.37
N THR A 69 -2.55 2.76 -11.22
CA THR A 69 -1.63 1.83 -11.84
C THR A 69 -0.63 1.43 -10.76
N ILE A 70 -0.06 0.22 -10.88
CA ILE A 70 0.66 -0.41 -9.77
C ILE A 70 2.09 -0.71 -10.18
N HIS A 71 2.69 0.25 -10.89
CA HIS A 71 4.07 0.22 -11.37
C HIS A 71 4.36 -0.88 -12.39
N ASP A 72 3.64 -2.01 -12.31
CA ASP A 72 3.71 -3.12 -13.25
C ASP A 72 2.43 -3.97 -13.19
N GLY A 73 1.74 -3.98 -12.05
CA GLY A 73 0.60 -4.84 -11.81
C GLY A 73 1.12 -6.25 -11.53
N ALA A 74 0.62 -6.87 -10.45
CA ALA A 74 1.09 -8.17 -9.98
C ALA A 74 2.61 -8.23 -9.78
N ALA A 75 3.27 -7.07 -9.88
CA ALA A 75 4.72 -6.94 -9.72
C ALA A 75 5.08 -5.64 -9.01
N GLY A 76 4.11 -5.03 -8.32
CA GLY A 76 4.32 -3.82 -7.55
C GLY A 76 3.62 -3.91 -6.18
N VAL A 77 3.06 -5.08 -5.86
CA VAL A 77 2.40 -5.33 -4.59
C VAL A 77 3.44 -5.49 -3.49
N HIS A 78 3.05 -5.28 -2.23
CA HIS A 78 3.90 -5.53 -1.07
C HIS A 78 3.05 -5.84 0.15
N PHE A 79 3.66 -6.52 1.13
CA PHE A 79 3.03 -6.89 2.39
C PHE A 79 4.09 -6.83 3.49
N ILE A 80 3.68 -7.00 4.75
CA ILE A 80 4.57 -6.82 5.89
C ILE A 80 4.40 -7.98 6.88
N TYR A 81 4.91 -9.14 6.49
CA TYR A 81 4.82 -10.35 7.31
C TYR A 81 5.92 -11.34 6.95
N THR A 82 5.89 -12.53 7.55
CA THR A 82 6.98 -13.50 7.43
C THR A 82 6.45 -14.93 7.36
N ARG A 83 7.36 -15.89 7.47
CA ARG A 83 7.05 -17.31 7.52
C ARG A 83 6.02 -17.64 8.60
N GLU A 84 5.83 -16.73 9.57
CA GLU A 84 4.78 -16.86 10.57
C GLU A 84 3.40 -16.97 9.92
N GLY A 85 3.19 -16.27 8.81
CA GLY A 85 2.01 -16.43 7.98
C GLY A 85 1.04 -15.24 7.98
N ARG A 86 1.31 -14.18 8.74
CA ARG A 86 0.37 -13.05 8.87
C ARG A 86 0.98 -11.90 9.66
N GLN A 87 2.01 -12.21 10.46
CA GLN A 87 2.70 -11.25 11.31
C GLN A 87 1.71 -10.36 12.09
N SER A 88 2.02 -9.07 12.20
CA SER A 88 1.24 -8.09 12.93
C SER A 88 1.28 -6.73 12.24
N GLY A 89 1.54 -6.74 10.92
CA GLY A 89 1.70 -5.53 10.13
C GLY A 89 0.62 -5.41 9.06
N GLU A 90 0.87 -4.56 8.06
CA GLU A 90 -0.07 -4.22 7.01
C GLU A 90 0.60 -4.37 5.64
N ALA A 91 0.42 -3.41 4.72
CA ALA A 91 0.94 -3.55 3.36
C ALA A 91 1.25 -2.20 2.70
N PHE A 92 1.74 -2.27 1.45
CA PHE A 92 2.00 -1.11 0.60
C PHE A 92 1.65 -1.44 -0.85
N VAL A 93 1.64 -0.41 -1.71
CA VAL A 93 1.38 -0.55 -3.14
C VAL A 93 2.21 0.48 -3.90
N GLU A 94 3.12 0.04 -4.76
CA GLU A 94 3.86 0.94 -5.62
C GLU A 94 2.96 1.39 -6.76
N LEU A 95 3.23 2.57 -7.34
CA LEU A 95 2.44 3.07 -8.46
C LEU A 95 3.36 3.56 -9.58
N GLY A 96 2.77 4.18 -10.61
CA GLY A 96 3.50 4.56 -11.80
C GLY A 96 3.68 6.07 -11.95
N SER A 97 2.87 6.90 -11.30
CA SER A 97 3.01 8.34 -11.39
C SER A 97 2.36 9.05 -10.21
N GLU A 98 2.60 10.35 -10.13
CA GLU A 98 2.00 11.23 -9.13
C GLU A 98 0.48 11.20 -9.26
N ASP A 99 -0.03 10.97 -10.47
CA ASP A 99 -1.47 10.95 -10.67
C ASP A 99 -2.09 9.72 -10.03
N ASP A 100 -1.33 8.63 -9.92
CA ASP A 100 -1.82 7.40 -9.33
C ASP A 100 -1.84 7.50 -7.81
N VAL A 101 -0.84 8.17 -7.22
CA VAL A 101 -0.82 8.32 -5.77
C VAL A 101 -1.94 9.24 -5.33
N LYS A 102 -2.22 10.29 -6.09
CA LYS A 102 -3.36 11.15 -5.78
C LYS A 102 -4.66 10.37 -5.85
N MET A 103 -4.85 9.58 -6.91
CA MET A 103 -6.07 8.81 -7.09
C MET A 103 -6.21 7.71 -6.03
N ALA A 104 -5.11 7.19 -5.50
CA ALA A 104 -5.15 6.17 -4.46
C ALA A 104 -5.61 6.76 -3.14
N LEU A 105 -5.32 8.04 -2.90
CA LEU A 105 -5.70 8.73 -1.67
C LEU A 105 -7.17 9.17 -1.70
N LYS A 106 -7.79 9.18 -2.87
CA LYS A 106 -9.21 9.52 -3.00
C LYS A 106 -10.14 8.48 -2.35
N LYS A 107 -9.61 7.34 -1.90
CA LYS A 107 -10.40 6.29 -1.30
C LYS A 107 -9.71 5.75 -0.04
N ASP A 108 -8.92 6.63 0.58
CA ASP A 108 -8.09 6.35 1.74
C ASP A 108 -8.73 5.57 2.90
N ARG A 109 -10.05 5.38 2.92
CA ARG A 109 -10.70 4.57 3.96
C ARG A 109 -12.05 4.01 3.50
N GLU A 110 -12.20 3.76 2.19
CA GLU A 110 -13.41 3.17 1.63
C GLU A 110 -13.50 1.68 1.96
N SER A 111 -14.29 0.97 1.15
CA SER A 111 -14.55 -0.45 1.30
C SER A 111 -14.70 -1.12 -0.06
N MET A 112 -14.34 -2.40 -0.16
CA MET A 112 -14.54 -3.19 -1.37
C MET A 112 -16.02 -3.49 -1.57
N GLY A 113 -16.83 -3.26 -0.53
CA GLY A 113 -18.26 -3.53 -0.54
C GLY A 113 -18.68 -4.33 0.69
N HIS A 114 -17.72 -4.80 1.49
CA HIS A 114 -18.02 -5.62 2.65
C HIS A 114 -16.98 -5.48 3.77
N ARG A 115 -15.85 -4.79 3.55
CA ARG A 115 -14.86 -4.62 4.60
C ARG A 115 -14.03 -3.36 4.42
N TYR A 116 -13.60 -2.80 5.55
CA TYR A 116 -12.82 -1.58 5.70
C TYR A 116 -11.43 -1.76 5.10
N ILE A 117 -11.09 -0.87 4.18
CA ILE A 117 -9.79 -0.81 3.53
C ILE A 117 -9.25 0.59 3.77
N GLU A 118 -7.94 0.78 3.62
CA GLU A 118 -7.36 2.10 3.81
C GLU A 118 -6.13 2.29 2.93
N VAL A 119 -5.77 3.56 2.72
CA VAL A 119 -4.62 3.97 1.92
C VAL A 119 -4.02 5.19 2.58
N PHE A 120 -2.70 5.35 2.52
CA PHE A 120 -2.03 6.51 3.10
C PHE A 120 -0.83 6.84 2.24
N LYS A 121 -0.44 8.12 2.20
CA LYS A 121 0.63 8.55 1.30
C LYS A 121 1.99 8.05 1.78
N SER A 122 2.88 7.76 0.83
CA SER A 122 4.19 7.22 1.13
C SER A 122 5.25 7.82 0.20
N HIS A 123 6.50 7.35 0.36
CA HIS A 123 7.64 7.89 -0.36
C HIS A 123 8.66 6.80 -0.67
N ARG A 124 8.28 5.54 -0.44
CA ARG A 124 9.04 4.34 -0.80
C ARG A 124 10.24 4.07 0.12
N THR A 125 10.80 5.10 0.75
CA THR A 125 11.90 4.88 1.68
C THR A 125 11.39 4.16 2.92
N GLU A 126 10.19 4.51 3.39
CA GLU A 126 9.56 3.81 4.50
C GLU A 126 9.19 2.41 4.07
N MET A 127 8.71 2.26 2.83
CA MET A 127 8.31 0.96 2.31
C MET A 127 9.50 0.01 2.40
N ASP A 128 10.67 0.44 1.95
CA ASP A 128 11.87 -0.39 1.97
C ASP A 128 12.35 -0.64 3.41
N TRP A 129 12.10 0.34 4.29
CA TRP A 129 12.55 0.29 5.67
C TRP A 129 11.83 -0.77 6.50
N VAL A 130 10.66 -1.23 6.06
CA VAL A 130 9.87 -2.21 6.82
C VAL A 130 9.64 -3.49 6.01
N LEU A 131 9.79 -3.44 4.68
CA LEU A 131 9.74 -4.65 3.85
C LEU A 131 10.96 -5.54 4.12
N LYS A 132 11.89 -5.06 4.95
CA LYS A 132 13.14 -5.75 5.27
C LYS A 132 13.40 -5.75 6.77
N HIS A 133 12.39 -5.36 7.56
CA HIS A 133 12.50 -5.26 9.01
C HIS A 133 11.16 -5.57 9.67
N SER A 134 10.28 -6.28 8.96
CA SER A 134 8.95 -6.63 9.44
C SER A 134 8.99 -7.53 10.67
N GLY A 135 10.18 -8.01 11.03
CA GLY A 135 10.40 -8.84 12.20
C GLY A 135 11.88 -9.15 12.40
N PRO A 136 12.22 -9.86 13.47
CA PRO A 136 13.59 -10.25 13.80
C PRO A 136 14.11 -11.29 12.82
N MET A 35 12.59 12.63 3.84
CA MET A 35 12.82 14.07 4.03
C MET A 35 11.50 14.82 4.23
N MET A 36 10.51 14.60 3.36
CA MET A 36 9.22 15.29 3.46
C MET A 36 8.09 14.40 2.94
N LEU A 37 6.89 14.59 3.50
CA LEU A 37 5.70 13.87 3.10
C LEU A 37 4.46 14.68 3.51
N GLY A 38 3.40 14.63 2.71
CA GLY A 38 2.17 15.34 3.03
C GLY A 38 1.23 15.41 1.83
N PRO A 39 0.07 16.08 1.99
CA PRO A 39 -0.90 16.30 0.94
C PRO A 39 -0.44 17.37 -0.06
N GLU A 40 0.80 17.86 0.10
CA GLU A 40 1.35 18.91 -0.76
C GLU A 40 2.84 18.67 -1.03
N GLY A 41 3.34 17.48 -0.69
CA GLY A 41 4.74 17.13 -0.91
C GLY A 41 4.98 15.64 -0.76
N GLY A 42 6.15 15.16 -1.19
CA GLY A 42 6.49 13.75 -1.14
C GLY A 42 7.78 13.48 -1.91
N GLU A 43 8.16 12.20 -2.01
CA GLU A 43 9.39 11.80 -2.70
C GLU A 43 9.18 10.52 -3.50
N GLY A 44 7.93 10.11 -3.69
CA GLY A 44 7.62 8.92 -4.47
C GLY A 44 6.13 8.83 -4.82
N PHE A 45 5.82 8.06 -5.86
CA PHE A 45 4.47 7.77 -6.32
C PHE A 45 4.04 6.42 -5.76
N VAL A 46 4.08 6.30 -4.43
CA VAL A 46 3.78 5.06 -3.74
C VAL A 46 2.77 5.34 -2.63
N VAL A 47 2.00 4.32 -2.26
CA VAL A 47 1.05 4.43 -1.16
C VAL A 47 1.09 3.19 -0.28
N LYS A 48 0.71 3.38 0.99
CA LYS A 48 0.58 2.32 1.96
C LYS A 48 -0.81 1.69 1.83
N LEU A 49 -0.97 0.46 2.31
CA LEU A 49 -2.24 -0.22 2.31
C LEU A 49 -2.35 -1.02 3.61
N ARG A 50 -3.50 -0.91 4.29
CA ARG A 50 -3.71 -1.58 5.56
C ARG A 50 -5.18 -2.00 5.68
N GLY A 51 -5.48 -2.76 6.73
CA GLY A 51 -6.84 -3.24 6.96
C GLY A 51 -6.90 -4.73 6.65
N LEU A 52 -7.89 -5.12 5.82
CA LEU A 52 -7.98 -6.48 5.29
C LEU A 52 -8.37 -7.45 6.42
N PRO A 53 -8.80 -8.69 6.12
CA PRO A 53 -9.37 -9.58 7.12
C PRO A 53 -8.32 -10.22 8.02
N TRP A 54 -7.07 -10.25 7.55
CA TRP A 54 -5.90 -10.80 8.24
C TRP A 54 -4.78 -10.97 7.23
N SER A 55 -5.15 -11.23 5.97
CA SER A 55 -4.24 -11.45 4.86
C SER A 55 -4.92 -11.09 3.54
N CYS A 56 -4.17 -11.05 2.44
CA CYS A 56 -4.71 -10.65 1.15
C CYS A 56 -3.83 -11.11 -0.01
N SER A 57 -4.20 -10.71 -1.23
CA SER A 57 -3.48 -11.06 -2.45
C SER A 57 -3.41 -9.84 -3.38
N VAL A 58 -2.51 -9.89 -4.38
CA VAL A 58 -2.22 -8.74 -5.22
C VAL A 58 -3.39 -8.34 -6.12
N GLU A 59 -4.33 -9.25 -6.38
CA GLU A 59 -5.43 -8.95 -7.28
C GLU A 59 -6.57 -8.24 -6.56
N ASP A 60 -6.71 -8.47 -5.25
CA ASP A 60 -7.77 -7.83 -4.48
C ASP A 60 -7.37 -6.40 -4.13
N VAL A 61 -6.07 -6.16 -3.88
CA VAL A 61 -5.60 -4.82 -3.58
C VAL A 61 -5.72 -3.92 -4.81
N GLN A 62 -5.33 -4.39 -6.00
CA GLN A 62 -5.48 -3.56 -7.19
C GLN A 62 -6.94 -3.45 -7.62
N ASN A 63 -7.81 -4.36 -7.16
CA ASN A 63 -9.23 -4.26 -7.42
C ASN A 63 -9.85 -3.12 -6.59
N PHE A 64 -9.25 -2.81 -5.44
CA PHE A 64 -9.78 -1.79 -4.55
C PHE A 64 -9.41 -0.37 -5.02
N LEU A 65 -8.19 -0.19 -5.56
CA LEU A 65 -7.81 1.08 -6.13
C LEU A 65 -8.41 1.18 -7.54
N SER A 66 -8.22 2.33 -8.17
CA SER A 66 -8.73 2.59 -9.51
C SER A 66 -7.87 3.65 -10.19
N ASP A 67 -7.91 3.67 -11.53
CA ASP A 67 -7.07 4.53 -12.38
C ASP A 67 -5.58 4.42 -12.06
N CYS A 68 -5.19 3.47 -11.20
CA CYS A 68 -3.81 3.19 -10.85
C CYS A 68 -3.15 2.36 -11.93
N THR A 69 -1.86 2.03 -11.75
CA THR A 69 -1.12 1.24 -12.73
C THR A 69 -0.18 0.23 -12.07
N ILE A 70 -0.28 0.15 -10.74
CA ILE A 70 0.53 -0.69 -9.87
C ILE A 70 2.02 -0.69 -10.20
N HIS A 71 2.50 0.36 -10.86
CA HIS A 71 3.88 0.53 -11.33
C HIS A 71 4.30 -0.50 -12.40
N ASP A 72 3.84 -1.75 -12.29
CA ASP A 72 4.05 -2.79 -13.29
C ASP A 72 2.93 -3.83 -13.28
N GLY A 73 1.96 -3.72 -12.37
CA GLY A 73 0.92 -4.72 -12.20
C GLY A 73 1.25 -5.56 -10.97
N ALA A 74 1.09 -6.88 -11.08
CA ALA A 74 1.45 -7.83 -10.03
C ALA A 74 2.95 -7.77 -9.70
N ALA A 75 3.70 -6.89 -10.38
CA ALA A 75 5.14 -6.72 -10.18
C ALA A 75 5.44 -5.42 -9.42
N GLY A 76 4.43 -4.85 -8.76
CA GLY A 76 4.58 -3.65 -7.95
C GLY A 76 3.87 -3.78 -6.60
N VAL A 77 3.29 -4.94 -6.31
CA VAL A 77 2.67 -5.21 -5.03
C VAL A 77 3.75 -5.44 -3.98
N HIS A 78 3.40 -5.24 -2.70
CA HIS A 78 4.28 -5.55 -1.57
C HIS A 78 3.43 -5.92 -0.36
N PHE A 79 4.03 -6.57 0.64
CA PHE A 79 3.33 -7.01 1.84
C PHE A 79 4.24 -6.92 3.06
N ILE A 80 3.69 -7.17 4.24
CA ILE A 80 4.41 -7.01 5.50
C ILE A 80 4.13 -8.21 6.41
N TYR A 81 5.16 -8.63 7.15
CA TYR A 81 5.11 -9.76 8.05
C TYR A 81 6.30 -9.69 9.01
N THR A 82 6.42 -10.66 9.93
CA THR A 82 7.55 -10.70 10.85
C THR A 82 7.86 -12.13 11.30
N ARG A 83 6.81 -12.95 11.42
CA ARG A 83 6.91 -14.31 11.94
C ARG A 83 5.59 -15.03 11.73
N GLU A 84 5.47 -16.26 12.24
CA GLU A 84 4.27 -17.06 12.17
C GLU A 84 3.17 -16.47 13.09
N GLY A 85 2.73 -15.25 12.78
CA GLY A 85 1.69 -14.58 13.55
C GLY A 85 0.79 -13.71 12.68
N ARG A 86 1.31 -13.21 11.55
CA ARG A 86 0.49 -12.49 10.58
C ARG A 86 1.18 -12.52 9.22
N GLN A 87 0.41 -12.33 8.14
CA GLN A 87 0.95 -12.32 6.80
C GLN A 87 0.02 -11.52 5.89
N SER A 88 0.62 -10.69 5.03
CA SER A 88 -0.08 -9.87 4.03
C SER A 88 -1.32 -9.16 4.56
N GLY A 89 -1.37 -8.88 5.87
CA GLY A 89 -2.48 -8.15 6.46
C GLY A 89 -2.25 -6.65 6.31
N GLU A 90 -1.04 -6.28 5.91
CA GLU A 90 -0.65 -4.91 5.61
C GLU A 90 0.26 -4.95 4.40
N ALA A 91 0.37 -3.83 3.69
CA ALA A 91 1.03 -3.82 2.39
C ALA A 91 1.38 -2.41 1.93
N PHE A 92 1.97 -2.36 0.72
CA PHE A 92 2.24 -1.13 0.00
C PHE A 92 1.92 -1.36 -1.47
N VAL A 93 1.74 -0.28 -2.22
CA VAL A 93 1.42 -0.36 -3.64
C VAL A 93 2.14 0.75 -4.38
N GLU A 94 3.14 0.39 -5.19
CA GLU A 94 3.81 1.38 -6.03
C GLU A 94 2.89 1.73 -7.20
N LEU A 95 3.04 2.93 -7.74
CA LEU A 95 2.26 3.38 -8.89
C LEU A 95 3.18 3.98 -9.94
N GLY A 96 2.59 4.54 -11.01
CA GLY A 96 3.38 5.05 -12.13
C GLY A 96 3.53 6.56 -12.14
N SER A 97 2.60 7.31 -11.54
CA SER A 97 2.67 8.77 -11.57
C SER A 97 2.09 9.40 -10.30
N GLU A 98 2.38 10.69 -10.10
CA GLU A 98 1.86 11.46 -8.99
C GLU A 98 0.33 11.49 -9.03
N ASP A 99 -0.26 11.43 -10.22
CA ASP A 99 -1.70 11.45 -10.34
C ASP A 99 -2.29 10.17 -9.75
N ASP A 100 -1.55 9.06 -9.82
CA ASP A 100 -2.02 7.79 -9.32
C ASP A 100 -2.02 7.77 -7.79
N VAL A 101 -0.98 8.33 -7.17
CA VAL A 101 -0.89 8.34 -5.72
C VAL A 101 -1.97 9.25 -5.16
N LYS A 102 -2.22 10.39 -5.80
CA LYS A 102 -3.27 11.29 -5.37
C LYS A 102 -4.63 10.59 -5.44
N MET A 103 -4.88 9.86 -6.54
CA MET A 103 -6.14 9.16 -6.74
C MET A 103 -6.30 7.99 -5.75
N ALA A 104 -5.20 7.38 -5.30
CA ALA A 104 -5.26 6.28 -4.35
C ALA A 104 -5.64 6.78 -2.95
N LEU A 105 -5.28 8.03 -2.63
CA LEU A 105 -5.58 8.64 -1.34
C LEU A 105 -7.04 9.10 -1.26
N LYS A 106 -7.71 9.22 -2.39
CA LYS A 106 -9.13 9.60 -2.42
C LYS A 106 -10.07 8.56 -1.82
N LYS A 107 -9.55 7.38 -1.43
CA LYS A 107 -10.36 6.32 -0.85
C LYS A 107 -9.66 5.70 0.36
N ASP A 108 -8.86 6.53 1.01
CA ASP A 108 -8.06 6.21 2.19
C ASP A 108 -8.73 5.40 3.29
N ARG A 109 -10.06 5.23 3.27
CA ARG A 109 -10.76 4.43 4.28
C ARG A 109 -12.02 3.74 3.74
N GLU A 110 -12.11 3.55 2.41
CA GLU A 110 -13.27 2.89 1.81
C GLU A 110 -13.33 1.40 2.16
N SER A 111 -14.21 0.68 1.45
CA SER A 111 -14.54 -0.71 1.76
C SER A 111 -14.67 -1.55 0.49
N MET A 112 -14.86 -2.86 0.67
CA MET A 112 -15.04 -3.79 -0.44
C MET A 112 -16.47 -4.34 -0.48
N GLY A 113 -17.25 -4.16 0.59
CA GLY A 113 -18.65 -4.56 0.61
C GLY A 113 -19.10 -5.16 1.95
N HIS A 114 -18.15 -5.68 2.74
CA HIS A 114 -18.46 -6.28 4.04
C HIS A 114 -17.29 -6.12 5.02
N ARG A 115 -16.25 -5.40 4.59
CA ARG A 115 -15.04 -5.14 5.37
C ARG A 115 -14.42 -3.85 4.84
N TYR A 116 -13.52 -3.23 5.60
CA TYR A 116 -12.95 -1.96 5.18
C TYR A 116 -11.45 -2.01 4.96
N ILE A 117 -10.96 -0.99 4.27
CA ILE A 117 -9.61 -0.93 3.76
C ILE A 117 -9.03 0.42 4.13
N GLU A 118 -7.71 0.57 4.02
CA GLU A 118 -7.05 1.82 4.38
C GLU A 118 -5.90 2.11 3.42
N VAL A 119 -5.65 3.40 3.18
CA VAL A 119 -4.58 3.85 2.28
C VAL A 119 -3.93 5.09 2.87
N PHE A 120 -2.67 5.32 2.52
CA PHE A 120 -1.93 6.48 2.99
C PHE A 120 -0.77 6.74 2.03
N LYS A 121 -0.17 7.93 2.08
CA LYS A 121 0.89 8.28 1.15
C LYS A 121 2.22 7.67 1.56
N SER A 122 3.12 7.46 0.61
CA SER A 122 4.42 6.87 0.86
C SER A 122 5.49 7.49 -0.02
N HIS A 123 6.75 7.06 0.14
CA HIS A 123 7.90 7.66 -0.51
C HIS A 123 9.05 6.66 -0.70
N ARG A 124 8.77 5.36 -0.54
CA ARG A 124 9.69 4.23 -0.76
C ARG A 124 10.73 4.06 0.34
N THR A 125 11.22 5.15 0.94
CA THR A 125 12.24 5.04 1.98
C THR A 125 11.68 4.31 3.20
N GLU A 126 10.42 4.59 3.54
CA GLU A 126 9.74 3.90 4.61
C GLU A 126 9.49 2.46 4.21
N MET A 127 9.06 2.24 2.97
CA MET A 127 8.71 0.92 2.49
C MET A 127 9.89 -0.03 2.58
N ASP A 128 11.09 0.44 2.21
CA ASP A 128 12.28 -0.39 2.20
C ASP A 128 12.66 -0.86 3.60
N TRP A 129 12.34 -0.05 4.60
CA TRP A 129 12.69 -0.32 5.99
C TRP A 129 11.71 -1.27 6.69
N VAL A 130 10.48 -1.38 6.18
CA VAL A 130 9.43 -2.17 6.82
C VAL A 130 9.09 -3.41 5.99
N LEU A 131 9.58 -3.52 4.76
CA LEU A 131 9.41 -4.71 3.94
C LEU A 131 10.21 -5.89 4.50
N LYS A 132 11.03 -5.65 5.53
CA LYS A 132 11.87 -6.68 6.12
C LYS A 132 11.87 -6.62 7.66
N HIS A 133 11.06 -5.73 8.25
CA HIS A 133 11.02 -5.56 9.70
C HIS A 133 9.72 -4.85 10.10
N SER A 134 9.26 -5.07 11.33
CA SER A 134 8.10 -4.39 11.88
C SER A 134 8.08 -4.49 13.40
N GLY A 135 7.19 -3.73 14.04
CA GLY A 135 7.09 -3.71 15.49
C GLY A 135 5.87 -2.96 16.00
N PRO A 136 4.67 -3.20 15.44
CA PRO A 136 3.45 -2.52 15.83
C PRO A 136 3.05 -2.87 17.26
N MET A 35 18.14 16.83 3.91
CA MET A 35 16.82 17.22 3.37
C MET A 35 16.50 16.40 2.13
N MET A 36 15.35 15.71 2.14
CA MET A 36 14.90 14.83 1.07
C MET A 36 15.92 13.73 0.76
N LEU A 37 15.60 12.86 -0.20
CA LEU A 37 16.49 11.77 -0.59
C LEU A 37 16.29 11.36 -2.05
N GLY A 38 15.20 11.82 -2.69
CA GLY A 38 14.91 11.47 -4.07
C GLY A 38 13.69 12.21 -4.60
N PRO A 39 13.64 13.55 -4.50
CA PRO A 39 12.49 14.36 -4.88
C PRO A 39 12.27 14.41 -6.40
N GLU A 40 12.91 13.51 -7.15
CA GLU A 40 12.80 13.48 -8.61
C GLU A 40 12.74 12.04 -9.12
N GLY A 41 12.57 11.07 -8.21
CA GLY A 41 12.51 9.65 -8.57
C GLY A 41 12.07 8.78 -7.41
N GLY A 42 11.53 9.38 -6.35
CA GLY A 42 11.13 8.68 -5.14
C GLY A 42 10.32 9.60 -4.23
N GLU A 43 10.18 9.18 -2.96
CA GLU A 43 9.41 9.90 -1.95
C GLU A 43 7.97 10.18 -2.39
N GLY A 44 7.49 9.46 -3.41
CA GLY A 44 6.14 9.62 -3.90
C GLY A 44 5.81 8.56 -4.95
N PHE A 45 4.55 8.54 -5.38
CA PHE A 45 4.00 7.57 -6.31
C PHE A 45 4.06 6.19 -5.67
N VAL A 46 3.98 6.16 -4.33
CA VAL A 46 3.95 4.93 -3.55
C VAL A 46 2.92 5.13 -2.44
N VAL A 47 2.20 4.08 -2.10
CA VAL A 47 1.23 4.15 -1.02
C VAL A 47 1.25 2.89 -0.16
N LYS A 48 0.72 3.02 1.06
CA LYS A 48 0.56 1.91 1.99
C LYS A 48 -0.84 1.33 1.86
N LEU A 49 -1.04 0.10 2.33
CA LEU A 49 -2.33 -0.55 2.34
C LEU A 49 -2.51 -1.23 3.71
N ARG A 50 -3.74 -1.17 4.24
CA ARG A 50 -4.07 -1.67 5.57
C ARG A 50 -5.55 -2.04 5.61
N GLY A 51 -5.96 -2.84 6.61
CA GLY A 51 -7.36 -3.20 6.76
C GLY A 51 -7.62 -4.64 6.33
N LEU A 52 -8.92 -4.96 6.12
CA LEU A 52 -9.39 -6.26 5.65
C LEU A 52 -9.20 -7.33 6.74
N PRO A 53 -9.71 -8.55 6.54
CA PRO A 53 -9.51 -9.71 7.41
C PRO A 53 -8.04 -10.10 7.64
N TRP A 54 -7.10 -9.14 7.58
CA TRP A 54 -5.68 -9.39 7.70
C TRP A 54 -5.22 -10.50 6.76
N SER A 55 -5.88 -10.58 5.60
CA SER A 55 -5.52 -11.47 4.51
C SER A 55 -5.97 -10.82 3.21
N CYS A 56 -5.15 -10.90 2.15
CA CYS A 56 -5.43 -10.24 0.89
C CYS A 56 -4.56 -10.82 -0.22
N SER A 57 -4.80 -10.39 -1.47
CA SER A 57 -4.03 -10.82 -2.64
C SER A 57 -3.86 -9.62 -3.58
N VAL A 58 -2.92 -9.73 -4.52
CA VAL A 58 -2.57 -8.61 -5.40
C VAL A 58 -3.72 -8.23 -6.32
N GLU A 59 -4.69 -9.13 -6.53
CA GLU A 59 -5.81 -8.87 -7.42
C GLU A 59 -6.90 -8.06 -6.73
N ASP A 60 -6.97 -8.12 -5.39
CA ASP A 60 -7.98 -7.37 -4.66
C ASP A 60 -7.52 -5.94 -4.41
N VAL A 61 -6.21 -5.76 -4.17
CA VAL A 61 -5.66 -4.42 -3.94
C VAL A 61 -5.69 -3.60 -5.22
N GLN A 62 -5.46 -4.22 -6.39
CA GLN A 62 -5.55 -3.49 -7.65
C GLN A 62 -7.01 -3.23 -8.02
N ASN A 63 -7.93 -4.11 -7.57
CA ASN A 63 -9.36 -3.91 -7.78
C ASN A 63 -9.86 -2.72 -6.97
N PHE A 64 -9.17 -2.37 -5.88
CA PHE A 64 -9.61 -1.31 -4.98
C PHE A 64 -8.95 0.03 -5.33
N LEU A 65 -7.80 -0.01 -6.01
CA LEU A 65 -7.13 1.18 -6.51
C LEU A 65 -7.42 1.29 -8.00
N SER A 66 -8.70 1.45 -8.34
CA SER A 66 -9.14 1.60 -9.72
C SER A 66 -8.38 2.74 -10.41
N ASP A 67 -8.27 2.63 -11.74
CA ASP A 67 -7.57 3.55 -12.61
C ASP A 67 -6.09 3.77 -12.28
N CYS A 68 -5.56 3.14 -11.23
CA CYS A 68 -4.14 3.23 -10.93
C CYS A 68 -3.33 2.37 -11.91
N THR A 69 -2.00 2.37 -11.76
CA THR A 69 -1.11 1.66 -12.68
C THR A 69 -0.22 0.66 -11.95
N ILE A 70 -0.09 0.85 -10.63
CA ILE A 70 0.58 -0.08 -9.73
C ILE A 70 2.02 -0.38 -10.18
N HIS A 71 2.60 0.54 -10.96
CA HIS A 71 3.96 0.46 -11.48
C HIS A 71 4.16 -0.65 -12.51
N ASP A 72 3.62 -1.84 -12.26
CA ASP A 72 3.59 -2.95 -13.21
C ASP A 72 2.39 -3.88 -12.96
N GLY A 73 1.53 -3.57 -11.98
CA GLY A 73 0.41 -4.43 -11.65
C GLY A 73 0.85 -5.53 -10.69
N ALA A 74 0.69 -6.78 -11.12
CA ALA A 74 1.08 -7.96 -10.37
C ALA A 74 2.59 -8.03 -10.12
N ALA A 75 3.32 -6.98 -10.51
CA ALA A 75 4.77 -6.89 -10.33
C ALA A 75 5.16 -5.59 -9.61
N GLY A 76 4.19 -4.97 -8.92
CA GLY A 76 4.42 -3.77 -8.14
C GLY A 76 3.77 -3.87 -6.75
N VAL A 77 3.13 -5.01 -6.46
CA VAL A 77 2.51 -5.26 -5.16
C VAL A 77 3.61 -5.54 -4.11
N HIS A 78 3.27 -5.40 -2.83
CA HIS A 78 4.12 -5.77 -1.72
C HIS A 78 3.25 -6.16 -0.52
N PHE A 79 3.82 -6.89 0.44
CA PHE A 79 3.12 -7.32 1.64
C PHE A 79 4.09 -7.34 2.81
N ILE A 80 3.59 -7.58 4.03
CA ILE A 80 4.41 -7.46 5.23
C ILE A 80 4.23 -8.69 6.13
N TYR A 81 5.31 -9.45 6.31
CA TYR A 81 5.33 -10.61 7.18
C TYR A 81 6.77 -11.06 7.46
N THR A 82 6.97 -11.76 8.58
CA THR A 82 8.25 -12.34 8.95
C THR A 82 8.04 -13.61 9.77
N ARG A 83 9.14 -14.26 10.15
CA ARG A 83 9.17 -15.51 10.88
C ARG A 83 8.63 -15.43 12.31
N GLU A 84 8.09 -14.27 12.73
CA GLU A 84 7.63 -14.10 14.10
C GLU A 84 6.40 -13.20 14.20
N GLY A 85 5.88 -12.74 13.06
CA GLY A 85 4.69 -11.92 13.00
C GLY A 85 4.66 -11.33 11.59
N ARG A 86 3.51 -11.11 10.98
CA ARG A 86 2.16 -11.28 11.54
C ARG A 86 1.21 -11.85 10.49
N GLN A 87 1.72 -12.09 9.28
CA GLN A 87 0.99 -12.67 8.16
C GLN A 87 -0.27 -11.88 7.83
N SER A 88 -0.34 -10.61 8.27
CA SER A 88 -1.50 -9.76 8.06
C SER A 88 -1.63 -9.33 6.60
N GLY A 89 -2.69 -8.57 6.30
CA GLY A 89 -2.95 -8.05 4.97
C GLY A 89 -2.28 -6.71 4.74
N GLU A 90 -1.51 -6.23 5.74
CA GLU A 90 -0.78 -4.97 5.63
C GLU A 90 0.21 -5.06 4.47
N ALA A 91 0.34 -3.98 3.72
CA ALA A 91 1.06 -4.00 2.46
C ALA A 91 1.44 -2.61 1.97
N PHE A 92 2.05 -2.56 0.79
CA PHE A 92 2.35 -1.33 0.07
C PHE A 92 2.06 -1.55 -1.41
N VAL A 93 1.99 -0.45 -2.16
CA VAL A 93 1.76 -0.49 -3.60
C VAL A 93 2.53 0.65 -4.26
N GLU A 94 3.55 0.32 -5.05
CA GLU A 94 4.24 1.34 -5.83
C GLU A 94 3.38 1.67 -7.05
N LEU A 95 3.47 2.91 -7.52
CA LEU A 95 2.70 3.37 -8.67
C LEU A 95 3.62 3.98 -9.73
N GLY A 96 3.04 4.67 -10.70
CA GLY A 96 3.81 5.19 -11.83
C GLY A 96 3.78 6.72 -11.92
N SER A 97 2.78 7.39 -11.35
CA SER A 97 2.69 8.84 -11.42
C SER A 97 2.01 9.43 -10.19
N GLU A 98 2.08 10.75 -10.04
CA GLU A 98 1.41 11.47 -8.96
C GLU A 98 -0.10 11.26 -9.04
N ASP A 99 -0.63 11.13 -10.26
CA ASP A 99 -2.06 10.94 -10.42
C ASP A 99 -2.51 9.62 -9.81
N ASP A 100 -1.62 8.62 -9.77
CA ASP A 100 -1.95 7.32 -9.22
C ASP A 100 -1.96 7.38 -7.69
N VAL A 101 -0.98 8.07 -7.10
CA VAL A 101 -0.91 8.16 -5.64
C VAL A 101 -2.07 8.99 -5.13
N LYS A 102 -2.42 10.07 -5.84
CA LYS A 102 -3.56 10.88 -5.45
C LYS A 102 -4.85 10.05 -5.49
N MET A 103 -5.02 9.25 -6.55
CA MET A 103 -6.21 8.42 -6.70
C MET A 103 -6.30 7.34 -5.63
N ALA A 104 -5.16 6.84 -5.15
CA ALA A 104 -5.15 5.80 -4.13
C ALA A 104 -5.54 6.37 -2.75
N LEU A 105 -5.30 7.67 -2.54
CA LEU A 105 -5.63 8.34 -1.29
C LEU A 105 -7.09 8.77 -1.25
N LYS A 106 -7.79 8.77 -2.39
CA LYS A 106 -9.22 9.09 -2.43
C LYS A 106 -10.11 8.07 -1.72
N LYS A 107 -9.56 6.93 -1.30
CA LYS A 107 -10.31 5.86 -0.65
C LYS A 107 -9.56 5.37 0.58
N ASP A 108 -8.73 6.26 1.13
CA ASP A 108 -7.86 6.02 2.27
C ASP A 108 -8.50 5.38 3.50
N ARG A 109 -9.82 5.29 3.59
CA ARG A 109 -10.48 4.62 4.72
C ARG A 109 -11.92 4.22 4.39
N GLU A 110 -12.19 3.84 3.13
CA GLU A 110 -13.51 3.41 2.71
C GLU A 110 -13.50 1.92 2.35
N SER A 111 -14.62 1.40 1.82
CA SER A 111 -14.85 -0.03 1.77
C SER A 111 -15.00 -0.60 0.36
N MET A 112 -14.62 -1.87 0.20
CA MET A 112 -14.84 -2.61 -1.04
C MET A 112 -16.32 -2.93 -1.23
N GLY A 113 -17.08 -3.04 -0.13
CA GLY A 113 -18.51 -3.31 -0.22
C GLY A 113 -19.07 -4.08 0.98
N HIS A 114 -18.21 -4.60 1.88
CA HIS A 114 -18.69 -5.36 3.02
C HIS A 114 -17.79 -5.18 4.25
N ARG A 115 -16.56 -4.69 4.06
CA ARG A 115 -15.62 -4.37 5.13
C ARG A 115 -14.72 -3.25 4.65
N TYR A 116 -14.00 -2.56 5.55
CA TYR A 116 -13.30 -1.36 5.14
C TYR A 116 -11.79 -1.55 4.97
N ILE A 117 -11.23 -0.68 4.14
CA ILE A 117 -9.84 -0.75 3.72
C ILE A 117 -9.19 0.57 4.12
N GLU A 118 -7.87 0.60 4.15
CA GLU A 118 -7.13 1.80 4.50
C GLU A 118 -5.95 1.98 3.56
N VAL A 119 -5.64 3.24 3.25
CA VAL A 119 -4.55 3.60 2.35
C VAL A 119 -3.88 4.86 2.87
N PHE A 120 -2.61 5.04 2.54
CA PHE A 120 -1.88 6.21 3.00
C PHE A 120 -0.69 6.47 2.09
N LYS A 121 -0.18 7.70 2.10
CA LYS A 121 0.91 8.08 1.23
C LYS A 121 2.21 7.49 1.76
N SER A 122 3.16 7.22 0.87
CA SER A 122 4.45 6.65 1.23
C SER A 122 5.59 7.32 0.47
N HIS A 123 6.83 6.91 0.78
CA HIS A 123 8.04 7.52 0.23
C HIS A 123 9.12 6.47 -0.03
N ARG A 124 8.77 5.19 0.00
CA ARG A 124 9.62 4.06 -0.36
C ARG A 124 10.66 3.74 0.71
N THR A 125 11.17 4.75 1.42
CA THR A 125 12.15 4.52 2.48
C THR A 125 11.52 3.73 3.63
N GLU A 126 10.26 4.04 3.96
CA GLU A 126 9.54 3.30 4.98
C GLU A 126 9.22 1.91 4.46
N MET A 127 8.81 1.83 3.18
CA MET A 127 8.43 0.55 2.60
C MET A 127 9.57 -0.44 2.74
N ASP A 128 10.79 -0.03 2.39
CA ASP A 128 11.94 -0.91 2.40
C ASP A 128 12.30 -1.34 3.82
N TRP A 129 12.02 -0.47 4.80
CA TRP A 129 12.36 -0.69 6.20
C TRP A 129 11.51 -1.77 6.86
N VAL A 130 10.30 -2.01 6.34
CA VAL A 130 9.39 -3.00 6.92
C VAL A 130 9.19 -4.18 5.97
N LEU A 131 9.61 -4.06 4.71
CA LEU A 131 9.60 -5.18 3.77
C LEU A 131 10.69 -6.19 4.12
N LYS A 132 11.49 -5.91 5.16
CA LYS A 132 12.58 -6.77 5.59
C LYS A 132 12.56 -7.02 7.10
N HIS A 133 11.58 -6.44 7.81
CA HIS A 133 11.46 -6.59 9.25
C HIS A 133 10.02 -6.28 9.67
N SER A 134 9.50 -7.02 10.64
CA SER A 134 8.13 -6.84 11.12
C SER A 134 7.98 -7.44 12.51
N GLY A 135 6.76 -7.47 13.03
CA GLY A 135 6.50 -8.02 14.35
C GLY A 135 5.03 -8.46 14.50
N PRO A 136 4.69 -9.09 15.63
CA PRO A 136 3.36 -9.59 15.92
C PRO A 136 2.36 -8.46 16.12
N MET A 35 15.78 4.60 17.35
CA MET A 35 15.96 5.99 16.88
C MET A 35 15.86 6.06 15.36
N MET A 36 15.22 7.10 14.84
CA MET A 36 15.03 7.31 13.41
C MET A 36 15.11 8.81 13.09
N LEU A 37 15.19 9.14 11.79
CA LEU A 37 15.27 10.51 11.32
C LEU A 37 14.50 10.66 10.00
N GLY A 38 13.67 9.67 9.66
CA GLY A 38 12.89 9.66 8.43
C GLY A 38 11.83 8.57 8.43
N PRO A 39 11.06 8.40 9.51
CA PRO A 39 10.05 7.35 9.62
C PRO A 39 8.81 7.67 8.78
N GLU A 40 8.81 8.80 8.08
CA GLU A 40 7.69 9.22 7.25
C GLU A 40 8.18 10.10 6.09
N GLY A 41 7.29 10.36 5.13
CA GLY A 41 7.62 11.18 3.97
C GLY A 41 6.49 11.13 2.93
N GLY A 42 6.73 11.77 1.78
CA GLY A 42 5.77 11.81 0.69
C GLY A 42 6.46 12.12 -0.64
N GLU A 43 7.77 11.91 -0.70
CA GLU A 43 8.60 12.24 -1.86
C GLU A 43 8.59 11.13 -2.92
N GLY A 44 7.47 10.43 -3.07
CA GLY A 44 7.36 9.36 -4.06
C GLY A 44 5.92 9.08 -4.46
N PHE A 45 5.77 8.37 -5.58
CA PHE A 45 4.49 7.95 -6.13
C PHE A 45 4.10 6.59 -5.57
N VAL A 46 4.16 6.46 -4.25
CA VAL A 46 3.91 5.22 -3.55
C VAL A 46 2.89 5.46 -2.45
N VAL A 47 2.12 4.43 -2.09
CA VAL A 47 1.16 4.53 -1.00
C VAL A 47 1.18 3.28 -0.13
N LYS A 48 0.72 3.44 1.11
CA LYS A 48 0.58 2.35 2.06
C LYS A 48 -0.82 1.77 1.89
N LEU A 49 -1.00 0.49 2.25
CA LEU A 49 -2.28 -0.17 2.16
C LEU A 49 -2.46 -1.06 3.37
N ARG A 50 -3.64 -1.00 3.99
CA ARG A 50 -3.95 -1.78 5.17
C ARG A 50 -5.41 -2.22 5.12
N GLY A 51 -5.75 -3.33 5.77
CA GLY A 51 -7.14 -3.75 5.85
C GLY A 51 -7.34 -5.24 5.59
N LEU A 52 -8.61 -5.61 5.44
CA LEU A 52 -9.06 -7.00 5.24
C LEU A 52 -8.68 -7.93 6.41
N PRO A 53 -9.48 -8.98 6.64
CA PRO A 53 -9.33 -9.92 7.74
C PRO A 53 -8.02 -10.71 7.65
N TRP A 54 -6.98 -10.14 8.27
CA TRP A 54 -5.65 -10.73 8.44
C TRP A 54 -4.93 -11.17 7.15
N SER A 55 -5.53 -10.98 5.97
CA SER A 55 -4.93 -11.43 4.72
C SER A 55 -5.38 -10.57 3.54
N CYS A 56 -4.61 -10.61 2.45
CA CYS A 56 -4.88 -9.86 1.23
C CYS A 56 -4.07 -10.48 0.08
N SER A 57 -4.29 -10.01 -1.15
CA SER A 57 -3.54 -10.47 -2.32
C SER A 57 -3.40 -9.35 -3.33
N VAL A 58 -2.52 -9.53 -4.32
CA VAL A 58 -2.25 -8.50 -5.31
C VAL A 58 -3.46 -8.25 -6.21
N GLU A 59 -4.40 -9.21 -6.27
CA GLU A 59 -5.58 -9.08 -7.11
C GLU A 59 -6.67 -8.28 -6.41
N ASP A 60 -6.73 -8.30 -5.08
CA ASP A 60 -7.73 -7.54 -4.35
C ASP A 60 -7.31 -6.08 -4.27
N VAL A 61 -6.01 -5.82 -4.13
CA VAL A 61 -5.53 -4.45 -4.03
C VAL A 61 -5.64 -3.74 -5.37
N GLN A 62 -5.36 -4.42 -6.49
CA GLN A 62 -5.52 -3.79 -7.79
C GLN A 62 -7.00 -3.59 -8.12
N ASN A 63 -7.87 -4.41 -7.50
CA ASN A 63 -9.31 -4.25 -7.63
C ASN A 63 -9.80 -3.02 -6.85
N PHE A 64 -9.08 -2.60 -5.81
CA PHE A 64 -9.53 -1.51 -4.96
C PHE A 64 -9.00 -0.16 -5.42
N LEU A 65 -7.80 -0.10 -6.00
CA LEU A 65 -7.27 1.11 -6.60
C LEU A 65 -7.67 1.11 -8.08
N SER A 66 -8.97 0.93 -8.33
CA SER A 66 -9.57 0.77 -9.64
C SER A 66 -9.44 1.99 -10.56
N ASP A 67 -8.65 2.99 -10.16
CA ASP A 67 -8.42 4.19 -10.96
C ASP A 67 -6.93 4.44 -11.13
N CYS A 68 -6.10 3.52 -10.65
CA CYS A 68 -4.66 3.69 -10.57
C CYS A 68 -3.92 2.57 -11.29
N THR A 69 -2.59 2.61 -11.22
CA THR A 69 -1.72 1.61 -11.80
C THR A 69 -0.67 1.23 -10.75
N ILE A 70 -0.51 -0.06 -10.52
CA ILE A 70 0.37 -0.62 -9.50
C ILE A 70 1.80 -0.76 -10.07
N HIS A 71 2.22 0.27 -10.80
CA HIS A 71 3.50 0.34 -11.50
C HIS A 71 3.68 -0.76 -12.57
N ASP A 72 2.90 -1.84 -12.46
CA ASP A 72 2.87 -2.95 -13.41
C ASP A 72 1.51 -3.64 -13.31
N GLY A 73 0.98 -3.75 -12.08
CA GLY A 73 -0.34 -4.28 -11.80
C GLY A 73 -0.27 -5.40 -10.78
N ALA A 74 0.74 -6.26 -10.94
CA ALA A 74 0.98 -7.42 -10.11
C ALA A 74 2.48 -7.62 -9.90
N ALA A 75 3.27 -6.61 -10.27
CA ALA A 75 4.72 -6.64 -10.14
C ALA A 75 5.25 -5.42 -9.39
N GLY A 76 4.36 -4.73 -8.67
CA GLY A 76 4.69 -3.58 -7.84
C GLY A 76 4.00 -3.68 -6.48
N VAL A 77 3.36 -4.83 -6.20
CA VAL A 77 2.70 -5.08 -4.93
C VAL A 77 3.74 -5.36 -3.84
N HIS A 78 3.36 -5.22 -2.58
CA HIS A 78 4.21 -5.58 -1.44
C HIS A 78 3.34 -5.97 -0.26
N PHE A 79 3.89 -6.79 0.65
CA PHE A 79 3.22 -7.24 1.85
C PHE A 79 4.24 -7.39 2.99
N ILE A 80 3.75 -7.57 4.21
CA ILE A 80 4.61 -7.59 5.39
C ILE A 80 4.12 -8.71 6.32
N TYR A 81 5.05 -9.51 6.84
CA TYR A 81 4.73 -10.67 7.66
C TYR A 81 5.96 -11.10 8.48
N THR A 82 5.78 -12.12 9.32
CA THR A 82 6.88 -12.70 10.10
C THR A 82 6.70 -14.21 10.21
N ARG A 83 7.80 -14.88 10.61
CA ARG A 83 7.86 -16.32 10.79
C ARG A 83 7.15 -16.77 12.08
N GLU A 84 6.48 -15.85 12.78
CA GLU A 84 5.79 -16.11 14.04
C GLU A 84 4.44 -15.40 14.07
N GLY A 85 4.00 -14.89 12.92
CA GLY A 85 2.77 -14.13 12.81
C GLY A 85 2.02 -14.46 11.54
N ARG A 86 1.51 -13.43 10.87
CA ARG A 86 0.65 -13.55 9.71
C ARG A 86 0.82 -12.32 8.81
N GLN A 87 0.18 -12.32 7.63
CA GLN A 87 0.23 -11.22 6.69
C GLN A 87 -0.42 -9.93 7.23
N SER A 88 -0.79 -9.93 8.51
CA SER A 88 -1.42 -8.78 9.16
C SER A 88 -0.43 -7.63 9.36
N GLY A 89 0.81 -7.79 8.89
CA GLY A 89 1.81 -6.73 8.98
C GLY A 89 1.48 -5.59 8.02
N GLU A 90 0.43 -5.77 7.21
CA GLU A 90 -0.08 -4.79 6.25
C GLU A 90 0.75 -4.80 4.95
N ALA A 91 0.57 -3.77 4.11
CA ALA A 91 1.15 -3.77 2.77
C ALA A 91 1.49 -2.36 2.26
N PHE A 92 2.07 -2.33 1.05
CA PHE A 92 2.36 -1.12 0.30
C PHE A 92 1.99 -1.34 -1.17
N VAL A 93 1.93 -0.26 -1.95
CA VAL A 93 1.60 -0.33 -3.36
C VAL A 93 2.38 0.75 -4.11
N GLU A 94 3.32 0.32 -4.96
CA GLU A 94 4.03 1.25 -5.84
C GLU A 94 3.08 1.65 -6.96
N LEU A 95 3.25 2.87 -7.50
CA LEU A 95 2.42 3.33 -8.61
C LEU A 95 3.28 3.87 -9.75
N GLY A 96 2.60 4.37 -10.79
CA GLY A 96 3.27 4.83 -11.99
C GLY A 96 3.57 6.33 -11.99
N SER A 97 2.71 7.15 -11.39
CA SER A 97 2.88 8.60 -11.41
C SER A 97 2.23 9.26 -10.20
N GLU A 98 2.49 10.56 -10.03
CA GLU A 98 1.91 11.37 -8.97
C GLU A 98 0.38 11.37 -9.07
N ASP A 99 -0.16 11.21 -10.28
CA ASP A 99 -1.60 11.23 -10.44
C ASP A 99 -2.23 9.97 -9.84
N ASP A 100 -1.47 8.86 -9.80
CA ASP A 100 -1.97 7.62 -9.26
C ASP A 100 -1.96 7.65 -7.73
N VAL A 101 -0.95 8.28 -7.13
CA VAL A 101 -0.89 8.35 -5.67
C VAL A 101 -2.00 9.26 -5.16
N LYS A 102 -2.28 10.36 -5.84
CA LYS A 102 -3.37 11.24 -5.45
C LYS A 102 -4.70 10.48 -5.52
N MET A 103 -4.91 9.71 -6.58
CA MET A 103 -6.16 8.98 -6.78
C MET A 103 -6.32 7.82 -5.80
N ALA A 104 -5.21 7.24 -5.31
CA ALA A 104 -5.28 6.19 -4.32
C ALA A 104 -5.73 6.74 -2.96
N LEU A 105 -5.40 8.01 -2.68
CA LEU A 105 -5.76 8.66 -1.44
C LEU A 105 -7.22 9.12 -1.43
N LYS A 106 -7.85 9.21 -2.62
CA LYS A 106 -9.25 9.59 -2.73
C LYS A 106 -10.21 8.57 -2.13
N LYS A 107 -9.71 7.38 -1.74
CA LYS A 107 -10.54 6.34 -1.14
C LYS A 107 -9.87 5.76 0.09
N ASP A 108 -9.02 6.58 0.70
CA ASP A 108 -8.22 6.29 1.88
C ASP A 108 -8.91 5.55 3.04
N ARG A 109 -10.25 5.43 3.07
CA ARG A 109 -10.94 4.71 4.15
C ARG A 109 -12.19 3.99 3.64
N GLU A 110 -12.31 3.81 2.31
CA GLU A 110 -13.45 3.15 1.71
C GLU A 110 -13.44 1.64 2.00
N SER A 111 -14.21 0.90 1.19
CA SER A 111 -14.35 -0.54 1.32
C SER A 111 -14.45 -1.19 -0.07
N MET A 112 -14.12 -2.48 -0.15
CA MET A 112 -14.22 -3.22 -1.41
C MET A 112 -15.68 -3.59 -1.71
N GLY A 113 -16.58 -3.33 -0.76
CA GLY A 113 -18.00 -3.63 -0.90
C GLY A 113 -18.51 -4.44 0.29
N HIS A 114 -17.60 -5.06 1.05
CA HIS A 114 -17.95 -5.88 2.20
C HIS A 114 -16.94 -5.76 3.34
N ARG A 115 -15.83 -5.02 3.13
CA ARG A 115 -14.84 -4.84 4.18
C ARG A 115 -14.06 -3.55 4.00
N TYR A 116 -13.79 -2.87 5.11
CA TYR A 116 -13.07 -1.61 5.19
C TYR A 116 -11.60 -1.78 4.80
N ILE A 117 -11.09 -0.72 4.16
CA ILE A 117 -9.74 -0.65 3.62
C ILE A 117 -9.15 0.69 4.06
N GLU A 118 -7.82 0.77 4.09
CA GLU A 118 -7.10 1.94 4.57
C GLU A 118 -5.97 2.24 3.58
N VAL A 119 -5.76 3.52 3.27
CA VAL A 119 -4.71 3.97 2.38
C VAL A 119 -4.07 5.22 2.96
N PHE A 120 -2.78 5.40 2.68
CA PHE A 120 -2.03 6.53 3.20
C PHE A 120 -0.88 6.81 2.27
N LYS A 121 -0.38 8.04 2.24
CA LYS A 121 0.67 8.39 1.30
C LYS A 121 2.02 7.83 1.78
N SER A 122 2.93 7.61 0.83
CA SER A 122 4.24 7.04 1.13
C SER A 122 5.31 7.70 0.25
N HIS A 123 6.53 7.18 0.31
CA HIS A 123 7.67 7.77 -0.37
C HIS A 123 8.57 6.69 -0.98
N ARG A 124 8.84 5.62 -0.21
CA ARG A 124 9.57 4.40 -0.59
C ARG A 124 10.64 4.02 0.42
N THR A 125 11.11 4.98 1.23
CA THR A 125 12.16 4.72 2.21
C THR A 125 11.65 3.78 3.29
N GLU A 126 10.41 4.00 3.74
CA GLU A 126 9.79 3.11 4.72
C GLU A 126 9.44 1.78 4.07
N MET A 127 9.01 1.83 2.81
CA MET A 127 8.62 0.63 2.08
C MET A 127 9.81 -0.31 1.92
N ASP A 128 11.01 0.24 1.73
CA ASP A 128 12.22 -0.56 1.60
C ASP A 128 12.67 -1.12 2.94
N TRP A 129 12.33 -0.43 4.03
CA TRP A 129 12.77 -0.79 5.36
C TRP A 129 11.98 -1.95 5.96
N VAL A 130 10.68 -1.77 6.19
CA VAL A 130 9.87 -2.76 6.88
C VAL A 130 9.68 -4.03 6.06
N LEU A 131 9.95 -3.96 4.74
CA LEU A 131 9.90 -5.14 3.88
C LEU A 131 11.05 -6.10 4.19
N LYS A 132 12.02 -5.68 5.02
CA LYS A 132 13.21 -6.46 5.34
C LYS A 132 13.58 -6.36 6.82
N HIS A 133 12.70 -5.80 7.65
CA HIS A 133 12.96 -5.59 9.07
C HIS A 133 11.69 -5.84 9.90
N SER A 134 10.75 -6.61 9.36
CA SER A 134 9.50 -6.94 10.05
C SER A 134 9.77 -7.50 11.44
N GLY A 135 8.95 -7.10 12.42
CA GLY A 135 9.10 -7.56 13.78
C GLY A 135 8.20 -6.77 14.74
N PRO A 136 8.27 -7.08 16.04
CA PRO A 136 7.51 -6.41 17.08
C PRO A 136 8.01 -4.99 17.30
N MET A 35 18.79 1.92 10.37
CA MET A 35 19.09 1.74 8.94
C MET A 35 18.01 2.38 8.08
N MET A 36 18.42 3.17 7.07
CA MET A 36 17.51 3.85 6.18
C MET A 36 18.20 4.13 4.84
N LEU A 37 17.43 4.62 3.86
CA LEU A 37 17.95 4.96 2.55
C LEU A 37 18.94 6.14 2.63
N GLY A 38 19.66 6.39 1.54
CA GLY A 38 20.61 7.48 1.45
C GLY A 38 21.18 7.63 0.04
N PRO A 39 21.69 6.54 -0.56
CA PRO A 39 22.12 6.53 -1.95
C PRO A 39 21.02 6.94 -2.92
N GLU A 40 19.77 6.90 -2.47
CA GLU A 40 18.60 7.27 -3.25
C GLU A 40 17.48 7.65 -2.28
N GLY A 41 16.35 8.15 -2.80
CA GLY A 41 15.23 8.55 -1.97
C GLY A 41 13.96 8.75 -2.79
N GLY A 42 12.89 9.22 -2.14
CA GLY A 42 11.61 9.45 -2.79
C GLY A 42 10.68 10.25 -1.91
N GLU A 43 9.46 10.53 -2.41
CA GLU A 43 8.49 11.33 -1.70
C GLU A 43 7.05 11.00 -2.12
N GLY A 44 6.86 10.09 -3.07
CA GLY A 44 5.53 9.77 -3.56
C GLY A 44 5.54 8.73 -4.69
N PHE A 45 4.36 8.56 -5.30
CA PHE A 45 4.06 7.60 -6.34
C PHE A 45 4.00 6.22 -5.69
N VAL A 46 3.77 6.20 -4.37
CA VAL A 46 3.69 4.98 -3.59
C VAL A 46 2.65 5.22 -2.50
N VAL A 47 1.95 4.15 -2.10
CA VAL A 47 1.00 4.25 -1.00
C VAL A 47 1.04 3.01 -0.13
N LYS A 48 0.66 3.17 1.14
CA LYS A 48 0.51 2.08 2.07
C LYS A 48 -0.87 1.45 1.85
N LEU A 49 -1.03 0.19 2.23
CA LEU A 49 -2.29 -0.52 2.12
C LEU A 49 -2.44 -1.41 3.35
N ARG A 50 -3.63 -1.39 3.96
CA ARG A 50 -3.89 -2.19 5.14
C ARG A 50 -5.38 -2.47 5.27
N GLY A 51 -5.72 -3.59 5.93
CA GLY A 51 -7.11 -3.93 6.15
C GLY A 51 -7.37 -5.43 6.02
N LEU A 52 -8.66 -5.80 6.05
CA LEU A 52 -9.14 -7.18 5.95
C LEU A 52 -8.62 -8.09 7.07
N PRO A 53 -9.28 -9.25 7.28
CA PRO A 53 -8.90 -10.31 8.21
C PRO A 53 -7.45 -10.79 8.09
N TRP A 54 -6.52 -9.99 8.60
CA TRP A 54 -5.08 -10.26 8.62
C TRP A 54 -4.46 -10.62 7.26
N SER A 55 -5.19 -10.56 6.14
CA SER A 55 -4.61 -11.00 4.87
C SER A 55 -5.32 -10.39 3.65
N CYS A 56 -4.59 -10.32 2.54
CA CYS A 56 -5.04 -9.82 1.25
C CYS A 56 -4.08 -10.32 0.16
N SER A 57 -4.33 -9.96 -1.11
CA SER A 57 -3.48 -10.37 -2.22
C SER A 57 -3.42 -9.28 -3.28
N VAL A 58 -2.52 -9.45 -4.26
CA VAL A 58 -2.32 -8.44 -5.30
C VAL A 58 -3.56 -8.26 -6.17
N GLU A 59 -4.46 -9.25 -6.19
CA GLU A 59 -5.66 -9.17 -7.01
C GLU A 59 -6.75 -8.36 -6.30
N ASP A 60 -6.74 -8.33 -4.97
CA ASP A 60 -7.73 -7.56 -4.22
C ASP A 60 -7.35 -6.08 -4.22
N VAL A 61 -6.05 -5.80 -4.12
CA VAL A 61 -5.59 -4.42 -4.07
C VAL A 61 -5.75 -3.74 -5.42
N GLN A 62 -5.51 -4.45 -6.53
CA GLN A 62 -5.72 -3.87 -7.85
C GLN A 62 -7.22 -3.72 -8.14
N ASN A 63 -8.05 -4.54 -7.49
CA ASN A 63 -9.49 -4.41 -7.54
C ASN A 63 -9.97 -3.18 -6.78
N PHE A 64 -9.18 -2.70 -5.80
CA PHE A 64 -9.60 -1.59 -4.95
C PHE A 64 -9.01 -0.25 -5.39
N LEU A 65 -7.86 -0.28 -6.08
CA LEU A 65 -7.26 0.92 -6.66
C LEU A 65 -7.51 0.90 -8.17
N SER A 66 -8.78 0.75 -8.53
CA SER A 66 -9.26 0.62 -9.90
C SER A 66 -9.00 1.84 -10.79
N ASP A 67 -8.20 2.80 -10.31
CA ASP A 67 -7.85 4.00 -11.06
C ASP A 67 -6.33 4.17 -11.15
N CYS A 68 -5.58 3.19 -10.64
CA CYS A 68 -4.13 3.25 -10.55
C CYS A 68 -3.49 2.26 -11.52
N THR A 69 -2.15 2.20 -11.52
CA THR A 69 -1.40 1.37 -12.45
C THR A 69 -0.47 0.41 -11.72
N ILE A 70 -0.27 0.65 -10.43
CA ILE A 70 0.50 -0.24 -9.55
C ILE A 70 1.90 -0.50 -10.12
N HIS A 71 2.41 0.46 -10.89
CA HIS A 71 3.72 0.41 -11.55
C HIS A 71 3.83 -0.71 -12.59
N ASP A 72 2.96 -1.72 -12.53
CA ASP A 72 2.90 -2.82 -13.48
C ASP A 72 1.49 -3.45 -13.46
N GLY A 73 0.89 -3.52 -12.27
CA GLY A 73 -0.46 -4.02 -12.07
C GLY A 73 -0.50 -5.14 -11.04
N ALA A 74 0.53 -6.00 -11.09
CA ALA A 74 0.69 -7.16 -10.24
C ALA A 74 2.18 -7.42 -9.97
N ALA A 75 3.03 -6.45 -10.33
CA ALA A 75 4.48 -6.57 -10.16
C ALA A 75 5.04 -5.35 -9.44
N GLY A 76 4.17 -4.57 -8.79
CA GLY A 76 4.54 -3.42 -7.98
C GLY A 76 3.92 -3.55 -6.59
N VAL A 77 3.25 -4.67 -6.32
CA VAL A 77 2.65 -4.96 -5.03
C VAL A 77 3.75 -5.27 -4.00
N HIS A 78 3.42 -5.16 -2.70
CA HIS A 78 4.30 -5.55 -1.62
C HIS A 78 3.47 -6.02 -0.43
N PHE A 79 4.06 -6.87 0.40
CA PHE A 79 3.41 -7.36 1.62
C PHE A 79 4.48 -7.66 2.66
N ILE A 80 4.08 -7.72 3.93
CA ILE A 80 4.98 -8.03 5.04
C ILE A 80 4.25 -8.98 5.97
N TYR A 81 4.96 -9.95 6.55
CA TYR A 81 4.36 -10.92 7.46
C TYR A 81 5.43 -11.67 8.24
N THR A 82 4.99 -12.46 9.23
CA THR A 82 5.86 -13.29 10.05
C THR A 82 5.14 -14.57 10.43
N ARG A 83 5.91 -15.61 10.78
CA ARG A 83 5.45 -16.93 11.15
C ARG A 83 4.24 -17.42 10.34
N GLU A 84 4.16 -16.99 9.07
CA GLU A 84 3.03 -17.22 8.18
C GLU A 84 1.67 -17.14 8.88
N GLY A 85 1.48 -16.15 9.76
CA GLY A 85 0.23 -16.03 10.51
C GLY A 85 -0.19 -14.60 10.87
N ARG A 86 0.65 -13.59 10.65
CA ARG A 86 0.29 -12.19 10.89
C ARG A 86 1.12 -11.31 9.96
N GLN A 87 0.66 -10.09 9.69
CA GLN A 87 1.36 -9.21 8.77
C GLN A 87 2.42 -8.37 9.49
N SER A 88 2.18 -8.04 10.76
CA SER A 88 3.04 -7.21 11.59
C SER A 88 3.56 -5.94 10.90
N GLY A 89 2.96 -5.54 9.78
CA GLY A 89 3.42 -4.37 9.04
C GLY A 89 2.54 -4.04 7.82
N GLU A 90 1.35 -4.64 7.72
CA GLU A 90 0.44 -4.42 6.60
C GLU A 90 1.14 -4.59 5.25
N ALA A 91 0.90 -3.67 4.30
CA ALA A 91 1.43 -3.79 2.94
C ALA A 91 1.62 -2.42 2.27
N PHE A 92 2.07 -2.44 1.01
CA PHE A 92 2.30 -1.24 0.21
C PHE A 92 1.97 -1.49 -1.25
N VAL A 93 1.97 -0.42 -2.04
CA VAL A 93 1.71 -0.45 -3.47
C VAL A 93 2.52 0.65 -4.16
N GLU A 94 3.48 0.27 -5.00
CA GLU A 94 4.21 1.25 -5.80
C GLU A 94 3.33 1.62 -7.00
N LEU A 95 3.43 2.87 -7.46
CA LEU A 95 2.66 3.34 -8.60
C LEU A 95 3.57 3.88 -9.69
N GLY A 96 2.97 4.46 -10.73
CA GLY A 96 3.72 4.94 -11.88
C GLY A 96 3.93 6.45 -11.88
N SER A 97 3.01 7.23 -11.32
CA SER A 97 3.12 8.69 -11.35
C SER A 97 2.44 9.33 -10.14
N GLU A 98 2.64 10.66 -10.00
CA GLU A 98 2.03 11.45 -8.95
C GLU A 98 0.50 11.41 -9.05
N ASP A 99 -0.03 11.25 -10.27
CA ASP A 99 -1.46 11.24 -10.44
C ASP A 99 -2.07 9.97 -9.86
N ASP A 100 -1.29 8.88 -9.83
CA ASP A 100 -1.75 7.61 -9.30
C ASP A 100 -1.75 7.63 -7.78
N VAL A 101 -0.77 8.29 -7.15
CA VAL A 101 -0.72 8.35 -5.70
C VAL A 101 -1.85 9.23 -5.20
N LYS A 102 -2.15 10.32 -5.88
CA LYS A 102 -3.28 11.16 -5.51
C LYS A 102 -4.59 10.38 -5.60
N MET A 103 -4.79 9.66 -6.71
CA MET A 103 -6.01 8.90 -6.93
C MET A 103 -6.17 7.75 -5.95
N ALA A 104 -5.07 7.18 -5.44
CA ALA A 104 -5.14 6.10 -4.47
C ALA A 104 -5.57 6.63 -3.11
N LEU A 105 -5.21 7.88 -2.79
CA LEU A 105 -5.56 8.50 -1.52
C LEU A 105 -7.02 8.96 -1.49
N LYS A 106 -7.67 9.06 -2.66
CA LYS A 106 -9.07 9.44 -2.75
C LYS A 106 -10.02 8.39 -2.15
N LYS A 107 -9.51 7.21 -1.81
CA LYS A 107 -10.33 6.14 -1.23
C LYS A 107 -9.64 5.53 -0.02
N ASP A 108 -8.81 6.35 0.63
CA ASP A 108 -8.02 6.03 1.80
C ASP A 108 -8.73 5.33 2.97
N ARG A 109 -10.05 5.13 2.93
CA ARG A 109 -10.75 4.34 3.93
C ARG A 109 -12.08 3.75 3.40
N GLU A 110 -12.19 3.56 2.09
CA GLU A 110 -13.38 2.95 1.50
C GLU A 110 -13.46 1.45 1.81
N SER A 111 -14.28 0.75 1.03
CA SER A 111 -14.51 -0.68 1.19
C SER A 111 -14.70 -1.36 -0.16
N MET A 112 -14.36 -2.64 -0.22
CA MET A 112 -14.57 -3.45 -1.43
C MET A 112 -16.04 -3.83 -1.58
N GLY A 113 -16.83 -3.59 -0.53
CA GLY A 113 -18.26 -3.89 -0.52
C GLY A 113 -18.66 -4.75 0.67
N HIS A 114 -17.70 -5.17 1.50
CA HIS A 114 -17.99 -6.03 2.64
C HIS A 114 -17.03 -5.82 3.81
N ARG A 115 -15.88 -5.17 3.60
CA ARG A 115 -14.94 -4.93 4.69
C ARG A 115 -14.09 -3.70 4.46
N TYR A 116 -13.62 -3.10 5.56
CA TYR A 116 -12.84 -1.89 5.64
C TYR A 116 -11.44 -2.06 5.05
N ILE A 117 -11.10 -1.15 4.13
CA ILE A 117 -9.79 -1.06 3.51
C ILE A 117 -9.24 0.32 3.81
N GLU A 118 -7.93 0.50 3.68
CA GLU A 118 -7.31 1.78 3.91
C GLU A 118 -6.12 2.00 2.99
N VAL A 119 -5.78 3.28 2.80
CA VAL A 119 -4.65 3.70 2.00
C VAL A 119 -4.02 4.91 2.69
N PHE A 120 -2.73 5.13 2.47
CA PHE A 120 -2.03 6.26 3.04
C PHE A 120 -0.82 6.57 2.17
N LYS A 121 -0.32 7.80 2.21
CA LYS A 121 0.75 8.20 1.32
C LYS A 121 2.08 7.57 1.76
N SER A 122 2.98 7.35 0.81
CA SER A 122 4.29 6.76 1.07
C SER A 122 5.35 7.44 0.22
N HIS A 123 6.62 7.08 0.45
CA HIS A 123 7.78 7.75 -0.17
C HIS A 123 8.96 6.79 -0.35
N ARG A 124 8.71 5.48 -0.19
CA ARG A 124 9.66 4.38 -0.38
C ARG A 124 10.60 4.19 0.81
N THR A 125 10.91 5.24 1.56
CA THR A 125 11.81 5.10 2.70
C THR A 125 11.16 4.26 3.80
N GLU A 126 9.86 4.47 4.03
CA GLU A 126 9.11 3.66 4.98
C GLU A 126 8.97 2.25 4.43
N MET A 127 8.63 2.14 3.14
CA MET A 127 8.38 0.86 2.51
C MET A 127 9.63 0.00 2.54
N ASP A 128 10.80 0.58 2.25
CA ASP A 128 12.05 -0.16 2.24
C ASP A 128 12.41 -0.67 3.63
N TRP A 129 12.04 0.09 4.66
CA TRP A 129 12.41 -0.23 6.03
C TRP A 129 11.67 -1.47 6.53
N VAL A 130 10.33 -1.47 6.47
CA VAL A 130 9.55 -2.56 7.02
C VAL A 130 9.60 -3.80 6.14
N LEU A 131 9.83 -3.65 4.82
CA LEU A 131 10.00 -4.80 3.93
C LEU A 131 11.30 -5.55 4.28
N LYS A 132 12.15 -4.99 5.15
CA LYS A 132 13.47 -5.53 5.43
C LYS A 132 13.82 -5.50 6.92
N HIS A 133 12.86 -5.18 7.80
CA HIS A 133 13.13 -5.05 9.22
C HIS A 133 11.93 -5.44 10.09
N SER A 134 10.87 -5.99 9.50
CA SER A 134 9.69 -6.41 10.24
C SER A 134 9.98 -7.62 11.13
N GLY A 135 11.21 -8.14 11.09
CA GLY A 135 11.62 -9.28 11.88
C GLY A 135 13.09 -9.62 11.65
N PRO A 136 13.60 -10.67 12.32
CA PRO A 136 14.96 -11.16 12.19
C PRO A 136 15.42 -11.29 10.74
N MET A 35 6.79 15.20 18.66
CA MET A 35 5.39 15.61 18.91
C MET A 35 4.58 15.49 17.62
N MET A 36 3.53 14.65 17.66
CA MET A 36 2.68 14.34 16.52
C MET A 36 3.46 13.82 15.32
N LEU A 37 2.75 13.49 14.24
CA LEU A 37 3.35 12.96 13.02
C LEU A 37 2.43 13.16 11.81
N GLY A 38 2.94 12.86 10.63
CA GLY A 38 2.19 12.99 9.37
C GLY A 38 3.10 12.70 8.18
N PRO A 39 2.58 12.80 6.96
CA PRO A 39 3.33 12.61 5.73
C PRO A 39 4.57 13.52 5.67
N GLU A 40 5.57 13.11 4.89
CA GLU A 40 6.81 13.87 4.75
C GLU A 40 7.37 13.79 3.33
N GLY A 41 6.65 13.15 2.40
CA GLY A 41 7.13 13.01 1.04
C GLY A 41 6.17 12.22 0.16
N GLY A 42 6.56 12.03 -1.10
CA GLY A 42 5.79 11.32 -2.10
C GLY A 42 6.63 11.03 -3.34
N GLU A 43 7.95 11.04 -3.18
CA GLU A 43 8.92 10.94 -4.27
C GLU A 43 9.00 9.53 -4.87
N GLY A 44 8.10 8.64 -4.47
CA GLY A 44 8.10 7.26 -4.93
C GLY A 44 6.78 6.86 -5.60
N PHE A 45 5.78 7.74 -5.56
CA PHE A 45 4.42 7.45 -5.98
C PHE A 45 3.92 6.16 -5.34
N VAL A 46 4.47 5.82 -4.18
CA VAL A 46 4.06 4.63 -3.44
C VAL A 46 2.95 5.02 -2.48
N VAL A 47 2.12 4.05 -2.09
CA VAL A 47 1.13 4.25 -1.04
C VAL A 47 1.11 3.05 -0.12
N LYS A 48 0.68 3.29 1.12
CA LYS A 48 0.51 2.23 2.10
C LYS A 48 -0.90 1.68 1.99
N LEU A 49 -1.09 0.45 2.45
CA LEU A 49 -2.40 -0.20 2.47
C LEU A 49 -2.54 -0.87 3.82
N ARG A 50 -3.76 -0.86 4.39
CA ARG A 50 -4.02 -1.44 5.69
C ARG A 50 -5.46 -1.94 5.72
N GLY A 51 -5.71 -3.01 6.49
CA GLY A 51 -7.06 -3.53 6.66
C GLY A 51 -7.17 -5.00 6.32
N LEU A 52 -8.42 -5.47 6.20
CA LEU A 52 -8.78 -6.86 5.93
C LEU A 52 -8.34 -7.82 7.04
N PRO A 53 -9.01 -8.97 7.17
CA PRO A 53 -8.70 -10.01 8.14
C PRO A 53 -7.35 -10.69 7.86
N TRP A 54 -6.26 -9.93 8.06
CA TRP A 54 -4.88 -10.39 7.93
C TRP A 54 -4.61 -11.16 6.64
N SER A 55 -5.40 -10.93 5.59
CA SER A 55 -5.22 -11.62 4.32
C SER A 55 -5.71 -10.74 3.16
N CYS A 56 -5.03 -10.86 2.01
CA CYS A 56 -5.34 -10.09 0.81
C CYS A 56 -4.60 -10.71 -0.37
N SER A 57 -4.78 -10.15 -1.57
CA SER A 57 -4.07 -10.58 -2.76
C SER A 57 -3.81 -9.38 -3.67
N VAL A 58 -2.89 -9.54 -4.62
CA VAL A 58 -2.50 -8.45 -5.50
C VAL A 58 -3.64 -8.08 -6.45
N GLU A 59 -4.61 -8.98 -6.64
CA GLU A 59 -5.72 -8.74 -7.53
C GLU A 59 -6.84 -7.97 -6.83
N ASP A 60 -6.95 -8.11 -5.51
CA ASP A 60 -7.98 -7.39 -4.77
C ASP A 60 -7.53 -5.95 -4.52
N VAL A 61 -6.23 -5.74 -4.31
CA VAL A 61 -5.72 -4.40 -4.06
C VAL A 61 -5.74 -3.55 -5.34
N GLN A 62 -5.44 -4.14 -6.50
CA GLN A 62 -5.52 -3.39 -7.74
C GLN A 62 -6.99 -3.14 -8.12
N ASN A 63 -7.90 -4.01 -7.66
CA ASN A 63 -9.33 -3.81 -7.86
C ASN A 63 -9.85 -2.64 -7.03
N PHE A 64 -9.20 -2.35 -5.89
CA PHE A 64 -9.64 -1.30 -4.99
C PHE A 64 -9.07 0.06 -5.37
N LEU A 65 -7.99 0.06 -6.15
CA LEU A 65 -7.35 1.27 -6.66
C LEU A 65 -7.74 1.48 -8.11
N SER A 66 -9.04 1.69 -8.35
CA SER A 66 -9.57 1.95 -9.68
C SER A 66 -8.83 3.11 -10.35
N ASP A 67 -8.70 3.01 -11.67
CA ASP A 67 -8.01 3.97 -12.53
C ASP A 67 -6.53 4.20 -12.18
N CYS A 68 -6.02 3.59 -11.12
CA CYS A 68 -4.61 3.69 -10.77
C CYS A 68 -3.78 2.71 -11.60
N THR A 69 -2.47 2.68 -11.33
CA THR A 69 -1.53 1.76 -11.94
C THR A 69 -0.56 1.31 -10.85
N ILE A 70 -0.23 0.02 -10.83
CA ILE A 70 0.58 -0.58 -9.76
C ILE A 70 2.03 -0.71 -10.22
N HIS A 71 2.53 0.36 -10.86
CA HIS A 71 3.88 0.48 -11.39
C HIS A 71 4.24 -0.54 -12.49
N ASP A 72 3.60 -1.71 -12.46
CA ASP A 72 3.74 -2.76 -13.47
C ASP A 72 2.51 -3.68 -13.44
N GLY A 73 1.83 -3.77 -12.30
CA GLY A 73 0.72 -4.69 -12.09
C GLY A 73 1.26 -6.09 -11.85
N ALA A 74 0.84 -6.71 -10.75
CA ALA A 74 1.34 -7.99 -10.28
C ALA A 74 2.87 -8.03 -10.19
N ALA A 75 3.52 -6.87 -10.28
CA ALA A 75 4.96 -6.72 -10.22
C ALA A 75 5.35 -5.45 -9.46
N GLY A 76 4.41 -4.88 -8.71
CA GLY A 76 4.63 -3.70 -7.88
C GLY A 76 3.90 -3.81 -6.55
N VAL A 77 3.28 -4.97 -6.27
CA VAL A 77 2.58 -5.20 -5.01
C VAL A 77 3.58 -5.50 -3.90
N HIS A 78 3.18 -5.32 -2.63
CA HIS A 78 3.98 -5.68 -1.47
C HIS A 78 3.06 -5.96 -0.28
N PHE A 79 3.58 -6.64 0.74
CA PHE A 79 2.86 -6.98 1.95
C PHE A 79 3.84 -7.05 3.13
N ILE A 80 3.33 -7.15 4.36
CA ILE A 80 4.19 -7.12 5.55
C ILE A 80 3.81 -8.24 6.52
N TYR A 81 4.75 -9.17 6.76
CA TYR A 81 4.53 -10.33 7.62
C TYR A 81 5.87 -10.91 8.07
N THR A 82 5.82 -12.03 8.80
CA THR A 82 7.02 -12.74 9.24
C THR A 82 6.85 -14.24 9.08
N ARG A 83 7.98 -14.95 9.15
CA ARG A 83 8.06 -16.39 8.95
C ARG A 83 7.49 -17.19 10.13
N GLU A 84 6.99 -16.52 11.17
CA GLU A 84 6.51 -17.19 12.37
C GLU A 84 5.33 -16.43 12.97
N GLY A 85 4.52 -15.80 12.12
CA GLY A 85 3.38 -15.00 12.58
C GLY A 85 2.30 -14.93 11.51
N ARG A 86 1.79 -13.72 11.31
CA ARG A 86 0.66 -13.40 10.43
C ARG A 86 0.89 -12.03 9.83
N GLN A 87 0.03 -11.62 8.89
CA GLN A 87 0.14 -10.28 8.31
C GLN A 87 0.02 -9.27 9.45
N SER A 88 0.86 -8.24 9.45
CA SER A 88 0.81 -7.21 10.47
C SER A 88 -0.46 -6.38 10.36
N GLY A 89 -1.18 -6.52 9.24
CA GLY A 89 -2.40 -5.78 8.95
C GLY A 89 -2.11 -4.72 7.90
N GLU A 90 -0.88 -4.70 7.37
CA GLU A 90 -0.43 -3.64 6.48
C GLU A 90 0.32 -4.18 5.27
N ALA A 91 0.45 -3.30 4.27
CA ALA A 91 1.06 -3.60 2.98
C ALA A 91 1.39 -2.30 2.26
N PHE A 92 1.89 -2.39 1.02
CA PHE A 92 2.17 -1.23 0.19
C PHE A 92 1.80 -1.51 -1.26
N VAL A 93 1.74 -0.44 -2.06
CA VAL A 93 1.47 -0.51 -3.48
C VAL A 93 2.28 0.57 -4.18
N GLU A 94 3.26 0.17 -5.00
CA GLU A 94 4.00 1.13 -5.80
C GLU A 94 3.10 1.58 -6.96
N LEU A 95 3.22 2.84 -7.40
CA LEU A 95 2.41 3.29 -8.53
C LEU A 95 3.31 3.90 -9.61
N GLY A 96 2.68 4.45 -10.66
CA GLY A 96 3.41 4.92 -11.83
C GLY A 96 3.48 6.45 -11.93
N SER A 97 2.57 7.18 -11.30
CA SER A 97 2.57 8.64 -11.35
C SER A 97 2.02 9.23 -10.08
N GLU A 98 2.26 10.54 -9.88
CA GLU A 98 1.70 11.28 -8.75
C GLU A 98 0.18 11.21 -8.81
N ASP A 99 -0.38 11.17 -10.00
CA ASP A 99 -1.82 11.12 -10.16
C ASP A 99 -2.40 9.82 -9.64
N ASP A 100 -1.61 8.74 -9.61
CA ASP A 100 -2.04 7.46 -9.08
C ASP A 100 -2.04 7.50 -7.56
N VAL A 101 -1.03 8.13 -6.94
CA VAL A 101 -0.98 8.22 -5.49
C VAL A 101 -2.07 9.16 -5.01
N LYS A 102 -2.31 10.26 -5.73
CA LYS A 102 -3.41 11.15 -5.43
C LYS A 102 -4.72 10.38 -5.42
N MET A 103 -4.98 9.62 -6.49
CA MET A 103 -6.22 8.85 -6.62
C MET A 103 -6.32 7.76 -5.56
N ALA A 104 -5.19 7.24 -5.07
CA ALA A 104 -5.19 6.21 -4.05
C ALA A 104 -5.55 6.79 -2.68
N LEU A 105 -5.24 8.05 -2.43
CA LEU A 105 -5.55 8.71 -1.18
C LEU A 105 -7.02 9.16 -1.12
N LYS A 106 -7.71 9.17 -2.26
CA LYS A 106 -9.12 9.54 -2.31
C LYS A 106 -10.05 8.51 -1.66
N LYS A 107 -9.55 7.32 -1.32
CA LYS A 107 -10.37 6.28 -0.72
C LYS A 107 -9.71 5.71 0.54
N ASP A 108 -8.98 6.58 1.25
CA ASP A 108 -8.17 6.24 2.42
C ASP A 108 -8.87 5.44 3.53
N ARG A 109 -10.18 5.20 3.47
CA ARG A 109 -10.87 4.37 4.46
C ARG A 109 -12.16 3.75 3.92
N GLU A 110 -12.28 3.61 2.59
CA GLU A 110 -13.45 3.01 1.97
C GLU A 110 -13.49 1.49 2.19
N SER A 111 -14.25 0.80 1.33
CA SER A 111 -14.44 -0.63 1.39
C SER A 111 -14.52 -1.22 -0.02
N MET A 112 -14.07 -2.47 -0.17
CA MET A 112 -14.17 -3.18 -1.44
C MET A 112 -15.61 -3.59 -1.70
N GLY A 113 -16.47 -3.49 -0.67
CA GLY A 113 -17.87 -3.84 -0.77
C GLY A 113 -18.30 -4.71 0.41
N HIS A 114 -17.34 -5.24 1.18
CA HIS A 114 -17.65 -6.14 2.29
C HIS A 114 -16.70 -5.98 3.48
N ARG A 115 -15.63 -5.18 3.36
CA ARG A 115 -14.70 -5.00 4.48
C ARG A 115 -13.93 -3.69 4.38
N TYR A 116 -13.61 -3.14 5.56
CA TYR A 116 -12.91 -1.89 5.79
C TYR A 116 -11.48 -1.97 5.26
N ILE A 117 -11.13 -0.97 4.46
CA ILE A 117 -9.80 -0.82 3.88
C ILE A 117 -9.24 0.51 4.34
N GLU A 118 -7.93 0.70 4.21
CA GLU A 118 -7.27 1.95 4.54
C GLU A 118 -6.08 2.19 3.62
N VAL A 119 -5.71 3.45 3.44
CA VAL A 119 -4.63 3.84 2.53
C VAL A 119 -3.90 5.05 3.10
N PHE A 120 -2.64 5.25 2.69
CA PHE A 120 -1.86 6.38 3.13
C PHE A 120 -0.74 6.66 2.12
N LYS A 121 -0.12 7.84 2.22
CA LYS A 121 0.91 8.24 1.28
C LYS A 121 2.26 7.63 1.67
N SER A 122 3.12 7.41 0.68
CA SER A 122 4.44 6.83 0.90
C SER A 122 5.44 7.35 -0.13
N HIS A 123 6.71 6.94 0.00
CA HIS A 123 7.82 7.45 -0.81
C HIS A 123 8.89 6.37 -1.03
N ARG A 124 8.55 5.12 -0.73
CA ARG A 124 9.36 3.93 -1.03
C ARG A 124 10.52 3.72 -0.05
N THR A 125 11.05 4.78 0.55
CA THR A 125 12.12 4.63 1.54
C THR A 125 11.58 3.96 2.79
N GLU A 126 10.36 4.33 3.20
CA GLU A 126 9.70 3.67 4.32
C GLU A 126 9.34 2.25 3.94
N MET A 127 8.92 2.04 2.69
CA MET A 127 8.53 0.72 2.24
C MET A 127 9.69 -0.26 2.45
N ASP A 128 10.90 0.14 2.05
CA ASP A 128 12.07 -0.71 2.15
C ASP A 128 12.46 -1.00 3.60
N TRP A 129 12.15 -0.05 4.50
CA TRP A 129 12.50 -0.14 5.90
C TRP A 129 11.64 -1.15 6.66
N VAL A 130 10.46 -1.49 6.15
CA VAL A 130 9.56 -2.43 6.81
C VAL A 130 9.30 -3.68 5.96
N LEU A 131 9.68 -3.67 4.68
CA LEU A 131 9.59 -4.86 3.84
C LEU A 131 10.66 -5.89 4.23
N LYS A 132 11.57 -5.54 5.14
CA LYS A 132 12.65 -6.42 5.57
C LYS A 132 12.77 -6.51 7.08
N HIS A 133 11.86 -5.85 7.81
CA HIS A 133 11.85 -5.88 9.27
C HIS A 133 10.45 -5.52 9.77
N SER A 134 10.02 -6.15 10.87
CA SER A 134 8.70 -5.91 11.43
C SER A 134 8.71 -6.13 12.93
N GLY A 135 7.63 -5.73 13.60
CA GLY A 135 7.50 -5.88 15.04
C GLY A 135 6.11 -5.47 15.53
N PRO A 136 5.85 -5.62 16.83
CA PRO A 136 4.58 -5.27 17.45
C PRO A 136 4.38 -3.74 17.47
N MET A 35 11.75 9.97 -9.82
CA MET A 35 10.37 9.97 -9.28
C MET A 35 10.19 11.13 -8.30
N MET A 36 10.73 10.98 -7.08
CA MET A 36 10.67 12.02 -6.07
C MET A 36 11.49 13.24 -6.48
N LEU A 37 11.36 14.34 -5.74
CA LEU A 37 12.11 15.57 -5.98
C LEU A 37 13.61 15.37 -5.69
N GLY A 38 13.97 14.25 -5.07
CA GLY A 38 15.34 13.92 -4.75
C GLY A 38 15.40 12.67 -3.86
N PRO A 39 16.61 12.18 -3.55
CA PRO A 39 16.81 11.00 -2.73
C PRO A 39 16.48 11.26 -1.26
N GLU A 40 16.08 12.49 -0.93
CA GLU A 40 15.74 12.88 0.44
C GLU A 40 14.54 13.82 0.44
N GLY A 41 13.84 13.95 -0.70
CA GLY A 41 12.71 14.85 -0.83
C GLY A 41 11.39 14.19 -0.43
N GLY A 42 11.37 12.85 -0.34
CA GLY A 42 10.19 12.11 0.06
C GLY A 42 9.03 12.26 -0.94
N GLU A 43 7.86 11.75 -0.55
CA GLU A 43 6.63 11.77 -1.33
C GLU A 43 6.82 11.26 -2.75
N GLY A 44 6.62 9.95 -2.92
CA GLY A 44 6.81 9.26 -4.18
C GLY A 44 5.47 8.72 -4.67
N PHE A 45 5.49 8.08 -5.83
CA PHE A 45 4.30 7.53 -6.47
C PHE A 45 3.99 6.16 -5.89
N VAL A 46 4.04 6.07 -4.56
CA VAL A 46 3.86 4.84 -3.81
C VAL A 46 2.89 5.12 -2.66
N VAL A 47 2.12 4.11 -2.26
CA VAL A 47 1.19 4.27 -1.14
C VAL A 47 1.20 3.03 -0.25
N LYS A 48 0.77 3.24 0.99
CA LYS A 48 0.61 2.17 1.97
C LYS A 48 -0.80 1.61 1.83
N LEU A 49 -1.01 0.37 2.28
CA LEU A 49 -2.31 -0.28 2.22
C LEU A 49 -2.48 -1.15 3.47
N ARG A 50 -3.69 -1.17 4.03
CA ARG A 50 -4.03 -1.99 5.19
C ARG A 50 -5.52 -2.27 5.17
N GLY A 51 -5.95 -3.39 5.74
CA GLY A 51 -7.37 -3.70 5.84
C GLY A 51 -7.68 -5.16 5.54
N LEU A 52 -8.97 -5.51 5.54
CA LEU A 52 -9.45 -6.87 5.32
C LEU A 52 -8.89 -7.87 6.35
N PRO A 53 -9.45 -9.09 6.42
CA PRO A 53 -8.82 -10.16 7.18
C PRO A 53 -7.39 -10.32 6.70
N TRP A 54 -6.48 -10.63 7.62
CA TRP A 54 -5.06 -10.68 7.32
C TRP A 54 -4.70 -11.93 6.49
N SER A 55 -5.17 -11.96 5.24
CA SER A 55 -4.92 -13.01 4.27
C SER A 55 -5.08 -12.48 2.84
N CYS A 56 -5.05 -11.15 2.70
CA CYS A 56 -5.26 -10.43 1.44
C CYS A 56 -4.22 -10.82 0.38
N SER A 57 -4.43 -10.37 -0.86
CA SER A 57 -3.55 -10.66 -1.99
C SER A 57 -3.44 -9.45 -2.93
N VAL A 58 -2.48 -9.51 -3.85
CA VAL A 58 -2.16 -8.42 -4.76
C VAL A 58 -3.31 -8.10 -5.71
N GLU A 59 -4.25 -9.03 -5.91
CA GLU A 59 -5.34 -8.80 -6.85
C GLU A 59 -6.45 -8.01 -6.21
N ASP A 60 -6.62 -8.11 -4.88
CA ASP A 60 -7.67 -7.37 -4.19
C ASP A 60 -7.23 -5.92 -4.01
N VAL A 61 -5.95 -5.69 -3.73
CA VAL A 61 -5.42 -4.35 -3.53
C VAL A 61 -5.50 -3.54 -4.81
N GLN A 62 -5.15 -4.12 -5.98
CA GLN A 62 -5.24 -3.36 -7.22
C GLN A 62 -6.70 -3.24 -7.68
N ASN A 63 -7.58 -4.11 -7.20
CA ASN A 63 -9.01 -4.02 -7.50
C ASN A 63 -9.64 -2.83 -6.79
N PHE A 64 -9.07 -2.42 -5.65
CA PHE A 64 -9.64 -1.35 -4.83
C PHE A 64 -9.19 0.03 -5.32
N LEU A 65 -7.96 0.14 -5.82
CA LEU A 65 -7.49 1.38 -6.43
C LEU A 65 -7.87 1.36 -7.91
N SER A 66 -9.17 1.11 -8.16
CA SER A 66 -9.77 0.94 -9.49
C SER A 66 -9.67 2.17 -10.41
N ASP A 67 -8.95 3.21 -9.99
CA ASP A 67 -8.76 4.41 -10.79
C ASP A 67 -7.28 4.68 -11.04
N CYS A 68 -6.42 3.80 -10.51
CA CYS A 68 -4.99 3.97 -10.51
C CYS A 68 -4.32 2.95 -11.42
N THR A 69 -2.98 2.94 -11.42
CA THR A 69 -2.18 2.04 -12.24
C THR A 69 -1.00 1.58 -11.40
N ILE A 70 -0.78 0.26 -11.41
CA ILE A 70 0.26 -0.38 -10.61
C ILE A 70 1.59 -0.25 -11.33
N HIS A 71 2.65 -0.01 -10.56
CA HIS A 71 4.00 0.17 -11.09
C HIS A 71 4.44 -0.94 -12.06
N ASP A 72 4.01 -2.19 -11.82
CA ASP A 72 4.24 -3.30 -12.75
C ASP A 72 3.13 -4.36 -12.66
N GLY A 73 2.11 -4.14 -11.83
CA GLY A 73 1.08 -5.13 -11.61
C GLY A 73 1.42 -5.95 -10.37
N ALA A 74 1.32 -7.26 -10.47
CA ALA A 74 1.68 -8.18 -9.40
C ALA A 74 3.18 -8.12 -9.08
N ALA A 75 3.92 -7.24 -9.76
CA ALA A 75 5.34 -7.00 -9.53
C ALA A 75 5.56 -5.62 -8.92
N GLY A 76 4.48 -5.03 -8.37
CA GLY A 76 4.50 -3.73 -7.74
C GLY A 76 3.74 -3.76 -6.42
N VAL A 77 3.69 -4.92 -5.77
CA VAL A 77 2.98 -5.10 -4.51
C VAL A 77 3.96 -5.51 -3.41
N HIS A 78 3.54 -5.36 -2.16
CA HIS A 78 4.29 -5.83 -0.99
C HIS A 78 3.32 -6.16 0.14
N PHE A 79 3.76 -6.99 1.08
CA PHE A 79 2.98 -7.34 2.26
C PHE A 79 3.93 -7.58 3.42
N ILE A 80 3.53 -7.20 4.64
CA ILE A 80 4.42 -7.31 5.80
C ILE A 80 4.18 -8.65 6.49
N TYR A 81 5.24 -9.27 7.00
CA TYR A 81 5.16 -10.52 7.73
C TYR A 81 6.46 -10.76 8.49
N THR A 82 6.49 -11.84 9.26
CA THR A 82 7.67 -12.27 10.02
C THR A 82 7.75 -13.80 9.99
N ARG A 83 8.84 -14.35 10.55
CA ARG A 83 9.02 -15.80 10.59
C ARG A 83 7.86 -16.47 11.31
N GLU A 84 7.23 -15.76 12.26
CA GLU A 84 6.02 -16.19 12.93
C GLU A 84 5.43 -15.03 13.73
N GLY A 85 4.34 -14.44 13.24
CA GLY A 85 3.63 -13.42 14.02
C GLY A 85 2.38 -12.92 13.32
N ARG A 86 2.47 -12.61 12.02
CA ARG A 86 1.35 -12.18 11.20
C ARG A 86 1.70 -12.36 9.73
N GLN A 87 0.69 -12.21 8.85
CA GLN A 87 0.90 -12.36 7.43
C GLN A 87 -0.15 -11.54 6.66
N SER A 88 0.27 -10.93 5.55
CA SER A 88 -0.60 -10.22 4.61
C SER A 88 -1.77 -9.50 5.28
N GLY A 89 -1.47 -8.61 6.24
CA GLY A 89 -2.47 -7.85 6.98
C GLY A 89 -2.13 -6.37 6.93
N GLU A 90 -1.03 -6.08 6.22
CA GLU A 90 -0.50 -4.75 5.99
C GLU A 90 0.32 -4.85 4.71
N ALA A 91 0.40 -3.76 3.95
CA ALA A 91 1.00 -3.82 2.62
C ALA A 91 1.39 -2.44 2.10
N PHE A 92 1.92 -2.45 0.87
CA PHE A 92 2.24 -1.25 0.10
C PHE A 92 1.89 -1.54 -1.36
N VAL A 93 1.71 -0.49 -2.16
CA VAL A 93 1.41 -0.62 -3.57
C VAL A 93 2.13 0.48 -4.32
N GLU A 94 3.04 0.09 -5.22
CA GLU A 94 3.76 1.03 -6.06
C GLU A 94 2.87 1.39 -7.24
N LEU A 95 2.99 2.62 -7.74
CA LEU A 95 2.16 3.09 -8.84
C LEU A 95 3.00 3.65 -9.98
N GLY A 96 2.34 4.23 -10.99
CA GLY A 96 2.99 4.71 -12.18
C GLY A 96 3.31 6.20 -12.14
N SER A 97 2.48 7.02 -11.48
CA SER A 97 2.66 8.46 -11.47
C SER A 97 2.10 9.10 -10.20
N GLU A 98 2.43 10.37 -9.99
CA GLU A 98 1.92 11.15 -8.87
C GLU A 98 0.40 11.25 -8.92
N ASP A 99 -0.18 11.16 -10.11
CA ASP A 99 -1.63 11.26 -10.23
C ASP A 99 -2.28 10.00 -9.66
N ASP A 100 -1.58 8.86 -9.69
CA ASP A 100 -2.11 7.61 -9.17
C ASP A 100 -2.06 7.60 -7.65
N VAL A 101 -1.02 8.19 -7.05
CA VAL A 101 -0.92 8.22 -5.59
C VAL A 101 -2.00 9.15 -5.04
N LYS A 102 -2.25 10.29 -5.70
CA LYS A 102 -3.31 11.18 -5.26
C LYS A 102 -4.66 10.47 -5.32
N MET A 103 -4.93 9.75 -6.42
CA MET A 103 -6.18 9.04 -6.59
C MET A 103 -6.31 7.87 -5.61
N ALA A 104 -5.20 7.32 -5.14
CA ALA A 104 -5.22 6.25 -4.16
C ALA A 104 -5.63 6.77 -2.78
N LEU A 105 -5.34 8.04 -2.49
CA LEU A 105 -5.66 8.67 -1.22
C LEU A 105 -7.12 9.13 -1.16
N LYS A 106 -7.80 9.19 -2.31
CA LYS A 106 -9.22 9.54 -2.36
C LYS A 106 -10.14 8.48 -1.74
N LYS A 107 -9.58 7.34 -1.30
CA LYS A 107 -10.32 6.23 -0.72
C LYS A 107 -9.59 5.70 0.50
N ASP A 108 -8.82 6.60 1.12
CA ASP A 108 -7.97 6.33 2.28
C ASP A 108 -8.59 5.56 3.44
N ARG A 109 -9.92 5.42 3.52
CA ARG A 109 -10.55 4.60 4.55
C ARG A 109 -11.95 4.12 4.17
N GLU A 110 -12.32 4.23 2.89
CA GLU A 110 -13.62 3.71 2.45
C GLU A 110 -13.55 2.19 2.28
N SER A 111 -14.49 1.60 1.51
CA SER A 111 -14.63 0.16 1.42
C SER A 111 -14.73 -0.31 -0.02
N MET A 112 -14.34 -1.58 -0.26
CA MET A 112 -14.49 -2.23 -1.55
C MET A 112 -15.97 -2.42 -1.88
N GLY A 113 -16.83 -2.33 -0.86
CA GLY A 113 -18.26 -2.53 -0.99
C GLY A 113 -18.78 -3.48 0.09
N HIS A 114 -17.87 -4.07 0.89
CA HIS A 114 -18.26 -5.02 1.92
C HIS A 114 -17.29 -5.04 3.11
N ARG A 115 -16.12 -4.39 3.03
CA ARG A 115 -15.19 -4.37 4.14
C ARG A 115 -14.25 -3.16 4.09
N TYR A 116 -13.88 -2.68 5.27
CA TYR A 116 -13.06 -1.51 5.54
C TYR A 116 -11.64 -1.69 5.01
N ILE A 117 -11.18 -0.67 4.29
CA ILE A 117 -9.83 -0.61 3.71
C ILE A 117 -9.15 0.63 4.25
N GLU A 118 -7.84 0.75 4.06
CA GLU A 118 -7.08 1.91 4.46
C GLU A 118 -5.95 2.16 3.47
N VAL A 119 -5.61 3.43 3.26
CA VAL A 119 -4.55 3.85 2.35
C VAL A 119 -3.85 5.07 2.94
N PHE A 120 -2.58 5.26 2.59
CA PHE A 120 -1.82 6.40 3.07
C PHE A 120 -0.67 6.68 2.11
N LYS A 121 -0.18 7.92 2.10
CA LYS A 121 0.87 8.29 1.16
C LYS A 121 2.21 7.71 1.61
N SER A 122 3.10 7.48 0.66
CA SER A 122 4.41 6.91 0.94
C SER A 122 5.48 7.58 0.09
N HIS A 123 6.73 7.15 0.28
CA HIS A 123 7.89 7.72 -0.38
C HIS A 123 8.92 6.64 -0.71
N ARG A 124 8.51 5.37 -0.59
CA ARG A 124 9.25 4.19 -1.03
C ARG A 124 10.44 3.85 -0.12
N THR A 125 11.00 4.83 0.59
CA THR A 125 12.09 4.56 1.53
C THR A 125 11.55 3.80 2.74
N GLU A 126 10.34 4.16 3.20
CA GLU A 126 9.69 3.45 4.28
C GLU A 126 9.27 2.07 3.80
N MET A 127 8.79 1.98 2.55
CA MET A 127 8.34 0.72 1.99
C MET A 127 9.49 -0.28 1.98
N ASP A 128 10.71 0.17 1.64
CA ASP A 128 11.88 -0.69 1.63
C ASP A 128 12.30 -1.07 3.05
N TRP A 129 12.01 -0.21 4.01
CA TRP A 129 12.45 -0.39 5.39
C TRP A 129 11.64 -1.47 6.11
N VAL A 130 10.33 -1.30 6.25
CA VAL A 130 9.51 -2.22 7.02
C VAL A 130 9.40 -3.59 6.35
N LEU A 131 9.58 -3.67 5.04
CA LEU A 131 9.60 -4.94 4.33
C LEU A 131 10.86 -5.74 4.67
N LYS A 132 11.79 -5.14 5.44
CA LYS A 132 13.08 -5.74 5.76
C LYS A 132 13.45 -5.56 7.24
N HIS A 133 12.53 -5.01 8.04
CA HIS A 133 12.74 -4.73 9.45
C HIS A 133 11.46 -4.95 10.25
N SER A 134 10.53 -5.75 9.71
CA SER A 134 9.24 -6.04 10.32
C SER A 134 9.36 -6.72 11.68
N GLY A 135 10.56 -7.19 12.01
CA GLY A 135 10.85 -7.84 13.28
C GLY A 135 12.32 -8.20 13.41
N PRO A 136 12.69 -8.82 14.53
CA PRO A 136 14.05 -9.28 14.82
C PRO A 136 14.67 -10.05 13.66
N MET A 35 25.03 16.66 -2.22
CA MET A 35 24.30 17.92 -1.93
C MET A 35 23.94 17.99 -0.45
N MET A 36 23.66 19.21 0.04
CA MET A 36 23.29 19.42 1.44
C MET A 36 22.34 20.61 1.61
N LEU A 37 22.00 21.29 0.51
CA LEU A 37 21.13 22.46 0.56
C LEU A 37 19.68 22.05 0.89
N GLY A 38 19.32 20.79 0.63
CA GLY A 38 18.00 20.27 0.92
C GLY A 38 17.72 18.99 0.13
N PRO A 39 16.52 18.43 0.28
CA PRO A 39 16.03 17.28 -0.48
C PRO A 39 16.13 17.47 -1.99
N GLU A 40 15.95 16.38 -2.73
CA GLU A 40 16.00 16.40 -4.19
C GLU A 40 14.90 15.52 -4.80
N GLY A 41 13.98 15.03 -3.97
CA GLY A 41 12.88 14.20 -4.42
C GLY A 41 11.99 13.77 -3.27
N GLY A 42 10.89 13.08 -3.58
CA GLY A 42 9.95 12.61 -2.58
C GLY A 42 8.67 12.05 -3.21
N GLU A 43 7.73 11.63 -2.36
CA GLU A 43 6.42 11.08 -2.71
C GLU A 43 6.48 9.74 -3.43
N GLY A 44 7.58 9.47 -4.14
CA GLY A 44 7.89 8.19 -4.78
C GLY A 44 6.82 7.60 -5.70
N PHE A 45 5.66 8.25 -5.82
CA PHE A 45 4.47 7.69 -6.43
C PHE A 45 4.13 6.36 -5.77
N VAL A 46 4.30 6.31 -4.44
CA VAL A 46 4.02 5.12 -3.64
C VAL A 46 2.98 5.45 -2.58
N VAL A 47 2.19 4.46 -2.18
CA VAL A 47 1.22 4.60 -1.11
C VAL A 47 1.24 3.38 -0.20
N LYS A 48 0.57 3.49 0.94
CA LYS A 48 0.45 2.41 1.92
C LYS A 48 -0.93 1.78 1.80
N LEU A 49 -1.07 0.55 2.28
CA LEU A 49 -2.33 -0.16 2.31
C LEU A 49 -2.40 -0.94 3.63
N ARG A 50 -3.56 -0.94 4.27
CA ARG A 50 -3.76 -1.60 5.56
C ARG A 50 -5.23 -1.96 5.72
N GLY A 51 -5.52 -3.05 6.44
CA GLY A 51 -6.90 -3.45 6.69
C GLY A 51 -7.14 -4.93 6.46
N LEU A 52 -8.42 -5.31 6.38
CA LEU A 52 -8.89 -6.69 6.21
C LEU A 52 -8.46 -7.64 7.33
N PRO A 53 -9.31 -8.64 7.63
CA PRO A 53 -9.10 -9.59 8.71
C PRO A 53 -7.87 -10.47 8.48
N TRP A 54 -6.76 -10.08 9.12
CA TRP A 54 -5.48 -10.76 9.12
C TRP A 54 -4.94 -11.19 7.75
N SER A 55 -5.53 -10.77 6.63
CA SER A 55 -5.07 -11.24 5.33
C SER A 55 -5.42 -10.29 4.19
N CYS A 56 -4.62 -10.39 3.13
CA CYS A 56 -4.79 -9.62 1.89
C CYS A 56 -3.89 -10.26 0.83
N SER A 57 -4.12 -9.92 -0.44
CA SER A 57 -3.33 -10.42 -1.56
C SER A 57 -3.19 -9.34 -2.61
N VAL A 58 -2.22 -9.49 -3.51
CA VAL A 58 -1.93 -8.47 -4.52
C VAL A 58 -3.09 -8.28 -5.49
N GLU A 59 -3.96 -9.28 -5.61
CA GLU A 59 -5.10 -9.20 -6.52
C GLU A 59 -6.25 -8.40 -5.91
N ASP A 60 -6.32 -8.31 -4.58
CA ASP A 60 -7.38 -7.58 -3.92
C ASP A 60 -7.03 -6.10 -3.84
N VAL A 61 -5.74 -5.78 -3.69
CA VAL A 61 -5.31 -4.39 -3.60
C VAL A 61 -5.38 -3.72 -4.96
N GLN A 62 -5.05 -4.45 -6.04
CA GLN A 62 -5.17 -3.89 -7.38
C GLN A 62 -6.66 -3.77 -7.76
N ASN A 63 -7.50 -4.63 -7.19
CA ASN A 63 -8.95 -4.56 -7.39
C ASN A 63 -9.56 -3.34 -6.69
N PHE A 64 -8.93 -2.87 -5.61
CA PHE A 64 -9.48 -1.79 -4.81
C PHE A 64 -9.05 -0.42 -5.32
N LEU A 65 -7.95 -0.37 -6.07
CA LEU A 65 -7.45 0.83 -6.73
C LEU A 65 -7.81 0.73 -8.21
N SER A 66 -9.11 0.63 -8.48
CA SER A 66 -9.70 0.42 -9.80
C SER A 66 -9.36 1.47 -10.87
N ASP A 67 -8.47 2.41 -10.57
CA ASP A 67 -8.12 3.48 -11.51
C ASP A 67 -6.61 3.72 -11.52
N CYS A 68 -5.83 2.89 -10.83
CA CYS A 68 -4.41 3.09 -10.64
C CYS A 68 -3.59 2.02 -11.35
N THR A 69 -2.26 2.12 -11.21
CA THR A 69 -1.33 1.16 -11.77
C THR A 69 -0.26 0.90 -10.71
N ILE A 70 -0.12 -0.38 -10.35
CA ILE A 70 0.77 -0.84 -9.28
C ILE A 70 2.20 -1.00 -9.81
N HIS A 71 2.61 -0.03 -10.62
CA HIS A 71 3.91 0.02 -11.31
C HIS A 71 4.16 -1.17 -12.25
N ASP A 72 3.40 -2.26 -12.08
CA ASP A 72 3.42 -3.45 -12.92
C ASP A 72 2.07 -4.17 -12.81
N GLY A 73 1.50 -4.16 -11.60
CA GLY A 73 0.18 -4.70 -11.32
C GLY A 73 0.23 -5.70 -10.18
N ALA A 74 1.25 -6.56 -10.23
CA ALA A 74 1.48 -7.64 -9.28
C ALA A 74 2.98 -7.78 -8.99
N ALA A 75 3.76 -6.79 -9.40
CA ALA A 75 5.20 -6.79 -9.21
C ALA A 75 5.67 -5.50 -8.52
N GLY A 76 4.74 -4.79 -7.87
CA GLY A 76 5.01 -3.59 -7.12
C GLY A 76 4.30 -3.63 -5.76
N VAL A 77 3.68 -4.76 -5.43
CA VAL A 77 3.00 -4.97 -4.16
C VAL A 77 4.03 -5.22 -3.06
N HIS A 78 3.63 -5.05 -1.79
CA HIS A 78 4.46 -5.40 -0.65
C HIS A 78 3.59 -5.69 0.57
N PHE A 79 4.13 -6.47 1.51
CA PHE A 79 3.49 -6.76 2.79
C PHE A 79 4.59 -6.96 3.83
N ILE A 80 4.26 -6.93 5.13
CA ILE A 80 5.27 -7.03 6.19
C ILE A 80 5.22 -8.39 6.88
N TYR A 81 4.44 -9.29 6.29
CA TYR A 81 4.11 -10.62 6.76
C TYR A 81 3.48 -11.38 5.60
N THR A 82 3.22 -12.68 5.74
CA THR A 82 2.62 -13.47 4.67
C THR A 82 1.73 -14.57 5.22
N ARG A 83 1.02 -15.26 4.32
CA ARG A 83 0.13 -16.36 4.67
C ARG A 83 0.86 -17.48 5.41
N GLU A 84 2.19 -17.56 5.24
CA GLU A 84 3.05 -18.49 5.97
C GLU A 84 2.93 -18.34 7.49
N GLY A 85 2.53 -17.18 8.01
CA GLY A 85 2.44 -17.02 9.46
C GLY A 85 1.74 -15.75 9.96
N ARG A 86 1.56 -14.72 9.12
CA ARG A 86 0.86 -13.50 9.49
C ARG A 86 1.38 -12.93 10.81
N GLN A 87 2.69 -12.68 10.86
CA GLN A 87 3.33 -12.19 12.07
C GLN A 87 2.65 -10.92 12.60
N SER A 88 2.14 -10.12 11.66
CA SER A 88 1.40 -8.86 11.84
C SER A 88 2.06 -7.80 10.97
N GLY A 89 1.27 -6.89 10.40
CA GLY A 89 1.82 -5.88 9.54
C GLY A 89 0.77 -5.24 8.64
N GLU A 90 1.27 -4.55 7.61
CA GLU A 90 0.47 -3.82 6.64
C GLU A 90 1.05 -4.07 5.25
N ALA A 91 0.87 -3.13 4.33
CA ALA A 91 1.31 -3.29 2.96
C ALA A 91 1.66 -1.94 2.33
N PHE A 92 2.23 -1.99 1.13
CA PHE A 92 2.56 -0.82 0.35
C PHE A 92 2.28 -1.11 -1.12
N VAL A 93 2.16 -0.06 -1.92
CA VAL A 93 1.84 -0.19 -3.33
C VAL A 93 2.58 0.89 -4.11
N GLU A 94 3.65 0.50 -4.82
CA GLU A 94 4.35 1.43 -5.69
C GLU A 94 3.46 1.69 -6.92
N LEU A 95 3.51 2.89 -7.48
CA LEU A 95 2.71 3.20 -8.65
C LEU A 95 3.55 3.73 -9.80
N GLY A 96 2.89 4.12 -10.88
CA GLY A 96 3.55 4.55 -12.10
C GLY A 96 3.77 6.06 -12.18
N SER A 97 2.85 6.85 -11.63
CA SER A 97 2.93 8.32 -11.74
C SER A 97 2.26 9.00 -10.55
N GLU A 98 2.46 10.32 -10.45
CA GLU A 98 1.85 11.15 -9.42
C GLU A 98 0.33 11.11 -9.52
N ASP A 99 -0.21 10.87 -10.71
CA ASP A 99 -1.66 10.83 -10.86
C ASP A 99 -2.23 9.57 -10.22
N ASP A 100 -1.44 8.49 -10.16
CA ASP A 100 -1.88 7.24 -9.57
C ASP A 100 -1.88 7.34 -8.04
N VAL A 101 -0.90 8.03 -7.46
CA VAL A 101 -0.86 8.16 -6.01
C VAL A 101 -2.01 9.03 -5.54
N LYS A 102 -2.34 10.09 -6.27
CA LYS A 102 -3.48 10.92 -5.91
C LYS A 102 -4.76 10.09 -5.97
N MET A 103 -4.94 9.29 -7.02
CA MET A 103 -6.15 8.50 -7.19
C MET A 103 -6.27 7.40 -6.14
N ALA A 104 -5.15 6.90 -5.61
CA ALA A 104 -5.19 5.88 -4.56
C ALA A 104 -5.64 6.48 -3.24
N LEU A 105 -5.35 7.77 -3.02
CA LEU A 105 -5.72 8.46 -1.79
C LEU A 105 -7.19 8.90 -1.82
N LYS A 106 -7.83 8.87 -2.98
CA LYS A 106 -9.26 9.20 -3.09
C LYS A 106 -10.18 8.17 -2.44
N LYS A 107 -9.64 7.03 -1.97
CA LYS A 107 -10.43 5.99 -1.33
C LYS A 107 -9.77 5.52 -0.04
N ASP A 108 -9.00 6.43 0.54
CA ASP A 108 -8.20 6.24 1.75
C ASP A 108 -8.87 5.53 2.93
N ARG A 109 -10.18 5.30 2.93
CA ARG A 109 -10.85 4.59 4.02
C ARG A 109 -12.10 3.85 3.55
N GLU A 110 -12.23 3.60 2.24
CA GLU A 110 -13.41 2.95 1.69
C GLU A 110 -13.48 1.47 2.04
N SER A 111 -14.30 0.73 1.28
CA SER A 111 -14.55 -0.68 1.48
C SER A 111 -14.68 -1.40 0.15
N MET A 112 -14.28 -2.67 0.09
CA MET A 112 -14.44 -3.50 -1.10
C MET A 112 -15.91 -3.87 -1.29
N GLY A 113 -16.73 -3.63 -0.27
CA GLY A 113 -18.16 -3.93 -0.31
C GLY A 113 -18.65 -4.51 1.00
N HIS A 114 -17.74 -4.92 1.90
CA HIS A 114 -18.12 -5.55 3.15
C HIS A 114 -17.06 -5.36 4.25
N ARG A 115 -15.91 -4.75 3.96
CA ARG A 115 -14.86 -4.58 4.97
C ARG A 115 -14.01 -3.33 4.73
N TYR A 116 -13.62 -2.72 5.84
CA TYR A 116 -12.84 -1.49 5.94
C TYR A 116 -11.43 -1.68 5.36
N ILE A 117 -11.10 -0.80 4.41
CA ILE A 117 -9.81 -0.74 3.78
C ILE A 117 -9.24 0.65 4.04
N GLU A 118 -7.94 0.83 3.89
CA GLU A 118 -7.33 2.13 4.08
C GLU A 118 -6.13 2.32 3.17
N VAL A 119 -5.82 3.58 2.86
CA VAL A 119 -4.69 3.96 2.04
C VAL A 119 -4.10 5.23 2.63
N PHE A 120 -2.78 5.38 2.55
CA PHE A 120 -2.12 6.55 3.11
C PHE A 120 -0.91 6.88 2.23
N LYS A 121 -0.51 8.15 2.18
CA LYS A 121 0.52 8.60 1.27
C LYS A 121 1.90 8.15 1.74
N SER A 122 2.78 7.85 0.78
CA SER A 122 4.13 7.36 1.05
C SER A 122 5.13 8.02 0.12
N HIS A 123 6.40 7.58 0.19
CA HIS A 123 7.49 8.13 -0.61
C HIS A 123 8.61 7.12 -0.81
N ARG A 124 8.33 5.84 -0.55
CA ARG A 124 9.21 4.70 -0.83
C ARG A 124 10.35 4.57 0.19
N THR A 125 10.80 5.67 0.78
CA THR A 125 11.84 5.60 1.81
C THR A 125 11.29 4.92 3.05
N GLU A 126 10.03 5.21 3.41
CA GLU A 126 9.37 4.55 4.52
C GLU A 126 9.08 3.11 4.16
N MET A 127 8.78 2.83 2.90
CA MET A 127 8.51 1.47 2.48
C MET A 127 9.74 0.61 2.78
N ASP A 128 10.91 1.08 2.35
CA ASP A 128 12.16 0.36 2.54
C ASP A 128 12.54 0.27 4.02
N TRP A 129 12.09 1.25 4.80
CA TRP A 129 12.40 1.35 6.22
C TRP A 129 11.72 0.26 7.04
N VAL A 130 10.67 -0.38 6.49
CA VAL A 130 9.95 -1.43 7.20
C VAL A 130 9.96 -2.74 6.41
N LEU A 131 10.11 -2.70 5.08
CA LEU A 131 10.22 -3.91 4.27
C LEU A 131 11.56 -4.61 4.49
N LYS A 132 12.46 -4.02 5.30
CA LYS A 132 13.80 -4.55 5.52
C LYS A 132 14.10 -4.78 7.01
N HIS A 133 13.10 -4.59 7.88
CA HIS A 133 13.27 -4.79 9.31
C HIS A 133 11.96 -5.21 9.99
N SER A 134 10.86 -5.23 9.23
CA SER A 134 9.53 -5.61 9.68
C SER A 134 9.02 -4.88 10.93
N GLY A 135 9.71 -3.81 11.33
CA GLY A 135 9.31 -3.01 12.48
C GLY A 135 10.35 -1.94 12.81
N PRO A 136 10.14 -1.20 13.91
CA PRO A 136 11.05 -0.18 14.40
C PRO A 136 12.34 -0.79 14.94
N MET A 35 1.49 27.89 3.42
CA MET A 35 0.48 26.88 3.79
C MET A 35 0.24 25.93 2.62
N MET A 36 0.44 24.63 2.85
CA MET A 36 0.24 23.61 1.83
C MET A 36 -1.23 23.52 1.42
N LEU A 37 -1.50 22.89 0.27
CA LEU A 37 -2.85 22.71 -0.24
C LEU A 37 -3.63 21.70 0.60
N GLY A 38 -2.93 20.97 1.49
CA GLY A 38 -3.55 19.99 2.37
C GLY A 38 -2.48 19.16 3.09
N PRO A 39 -2.90 18.32 4.05
CA PRO A 39 -2.01 17.45 4.79
C PRO A 39 -1.55 16.28 3.94
N GLU A 40 -0.42 15.67 4.31
CA GLU A 40 0.12 14.51 3.60
C GLU A 40 1.08 13.73 4.52
N GLY A 41 1.62 12.62 4.01
CA GLY A 41 2.50 11.76 4.78
C GLY A 41 3.47 10.99 3.89
N GLY A 42 3.75 11.51 2.69
CA GLY A 42 4.64 10.87 1.74
C GLY A 42 5.18 11.86 0.71
N GLU A 43 6.07 11.41 -0.16
CA GLU A 43 6.78 12.28 -1.09
C GLU A 43 7.06 11.58 -2.43
N GLY A 44 6.38 10.47 -2.71
CA GLY A 44 6.61 9.70 -3.93
C GLY A 44 5.32 9.09 -4.46
N PHE A 45 5.42 8.45 -5.62
CA PHE A 45 4.29 7.83 -6.31
C PHE A 45 4.04 6.44 -5.72
N VAL A 46 4.11 6.34 -4.39
CA VAL A 46 3.95 5.09 -3.67
C VAL A 46 2.94 5.32 -2.55
N VAL A 47 2.19 4.28 -2.18
CA VAL A 47 1.24 4.37 -1.11
C VAL A 47 1.25 3.13 -0.22
N LYS A 48 0.68 3.27 0.97
CA LYS A 48 0.53 2.17 1.92
C LYS A 48 -0.88 1.60 1.81
N LEU A 49 -1.07 0.36 2.27
CA LEU A 49 -2.37 -0.30 2.26
C LEU A 49 -2.53 -1.08 3.56
N ARG A 50 -3.73 -1.05 4.14
CA ARG A 50 -4.04 -1.79 5.35
C ARG A 50 -5.52 -2.18 5.35
N GLY A 51 -5.85 -3.31 5.98
CA GLY A 51 -7.24 -3.68 6.14
C GLY A 51 -7.47 -5.18 6.14
N LEU A 52 -8.74 -5.56 6.26
CA LEU A 52 -9.24 -6.93 6.26
C LEU A 52 -8.70 -7.80 7.41
N PRO A 53 -9.37 -8.92 7.70
CA PRO A 53 -8.97 -9.95 8.64
C PRO A 53 -7.53 -10.45 8.46
N TRP A 54 -6.57 -9.68 8.97
CA TRP A 54 -5.14 -9.97 8.97
C TRP A 54 -4.52 -10.30 7.60
N SER A 55 -5.26 -10.31 6.49
CA SER A 55 -4.69 -10.71 5.21
C SER A 55 -5.40 -10.05 4.02
N CYS A 56 -4.72 -10.06 2.87
CA CYS A 56 -5.20 -9.50 1.61
C CYS A 56 -4.40 -10.12 0.46
N SER A 57 -4.65 -9.70 -0.79
CA SER A 57 -3.92 -10.21 -1.95
C SER A 57 -3.69 -9.11 -2.98
N VAL A 58 -2.79 -9.37 -3.93
CA VAL A 58 -2.40 -8.37 -4.92
C VAL A 58 -3.52 -8.08 -5.92
N GLU A 59 -4.50 -8.99 -6.05
CA GLU A 59 -5.58 -8.82 -7.00
C GLU A 59 -6.70 -7.97 -6.41
N ASP A 60 -6.89 -8.01 -5.09
CA ASP A 60 -7.92 -7.21 -4.46
C ASP A 60 -7.46 -5.75 -4.32
N VAL A 61 -6.17 -5.54 -4.11
CA VAL A 61 -5.63 -4.19 -3.96
C VAL A 61 -5.56 -3.46 -5.30
N GLN A 62 -5.23 -4.15 -6.40
CA GLN A 62 -5.21 -3.51 -7.70
C GLN A 62 -6.64 -3.23 -8.19
N ASN A 63 -7.61 -4.03 -7.73
CA ASN A 63 -9.02 -3.77 -8.02
C ASN A 63 -9.53 -2.58 -7.21
N PHE A 64 -8.93 -2.34 -6.04
CA PHE A 64 -9.40 -1.32 -5.12
C PHE A 64 -8.83 0.06 -5.46
N LEU A 65 -7.66 0.11 -6.07
CA LEU A 65 -7.08 1.35 -6.56
C LEU A 65 -7.56 1.58 -8.00
N SER A 66 -8.88 1.68 -8.16
CA SER A 66 -9.50 1.97 -9.44
C SER A 66 -8.85 3.19 -10.10
N ASP A 67 -8.79 3.16 -11.42
CA ASP A 67 -8.18 4.17 -12.28
C ASP A 67 -6.69 4.39 -12.03
N CYS A 68 -6.10 3.85 -10.97
CA CYS A 68 -4.67 3.95 -10.72
C CYS A 68 -3.90 3.02 -11.65
N THR A 69 -2.57 3.05 -11.53
CA THR A 69 -1.69 2.19 -12.30
C THR A 69 -0.55 1.76 -11.39
N ILE A 70 -0.57 0.47 -11.03
CA ILE A 70 0.45 -0.13 -10.20
C ILE A 70 1.74 -0.21 -11.02
N HIS A 71 2.86 0.03 -10.35
CA HIS A 71 4.18 0.07 -10.96
C HIS A 71 4.46 -1.10 -11.91
N ASP A 72 3.96 -2.30 -11.58
CA ASP A 72 4.01 -3.45 -12.48
C ASP A 72 2.86 -4.43 -12.18
N GLY A 73 1.90 -4.04 -11.34
CA GLY A 73 0.81 -4.93 -10.98
C GLY A 73 1.30 -5.96 -9.97
N ALA A 74 1.17 -7.24 -10.32
CA ALA A 74 1.60 -8.37 -9.51
C ALA A 74 3.12 -8.40 -9.30
N ALA A 75 3.83 -7.38 -9.80
CA ALA A 75 5.27 -7.24 -9.65
C ALA A 75 5.63 -5.86 -9.07
N GLY A 76 4.63 -5.17 -8.53
CA GLY A 76 4.79 -3.87 -7.89
C GLY A 76 4.07 -3.83 -6.54
N VAL A 77 3.37 -4.91 -6.18
CA VAL A 77 2.73 -5.04 -4.88
C VAL A 77 3.79 -5.32 -3.81
N HIS A 78 3.42 -5.13 -2.53
CA HIS A 78 4.25 -5.51 -1.41
C HIS A 78 3.36 -5.85 -0.22
N PHE A 79 3.91 -6.57 0.76
CA PHE A 79 3.20 -6.97 1.97
C PHE A 79 4.20 -7.02 3.13
N ILE A 80 3.69 -7.23 4.35
CA ILE A 80 4.52 -7.20 5.54
C ILE A 80 4.25 -8.45 6.36
N TYR A 81 5.31 -9.04 6.91
CA TYR A 81 5.24 -10.32 7.60
C TYR A 81 6.43 -10.50 8.54
N THR A 82 6.42 -11.60 9.30
CA THR A 82 7.48 -11.96 10.23
C THR A 82 7.65 -13.47 10.26
N ARG A 83 8.62 -13.96 11.03
CA ARG A 83 8.86 -15.38 11.20
C ARG A 83 7.63 -16.09 11.75
N GLU A 84 6.79 -15.35 12.47
CA GLU A 84 5.53 -15.85 13.01
C GLU A 84 4.57 -16.33 11.91
N GLY A 85 4.68 -15.78 10.70
CA GLY A 85 3.90 -16.23 9.55
C GLY A 85 2.48 -15.67 9.51
N ARG A 86 2.22 -14.54 10.17
CA ARG A 86 0.90 -13.94 10.25
C ARG A 86 0.44 -13.35 8.91
N GLN A 87 1.38 -13.14 7.98
CA GLN A 87 1.11 -12.58 6.66
C GLN A 87 0.09 -11.45 6.72
N SER A 88 0.42 -10.42 7.51
CA SER A 88 -0.43 -9.27 7.79
C SER A 88 -1.06 -8.65 6.54
N GLY A 89 -2.19 -7.96 6.74
CA GLY A 89 -2.87 -7.23 5.68
C GLY A 89 -2.16 -5.89 5.43
N GLU A 90 -1.25 -5.51 6.33
CA GLU A 90 -0.42 -4.33 6.15
C GLU A 90 0.46 -4.52 4.93
N ALA A 91 0.56 -3.48 4.10
CA ALA A 91 1.21 -3.60 2.80
C ALA A 91 1.57 -2.23 2.21
N PHE A 92 2.17 -2.26 1.02
CA PHE A 92 2.46 -1.09 0.22
C PHE A 92 2.17 -1.38 -1.24
N VAL A 93 2.06 -0.32 -2.04
CA VAL A 93 1.82 -0.44 -3.48
C VAL A 93 2.56 0.68 -4.20
N GLU A 94 3.48 0.31 -5.09
CA GLU A 94 4.14 1.29 -5.94
C GLU A 94 3.24 1.61 -7.13
N LEU A 95 3.33 2.82 -7.66
CA LEU A 95 2.51 3.24 -8.79
C LEU A 95 3.39 3.79 -9.92
N GLY A 96 2.74 4.35 -10.95
CA GLY A 96 3.43 4.82 -12.13
C GLY A 96 3.66 6.34 -12.14
N SER A 97 2.74 7.12 -11.55
CA SER A 97 2.84 8.58 -11.59
C SER A 97 2.17 9.22 -10.38
N GLU A 98 2.39 10.53 -10.22
CA GLU A 98 1.77 11.32 -9.16
C GLU A 98 0.25 11.27 -9.25
N ASP A 99 -0.28 11.11 -10.46
CA ASP A 99 -1.72 11.09 -10.62
C ASP A 99 -2.32 9.81 -10.03
N ASP A 100 -1.52 8.73 -9.97
CA ASP A 100 -1.98 7.46 -9.44
C ASP A 100 -1.97 7.49 -7.92
N VAL A 101 -0.97 8.14 -7.31
CA VAL A 101 -0.92 8.21 -5.85
C VAL A 101 -2.07 9.09 -5.36
N LYS A 102 -2.37 10.18 -6.06
CA LYS A 102 -3.51 11.01 -5.69
C LYS A 102 -4.79 10.20 -5.74
N MET A 103 -5.00 9.43 -6.81
CA MET A 103 -6.21 8.64 -6.97
C MET A 103 -6.29 7.52 -5.94
N ALA A 104 -5.15 7.00 -5.47
CA ALA A 104 -5.16 5.97 -4.44
C ALA A 104 -5.58 6.53 -3.08
N LEU A 105 -5.39 7.83 -2.87
CA LEU A 105 -5.77 8.50 -1.64
C LEU A 105 -7.24 8.92 -1.66
N LYS A 106 -7.87 8.92 -2.84
CA LYS A 106 -9.30 9.25 -2.96
C LYS A 106 -10.22 8.19 -2.36
N LYS A 107 -9.67 7.04 -1.94
CA LYS A 107 -10.46 5.97 -1.34
C LYS A 107 -9.78 5.46 -0.07
N ASP A 108 -8.98 6.36 0.52
CA ASP A 108 -8.16 6.15 1.70
C ASP A 108 -8.82 5.42 2.89
N ARG A 109 -10.14 5.23 2.92
CA ARG A 109 -10.80 4.49 4.00
C ARG A 109 -12.06 3.76 3.54
N GLU A 110 -12.16 3.42 2.24
CA GLU A 110 -13.33 2.71 1.72
C GLU A 110 -13.48 1.32 2.33
N SER A 111 -14.37 0.51 1.75
CA SER A 111 -14.78 -0.74 2.39
C SER A 111 -14.97 -1.93 1.45
N MET A 112 -14.73 -1.76 0.15
CA MET A 112 -15.06 -2.77 -0.86
C MET A 112 -16.53 -3.21 -0.75
N GLY A 113 -17.34 -2.49 0.04
CA GLY A 113 -18.75 -2.80 0.24
C GLY A 113 -18.98 -3.94 1.23
N HIS A 114 -17.92 -4.45 1.88
CA HIS A 114 -18.05 -5.61 2.75
C HIS A 114 -17.16 -5.57 3.99
N ARG A 115 -16.21 -4.63 4.09
CA ARG A 115 -15.32 -4.55 5.25
C ARG A 115 -14.79 -3.12 5.42
N TYR A 116 -13.47 -2.96 5.42
CA TYR A 116 -12.79 -1.70 5.71
C TYR A 116 -11.36 -1.82 5.20
N ILE A 117 -11.04 -0.96 4.24
CA ILE A 117 -9.72 -0.90 3.62
C ILE A 117 -9.20 0.50 3.85
N GLU A 118 -7.88 0.68 3.80
CA GLU A 118 -7.31 1.99 4.01
C GLU A 118 -6.07 2.19 3.15
N VAL A 119 -5.75 3.46 2.90
CA VAL A 119 -4.61 3.87 2.10
C VAL A 119 -3.98 5.08 2.77
N PHE A 120 -2.68 5.27 2.54
CA PHE A 120 -1.95 6.38 3.10
C PHE A 120 -0.78 6.69 2.18
N LYS A 121 -0.36 7.95 2.12
CA LYS A 121 0.67 8.36 1.18
C LYS A 121 2.03 7.84 1.65
N SER A 122 2.93 7.58 0.69
CA SER A 122 4.24 7.03 1.00
C SER A 122 5.31 7.67 0.11
N HIS A 123 6.53 7.13 0.16
CA HIS A 123 7.68 7.69 -0.54
C HIS A 123 8.57 6.59 -1.11
N ARG A 124 8.84 5.55 -0.30
CA ARG A 124 9.53 4.28 -0.61
C ARG A 124 10.59 3.91 0.42
N THR A 125 11.11 4.88 1.17
CA THR A 125 12.15 4.60 2.15
C THR A 125 11.57 3.77 3.31
N GLU A 126 10.32 4.04 3.69
CA GLU A 126 9.65 3.25 4.71
C GLU A 126 9.27 1.90 4.13
N MET A 127 8.87 1.87 2.86
CA MET A 127 8.47 0.64 2.19
C MET A 127 9.66 -0.32 2.11
N ASP A 128 10.87 0.20 1.92
CA ASP A 128 12.06 -0.64 1.86
C ASP A 128 12.46 -1.14 3.24
N TRP A 129 12.11 -0.39 4.29
CA TRP A 129 12.50 -0.70 5.64
C TRP A 129 11.67 -1.82 6.26
N VAL A 130 10.38 -1.57 6.51
CA VAL A 130 9.53 -2.50 7.25
C VAL A 130 9.33 -3.83 6.49
N LEU A 131 9.59 -3.82 5.18
CA LEU A 131 9.50 -5.02 4.35
C LEU A 131 10.48 -6.09 4.82
N LYS A 132 11.51 -5.71 5.60
CA LYS A 132 12.54 -6.60 6.11
C LYS A 132 12.90 -6.29 7.56
N HIS A 133 12.12 -5.48 8.25
CA HIS A 133 12.40 -5.07 9.62
C HIS A 133 11.15 -5.09 10.50
N SER A 134 10.04 -5.67 10.01
CA SER A 134 8.84 -5.83 10.80
C SER A 134 9.10 -6.72 12.01
N GLY A 135 8.18 -6.70 12.98
CA GLY A 135 8.30 -7.49 14.19
C GLY A 135 6.95 -7.64 14.88
N PRO A 136 6.89 -8.48 15.93
CA PRO A 136 5.68 -8.78 16.69
C PRO A 136 4.83 -7.54 16.97
N MET A 35 10.44 14.54 13.04
CA MET A 35 9.29 15.42 13.28
C MET A 35 9.72 16.66 14.06
N MET A 36 8.77 17.51 14.44
CA MET A 36 9.01 18.77 15.15
C MET A 36 10.02 19.68 14.43
N LEU A 37 10.30 19.42 13.15
CA LEU A 37 11.22 20.22 12.36
C LEU A 37 10.89 20.12 10.87
N GLY A 38 10.14 19.09 10.47
CA GLY A 38 9.73 18.89 9.09
C GLY A 38 9.16 17.50 8.87
N PRO A 39 8.67 17.21 7.66
CA PRO A 39 8.12 15.92 7.30
C PRO A 39 9.23 14.89 7.09
N GLU A 40 8.84 13.63 6.92
CA GLU A 40 9.78 12.52 6.72
C GLU A 40 9.23 11.51 5.69
N GLY A 41 8.14 11.88 5.01
CA GLY A 41 7.53 11.02 4.02
C GLY A 41 6.36 11.72 3.32
N GLY A 42 5.74 11.04 2.35
CA GLY A 42 4.62 11.61 1.60
C GLY A 42 5.11 12.39 0.39
N GLU A 43 6.28 12.04 -0.15
CA GLU A 43 6.95 12.80 -1.20
C GLU A 43 7.32 11.93 -2.40
N GLY A 44 6.62 10.81 -2.60
CA GLY A 44 6.86 9.91 -3.72
C GLY A 44 5.54 9.38 -4.28
N PHE A 45 5.63 8.69 -5.42
CA PHE A 45 4.49 8.10 -6.11
C PHE A 45 4.22 6.70 -5.57
N VAL A 46 4.25 6.58 -4.25
CA VAL A 46 4.05 5.32 -3.56
C VAL A 46 3.01 5.55 -2.47
N VAL A 47 2.24 4.51 -2.13
CA VAL A 47 1.24 4.63 -1.08
C VAL A 47 1.22 3.40 -0.19
N LYS A 48 0.72 3.60 1.04
CA LYS A 48 0.55 2.53 2.01
C LYS A 48 -0.82 1.89 1.79
N LEU A 49 -0.98 0.65 2.25
CA LEU A 49 -2.23 -0.07 2.16
C LEU A 49 -2.42 -0.83 3.47
N ARG A 50 -3.62 -0.77 4.05
CA ARG A 50 -3.92 -1.41 5.31
C ARG A 50 -5.35 -1.92 5.32
N GLY A 51 -5.60 -3.05 5.99
CA GLY A 51 -6.95 -3.53 6.17
C GLY A 51 -7.11 -5.04 6.00
N LEU A 52 -8.37 -5.48 6.04
CA LEU A 52 -8.78 -6.88 5.92
C LEU A 52 -8.25 -7.77 7.04
N PRO A 53 -8.81 -8.99 7.18
CA PRO A 53 -8.39 -10.06 8.10
C PRO A 53 -6.90 -10.44 8.07
N TRP A 54 -6.01 -9.50 8.38
CA TRP A 54 -4.57 -9.71 8.51
C TRP A 54 -3.89 -10.27 7.27
N SER A 55 -4.61 -10.35 6.13
CA SER A 55 -4.03 -10.83 4.88
C SER A 55 -4.85 -10.34 3.67
N CYS A 56 -4.20 -10.33 2.50
CA CYS A 56 -4.80 -9.92 1.24
C CYS A 56 -3.91 -10.42 0.09
N SER A 57 -4.25 -10.04 -1.15
CA SER A 57 -3.48 -10.42 -2.33
C SER A 57 -3.41 -9.28 -3.33
N VAL A 58 -2.52 -9.40 -4.32
CA VAL A 58 -2.28 -8.33 -5.28
C VAL A 58 -3.51 -8.08 -6.16
N GLU A 59 -4.42 -9.06 -6.25
CA GLU A 59 -5.59 -8.93 -7.10
C GLU A 59 -6.69 -8.12 -6.42
N ASP A 60 -6.72 -8.11 -5.08
CA ASP A 60 -7.75 -7.36 -4.36
C ASP A 60 -7.35 -5.89 -4.24
N VAL A 61 -6.05 -5.62 -4.09
CA VAL A 61 -5.56 -4.26 -3.96
C VAL A 61 -5.65 -3.51 -5.29
N GLN A 62 -5.43 -4.21 -6.42
CA GLN A 62 -5.57 -3.56 -7.72
C GLN A 62 -7.03 -3.41 -8.12
N ASN A 63 -7.91 -4.28 -7.58
CA ASN A 63 -9.34 -4.12 -7.75
C ASN A 63 -9.84 -2.90 -6.97
N PHE A 64 -9.10 -2.51 -5.92
CA PHE A 64 -9.46 -1.40 -5.07
C PHE A 64 -8.81 -0.10 -5.52
N LEU A 65 -7.72 -0.19 -6.28
CA LEU A 65 -7.05 0.95 -6.91
C LEU A 65 -7.31 0.84 -8.42
N SER A 66 -8.59 0.70 -8.77
CA SER A 66 -9.08 0.45 -10.13
C SER A 66 -8.78 1.57 -11.14
N ASP A 67 -7.98 2.57 -10.76
CA ASP A 67 -7.59 3.66 -11.66
C ASP A 67 -6.08 3.87 -11.65
N CYS A 68 -5.35 3.08 -10.85
CA CYS A 68 -3.91 3.18 -10.71
C CYS A 68 -3.20 2.31 -11.75
N THR A 69 -1.86 2.28 -11.68
CA THR A 69 -1.04 1.51 -12.60
C THR A 69 -0.14 0.53 -11.85
N ILE A 70 0.00 0.76 -10.54
CA ILE A 70 0.70 -0.13 -9.63
C ILE A 70 2.12 -0.44 -10.11
N HIS A 71 2.69 0.48 -10.88
CA HIS A 71 4.04 0.41 -11.44
C HIS A 71 4.27 -0.77 -12.39
N ASP A 72 3.44 -1.81 -12.31
CA ASP A 72 3.52 -3.00 -13.17
C ASP A 72 2.16 -3.68 -13.29
N GLY A 73 1.30 -3.56 -12.27
CA GLY A 73 -0.04 -4.13 -12.29
C GLY A 73 -0.13 -5.48 -11.60
N ALA A 74 1.01 -5.97 -11.11
CA ALA A 74 1.14 -7.24 -10.41
C ALA A 74 2.56 -7.41 -9.84
N ALA A 75 3.41 -6.39 -10.01
CA ALA A 75 4.80 -6.46 -9.58
C ALA A 75 5.24 -5.20 -8.83
N GLY A 76 4.28 -4.41 -8.38
CA GLY A 76 4.53 -3.22 -7.56
C GLY A 76 3.83 -3.37 -6.22
N VAL A 77 3.16 -4.51 -6.02
CA VAL A 77 2.51 -4.87 -4.77
C VAL A 77 3.56 -5.19 -3.71
N HIS A 78 3.19 -5.05 -2.43
CA HIS A 78 4.04 -5.43 -1.31
C HIS A 78 3.18 -5.83 -0.13
N PHE A 79 3.68 -6.73 0.72
CA PHE A 79 3.00 -7.18 1.92
C PHE A 79 4.01 -7.49 3.01
N ILE A 80 3.57 -7.50 4.28
CA ILE A 80 4.45 -7.78 5.40
C ILE A 80 3.74 -8.69 6.40
N TYR A 81 3.83 -10.00 6.16
CA TYR A 81 3.30 -11.04 7.04
C TYR A 81 4.16 -12.29 6.90
N THR A 82 3.79 -13.39 7.58
CA THR A 82 4.53 -14.64 7.46
C THR A 82 3.60 -15.84 7.36
N ARG A 83 4.18 -16.95 6.88
CA ARG A 83 3.51 -18.21 6.63
C ARG A 83 3.16 -18.98 7.91
N GLU A 84 3.38 -18.39 9.08
CA GLU A 84 3.12 -19.03 10.36
C GLU A 84 2.65 -18.00 11.39
N GLY A 85 2.11 -16.87 10.91
CA GLY A 85 1.65 -15.80 11.77
C GLY A 85 0.54 -15.02 11.10
N ARG A 86 0.66 -13.69 11.16
CA ARG A 86 -0.34 -12.75 10.66
C ARG A 86 0.35 -11.46 10.24
N GLN A 87 -0.43 -10.44 9.88
CA GLN A 87 0.11 -9.15 9.47
C GLN A 87 1.11 -8.64 10.51
N SER A 88 2.24 -8.10 10.04
CA SER A 88 3.32 -7.63 10.91
C SER A 88 3.95 -6.34 10.36
N GLY A 89 3.22 -5.63 9.51
CA GLY A 89 3.68 -4.37 8.94
C GLY A 89 2.73 -3.81 7.90
N GLU A 90 1.47 -4.27 7.88
CA GLU A 90 0.51 -3.92 6.83
C GLU A 90 1.09 -4.14 5.43
N ALA A 91 0.87 -3.22 4.50
CA ALA A 91 1.29 -3.39 3.12
C ALA A 91 1.53 -2.04 2.42
N PHE A 92 1.96 -2.10 1.15
CA PHE A 92 2.22 -0.92 0.33
C PHE A 92 1.93 -1.21 -1.13
N VAL A 93 1.93 -0.15 -1.95
CA VAL A 93 1.73 -0.25 -3.39
C VAL A 93 2.55 0.83 -4.08
N GLU A 94 3.53 0.44 -4.91
CA GLU A 94 4.26 1.39 -5.72
C GLU A 94 3.42 1.75 -6.93
N LEU A 95 3.58 2.97 -7.46
CA LEU A 95 2.80 3.40 -8.61
C LEU A 95 3.72 3.97 -9.69
N GLY A 96 3.12 4.56 -10.74
CA GLY A 96 3.87 5.03 -11.89
C GLY A 96 3.99 6.55 -11.97
N SER A 97 3.09 7.30 -11.33
CA SER A 97 3.17 8.76 -11.37
C SER A 97 2.42 9.40 -10.22
N GLU A 98 2.56 10.72 -10.10
CA GLU A 98 1.85 11.53 -9.12
C GLU A 98 0.35 11.38 -9.31
N ASP A 99 -0.10 11.17 -10.55
CA ASP A 99 -1.52 11.04 -10.82
C ASP A 99 -2.07 9.77 -10.20
N ASP A 100 -1.25 8.72 -10.09
CA ASP A 100 -1.69 7.46 -9.51
C ASP A 100 -1.78 7.56 -8.00
N VAL A 101 -0.82 8.25 -7.35
CA VAL A 101 -0.84 8.37 -5.90
C VAL A 101 -2.03 9.22 -5.48
N LYS A 102 -2.33 10.28 -6.23
CA LYS A 102 -3.48 11.11 -5.95
C LYS A 102 -4.77 10.29 -6.05
N MET A 103 -4.88 9.46 -7.09
CA MET A 103 -6.07 8.64 -7.30
C MET A 103 -6.20 7.53 -6.24
N ALA A 104 -5.09 7.05 -5.69
CA ALA A 104 -5.13 6.03 -4.65
C ALA A 104 -5.63 6.61 -3.33
N LEU A 105 -5.41 7.92 -3.12
CA LEU A 105 -5.85 8.61 -1.91
C LEU A 105 -7.33 8.98 -1.98
N LYS A 106 -7.92 8.94 -3.18
CA LYS A 106 -9.35 9.21 -3.35
C LYS A 106 -10.25 8.14 -2.73
N LYS A 107 -9.68 7.02 -2.27
CA LYS A 107 -10.44 5.95 -1.64
C LYS A 107 -9.75 5.47 -0.37
N ASP A 108 -8.95 6.36 0.20
CA ASP A 108 -8.14 6.16 1.39
C ASP A 108 -8.83 5.54 2.61
N ARG A 109 -10.15 5.30 2.57
CA ARG A 109 -10.84 4.68 3.70
C ARG A 109 -12.09 3.90 3.28
N GLU A 110 -12.21 3.51 2.00
CA GLU A 110 -13.37 2.77 1.51
C GLU A 110 -13.41 1.34 2.05
N SER A 111 -14.20 0.50 1.39
CA SER A 111 -14.45 -0.88 1.83
C SER A 111 -14.59 -1.82 0.63
N MET A 112 -14.83 -3.11 0.89
CA MET A 112 -15.00 -4.12 -0.14
C MET A 112 -16.32 -4.89 0.06
N GLY A 113 -17.03 -4.65 1.17
CA GLY A 113 -18.33 -5.26 1.40
C GLY A 113 -18.40 -6.14 2.66
N HIS A 114 -17.27 -6.32 3.36
CA HIS A 114 -17.24 -7.15 4.56
C HIS A 114 -16.22 -6.64 5.59
N ARG A 115 -15.25 -5.84 5.15
CA ARG A 115 -14.25 -5.25 6.04
C ARG A 115 -13.66 -4.04 5.33
N TYR A 116 -13.15 -3.05 6.09
CA TYR A 116 -12.72 -1.81 5.48
C TYR A 116 -11.25 -1.82 5.07
N ILE A 117 -10.93 -0.90 4.15
CA ILE A 117 -9.62 -0.80 3.54
C ILE A 117 -9.14 0.63 3.72
N GLU A 118 -7.83 0.85 3.57
CA GLU A 118 -7.27 2.17 3.73
C GLU A 118 -6.09 2.38 2.80
N VAL A 119 -5.78 3.65 2.54
CA VAL A 119 -4.65 4.05 1.76
C VAL A 119 -4.08 5.29 2.42
N PHE A 120 -2.78 5.53 2.27
CA PHE A 120 -2.15 6.70 2.84
C PHE A 120 -0.91 7.01 2.02
N LYS A 121 -0.53 8.29 1.94
CA LYS A 121 0.55 8.69 1.06
C LYS A 121 1.89 8.21 1.62
N SER A 122 2.84 7.93 0.73
CA SER A 122 4.14 7.37 1.11
C SER A 122 5.26 7.99 0.27
N HIS A 123 6.45 7.38 0.34
CA HIS A 123 7.64 7.93 -0.29
C HIS A 123 8.56 6.81 -0.81
N ARG A 124 8.68 5.72 -0.04
CA ARG A 124 9.35 4.45 -0.35
C ARG A 124 10.39 4.06 0.69
N THR A 125 10.90 5.03 1.46
CA THR A 125 11.93 4.72 2.46
C THR A 125 11.33 3.94 3.62
N GLU A 126 10.11 4.28 4.02
CA GLU A 126 9.41 3.53 5.05
C GLU A 126 9.02 2.16 4.51
N MET A 127 8.62 2.12 3.23
CA MET A 127 8.21 0.88 2.60
C MET A 127 9.36 -0.11 2.61
N ASP A 128 10.56 0.34 2.24
CA ASP A 128 11.73 -0.53 2.18
C ASP A 128 12.16 -1.00 3.57
N TRP A 129 11.88 -0.19 4.59
CA TRP A 129 12.28 -0.48 5.95
C TRP A 129 11.49 -1.65 6.55
N VAL A 130 10.16 -1.54 6.57
CA VAL A 130 9.32 -2.56 7.19
C VAL A 130 9.27 -3.83 6.34
N LEU A 131 9.52 -3.73 5.03
CA LEU A 131 9.59 -4.90 4.15
C LEU A 131 10.76 -5.81 4.55
N LYS A 132 11.62 -5.35 5.47
CA LYS A 132 12.80 -6.08 5.91
C LYS A 132 12.99 -5.97 7.43
N HIS A 133 11.98 -5.45 8.14
CA HIS A 133 12.06 -5.22 9.58
C HIS A 133 10.68 -5.36 10.23
N SER A 134 9.88 -6.32 9.74
CA SER A 134 8.55 -6.58 10.25
C SER A 134 8.53 -6.77 11.77
N GLY A 135 7.40 -6.43 12.40
CA GLY A 135 7.24 -6.55 13.83
C GLY A 135 5.97 -5.89 14.38
N PRO A 136 5.65 -4.64 14.00
CA PRO A 136 4.48 -3.95 14.51
C PRO A 136 3.18 -4.55 13.95
N MET A 35 9.86 14.60 11.02
CA MET A 35 11.30 14.61 11.38
C MET A 35 11.69 13.35 12.12
N MET A 36 12.46 12.47 11.45
CA MET A 36 12.97 11.21 11.97
C MET A 36 11.92 10.27 12.58
N LEU A 37 10.63 10.58 12.45
CA LEU A 37 9.56 9.72 12.97
C LEU A 37 8.53 9.42 11.88
N GLY A 38 8.68 10.02 10.69
CA GLY A 38 7.77 9.80 9.58
C GLY A 38 7.80 10.95 8.58
N PRO A 39 7.08 10.81 7.45
CA PRO A 39 6.95 11.83 6.43
C PRO A 39 6.03 12.95 6.91
N GLU A 40 5.95 14.02 6.11
CA GLU A 40 5.13 15.19 6.43
C GLU A 40 4.40 15.72 5.20
N GLY A 41 4.41 14.96 4.10
CA GLY A 41 3.76 15.35 2.87
C GLY A 41 4.02 14.38 1.71
N GLY A 42 4.94 13.43 1.92
CA GLY A 42 5.29 12.43 0.92
C GLY A 42 6.39 12.96 -0.01
N GLU A 43 7.05 12.04 -0.72
CA GLU A 43 8.16 12.39 -1.61
C GLU A 43 8.24 11.41 -2.79
N GLY A 44 7.21 10.59 -3.00
CA GLY A 44 7.22 9.60 -4.07
C GLY A 44 5.81 9.17 -4.47
N PHE A 45 5.74 8.46 -5.60
CA PHE A 45 4.49 7.96 -6.16
C PHE A 45 4.16 6.58 -5.60
N VAL A 46 4.12 6.48 -4.27
CA VAL A 46 3.87 5.24 -3.56
C VAL A 46 2.86 5.51 -2.45
N VAL A 47 2.10 4.48 -2.07
CA VAL A 47 1.15 4.59 -0.97
C VAL A 47 1.19 3.35 -0.09
N LYS A 48 0.60 3.47 1.10
CA LYS A 48 0.51 2.39 2.06
C LYS A 48 -0.90 1.82 2.00
N LEU A 49 -1.07 0.57 2.44
CA LEU A 49 -2.37 -0.09 2.41
C LEU A 49 -2.57 -0.87 3.70
N ARG A 50 -3.79 -0.85 4.23
CA ARG A 50 -4.15 -1.58 5.43
C ARG A 50 -5.58 -2.07 5.31
N GLY A 51 -5.89 -3.23 5.90
CA GLY A 51 -7.28 -3.69 5.94
C GLY A 51 -7.42 -5.19 5.74
N LEU A 52 -8.68 -5.62 5.64
CA LEU A 52 -9.10 -7.00 5.40
C LEU A 52 -8.70 -7.97 6.52
N PRO A 53 -9.33 -9.16 6.57
CA PRO A 53 -9.07 -10.25 7.50
C PRO A 53 -7.61 -10.73 7.63
N TRP A 54 -6.73 -9.84 8.12
CA TRP A 54 -5.33 -10.14 8.42
C TRP A 54 -4.54 -10.71 7.24
N SER A 55 -5.14 -10.73 6.05
CA SER A 55 -4.51 -11.25 4.84
C SER A 55 -5.22 -10.70 3.61
N CYS A 56 -4.50 -10.67 2.47
CA CYS A 56 -5.01 -10.17 1.21
C CYS A 56 -4.14 -10.68 0.06
N SER A 57 -4.48 -10.29 -1.18
CA SER A 57 -3.74 -10.71 -2.37
C SER A 57 -3.61 -9.53 -3.33
N VAL A 58 -2.67 -9.65 -4.29
CA VAL A 58 -2.34 -8.55 -5.20
C VAL A 58 -3.49 -8.22 -6.15
N GLU A 59 -4.46 -9.12 -6.29
CA GLU A 59 -5.57 -8.90 -7.20
C GLU A 59 -6.69 -8.09 -6.53
N ASP A 60 -6.81 -8.16 -5.20
CA ASP A 60 -7.83 -7.40 -4.49
C ASP A 60 -7.37 -5.96 -4.30
N VAL A 61 -6.07 -5.77 -4.10
CA VAL A 61 -5.53 -4.42 -3.92
C VAL A 61 -5.55 -3.64 -5.23
N GLN A 62 -5.25 -4.27 -6.37
CA GLN A 62 -5.34 -3.56 -7.64
C GLN A 62 -6.80 -3.32 -8.03
N ASN A 63 -7.72 -4.15 -7.53
CA ASN A 63 -9.15 -3.94 -7.70
C ASN A 63 -9.63 -2.73 -6.91
N PHE A 64 -8.92 -2.37 -5.83
CA PHE A 64 -9.31 -1.28 -4.95
C PHE A 64 -8.64 0.03 -5.36
N LEU A 65 -7.48 -0.04 -6.02
CA LEU A 65 -6.81 1.11 -6.59
C LEU A 65 -6.98 1.03 -8.11
N SER A 66 -8.23 0.84 -8.54
CA SER A 66 -8.62 0.66 -9.93
C SER A 66 -8.36 1.90 -10.81
N ASP A 67 -7.47 2.79 -10.36
CA ASP A 67 -7.16 4.03 -11.07
C ASP A 67 -5.65 4.23 -11.18
N CYS A 68 -4.85 3.21 -10.82
CA CYS A 68 -3.40 3.29 -10.86
C CYS A 68 -2.81 2.19 -11.74
N THR A 69 -1.50 1.97 -11.64
CA THR A 69 -0.80 1.03 -12.51
C THR A 69 0.05 0.03 -11.73
N ILE A 70 -0.04 0.11 -10.39
CA ILE A 70 0.75 -0.68 -9.45
C ILE A 70 2.21 -0.80 -9.89
N HIS A 71 2.72 0.27 -10.50
CA HIS A 71 4.08 0.40 -11.02
C HIS A 71 4.43 -0.60 -12.14
N ASP A 72 3.78 -1.77 -12.16
CA ASP A 72 3.90 -2.79 -13.19
C ASP A 72 2.70 -3.73 -13.20
N GLY A 73 1.99 -3.84 -12.07
CA GLY A 73 0.91 -4.78 -11.89
C GLY A 73 1.48 -6.17 -11.64
N ALA A 74 1.05 -6.80 -10.55
CA ALA A 74 1.58 -8.08 -10.08
C ALA A 74 3.11 -8.09 -9.99
N ALA A 75 3.74 -6.92 -10.08
CA ALA A 75 5.18 -6.76 -10.02
C ALA A 75 5.58 -5.47 -9.30
N GLY A 76 4.64 -4.89 -8.55
CA GLY A 76 4.87 -3.69 -7.76
C GLY A 76 4.09 -3.74 -6.44
N VAL A 77 3.42 -4.86 -6.16
CA VAL A 77 2.71 -5.04 -4.90
C VAL A 77 3.74 -5.31 -3.79
N HIS A 78 3.34 -5.11 -2.53
CA HIS A 78 4.18 -5.43 -1.38
C HIS A 78 3.31 -5.79 -0.18
N PHE A 79 3.89 -6.54 0.76
CA PHE A 79 3.24 -6.97 1.98
C PHE A 79 4.29 -7.02 3.10
N ILE A 80 3.84 -7.21 4.35
CA ILE A 80 4.74 -7.13 5.50
C ILE A 80 4.55 -8.31 6.46
N TYR A 81 3.39 -8.96 6.35
CA TYR A 81 3.05 -10.15 7.13
C TYR A 81 3.97 -11.31 6.80
N THR A 82 3.68 -12.50 7.35
CA THR A 82 4.51 -13.66 7.07
C THR A 82 3.70 -14.94 6.89
N ARG A 83 4.38 -15.96 6.38
CA ARG A 83 3.84 -17.28 6.10
C ARG A 83 3.65 -18.12 7.36
N GLU A 84 3.85 -17.53 8.53
CA GLU A 84 3.76 -18.23 9.81
C GLU A 84 3.24 -17.31 10.92
N GLY A 85 2.64 -16.19 10.53
CA GLY A 85 2.07 -15.21 11.46
C GLY A 85 0.72 -14.76 10.93
N ARG A 86 0.45 -13.47 11.02
CA ARG A 86 -0.83 -12.89 10.61
C ARG A 86 -0.62 -11.49 10.06
N GLN A 87 -0.26 -10.54 10.94
CA GLN A 87 0.01 -9.17 10.53
C GLN A 87 1.04 -8.51 11.44
N SER A 88 1.68 -7.46 10.92
CA SER A 88 2.65 -6.67 11.65
C SER A 88 2.88 -5.30 10.99
N GLY A 89 2.05 -4.94 9.98
CA GLY A 89 2.24 -3.70 9.25
C GLY A 89 1.41 -3.61 7.98
N GLU A 90 0.58 -4.61 7.68
CA GLU A 90 -0.25 -4.65 6.48
C GLU A 90 0.58 -4.63 5.19
N ALA A 91 0.45 -3.60 4.35
CA ALA A 91 1.05 -3.63 3.02
C ALA A 91 1.38 -2.24 2.46
N PHE A 92 1.91 -2.23 1.23
CA PHE A 92 2.18 -1.03 0.45
C PHE A 92 1.82 -1.28 -1.00
N VAL A 93 1.78 -0.21 -1.80
CA VAL A 93 1.48 -0.29 -3.23
C VAL A 93 2.28 0.77 -3.97
N GLU A 94 3.28 0.36 -4.74
CA GLU A 94 4.01 1.30 -5.59
C GLU A 94 3.12 1.65 -6.78
N LEU A 95 3.31 2.84 -7.36
CA LEU A 95 2.52 3.29 -8.49
C LEU A 95 3.42 3.84 -9.59
N GLY A 96 2.82 4.36 -10.66
CA GLY A 96 3.59 4.82 -11.80
C GLY A 96 3.74 6.34 -11.88
N SER A 97 2.80 7.11 -11.33
CA SER A 97 2.84 8.57 -11.43
C SER A 97 2.21 9.26 -10.22
N GLU A 98 2.42 10.58 -10.10
CA GLU A 98 1.81 11.38 -9.06
C GLU A 98 0.28 11.31 -9.17
N ASP A 99 -0.24 11.15 -10.39
CA ASP A 99 -1.68 11.09 -10.57
C ASP A 99 -2.25 9.82 -9.94
N ASP A 100 -1.43 8.76 -9.83
CA ASP A 100 -1.87 7.51 -9.24
C ASP A 100 -1.91 7.62 -7.72
N VAL A 101 -0.91 8.27 -7.12
CA VAL A 101 -0.87 8.40 -5.67
C VAL A 101 -2.01 9.31 -5.21
N LYS A 102 -2.26 10.40 -5.95
CA LYS A 102 -3.35 11.29 -5.61
C LYS A 102 -4.68 10.54 -5.69
N MET A 103 -4.88 9.74 -6.76
CA MET A 103 -6.11 9.00 -6.94
C MET A 103 -6.25 7.85 -5.95
N ALA A 104 -5.14 7.32 -5.43
CA ALA A 104 -5.19 6.25 -4.44
C ALA A 104 -5.67 6.78 -3.09
N LEU A 105 -5.40 8.05 -2.80
CA LEU A 105 -5.79 8.69 -1.56
C LEU A 105 -7.26 9.14 -1.60
N LYS A 106 -7.86 9.19 -2.80
CA LYS A 106 -9.28 9.52 -2.94
C LYS A 106 -10.22 8.45 -2.37
N LYS A 107 -9.69 7.29 -1.97
CA LYS A 107 -10.49 6.21 -1.40
C LYS A 107 -9.85 5.69 -0.12
N ASP A 108 -9.09 6.57 0.52
CA ASP A 108 -8.31 6.30 1.72
C ASP A 108 -9.01 5.52 2.84
N ARG A 109 -10.35 5.43 2.87
CA ARG A 109 -11.05 4.66 3.90
C ARG A 109 -12.25 3.88 3.34
N GLU A 110 -12.27 3.61 2.03
CA GLU A 110 -13.37 2.86 1.41
C GLU A 110 -13.39 1.39 1.84
N SER A 111 -14.20 0.61 1.12
CA SER A 111 -14.50 -0.78 1.48
C SER A 111 -14.55 -1.69 0.25
N MET A 112 -14.81 -2.98 0.49
CA MET A 112 -14.99 -3.98 -0.55
C MET A 112 -16.25 -4.80 -0.29
N GLY A 113 -16.60 -4.97 0.99
CA GLY A 113 -17.77 -5.71 1.42
C GLY A 113 -17.41 -6.55 2.65
N HIS A 114 -18.34 -6.62 3.62
CA HIS A 114 -18.16 -7.28 4.90
C HIS A 114 -16.90 -6.87 5.68
N ARG A 115 -16.07 -5.97 5.10
CA ARG A 115 -14.87 -5.46 5.75
C ARG A 115 -14.43 -4.18 5.04
N TYR A 116 -13.43 -3.48 5.58
CA TYR A 116 -13.05 -2.17 5.07
C TYR A 116 -11.55 -2.00 4.92
N ILE A 117 -11.15 -0.94 4.21
CA ILE A 117 -9.79 -0.75 3.74
C ILE A 117 -9.28 0.64 4.14
N GLU A 118 -7.96 0.82 4.12
CA GLU A 118 -7.32 2.05 4.54
C GLU A 118 -6.10 2.34 3.66
N VAL A 119 -5.80 3.64 3.43
CA VAL A 119 -4.68 4.06 2.59
C VAL A 119 -3.99 5.28 3.22
N PHE A 120 -2.70 5.47 2.93
CA PHE A 120 -1.92 6.61 3.40
C PHE A 120 -0.81 6.88 2.39
N LYS A 121 -0.30 8.12 2.33
CA LYS A 121 0.68 8.51 1.34
C LYS A 121 2.09 8.09 1.74
N SER A 122 2.92 7.69 0.78
CA SER A 122 4.25 7.16 1.05
C SER A 122 5.31 7.79 0.16
N HIS A 123 6.54 7.33 0.31
CA HIS A 123 7.70 7.89 -0.36
C HIS A 123 8.74 6.82 -0.72
N ARG A 124 8.40 5.55 -0.50
CA ARG A 124 9.18 4.38 -0.93
C ARG A 124 10.35 4.06 0.01
N THR A 125 10.91 5.06 0.69
CA THR A 125 12.02 4.82 1.61
C THR A 125 11.54 4.04 2.83
N GLU A 126 10.35 4.38 3.34
CA GLU A 126 9.75 3.65 4.45
C GLU A 126 9.40 2.26 3.98
N MET A 127 8.85 2.15 2.76
CA MET A 127 8.41 0.89 2.21
C MET A 127 9.59 -0.09 2.15
N ASP A 128 10.75 0.37 1.66
CA ASP A 128 11.91 -0.48 1.49
C ASP A 128 12.46 -0.96 2.83
N TRP A 129 12.28 -0.15 3.88
CA TRP A 129 12.81 -0.46 5.20
C TRP A 129 12.06 -1.59 5.88
N VAL A 130 10.73 -1.45 6.04
CA VAL A 130 9.93 -2.44 6.75
C VAL A 130 9.78 -3.72 5.93
N LEU A 131 9.94 -3.65 4.61
CA LEU A 131 9.93 -4.83 3.76
C LEU A 131 11.16 -5.71 4.02
N LYS A 132 12.08 -5.25 4.88
CA LYS A 132 13.34 -5.93 5.15
C LYS A 132 13.66 -5.98 6.65
N HIS A 133 12.72 -5.56 7.49
CA HIS A 133 12.92 -5.51 8.94
C HIS A 133 11.64 -5.87 9.70
N SER A 134 10.64 -6.43 9.00
CA SER A 134 9.39 -6.84 9.62
C SER A 134 9.62 -7.88 10.72
N GLY A 135 8.65 -8.01 11.62
CA GLY A 135 8.72 -8.97 12.72
C GLY A 135 7.55 -8.82 13.67
N PRO A 136 7.47 -9.69 14.69
CA PRO A 136 6.43 -9.68 15.70
C PRO A 136 6.56 -8.46 16.62
N MET A 35 20.35 18.27 6.01
CA MET A 35 20.74 16.88 6.29
C MET A 35 19.53 15.94 6.21
N MET A 36 19.77 14.64 6.28
CA MET A 36 18.69 13.64 6.22
C MET A 36 18.99 12.42 7.10
N LEU A 37 20.21 12.36 7.66
CA LEU A 37 20.67 11.31 8.58
C LEU A 37 20.33 9.89 8.15
N GLY A 38 20.12 9.66 6.84
CA GLY A 38 19.82 8.32 6.34
C GLY A 38 19.67 8.31 4.82
N PRO A 39 19.48 7.12 4.24
CA PRO A 39 19.32 6.94 2.80
C PRO A 39 17.94 7.39 2.33
N GLU A 40 17.76 7.45 1.02
CA GLU A 40 16.51 7.84 0.38
C GLU A 40 16.33 7.04 -0.91
N GLY A 41 15.15 7.13 -1.53
CA GLY A 41 14.88 6.43 -2.78
C GLY A 41 13.57 6.87 -3.44
N GLY A 42 12.85 7.83 -2.86
CA GLY A 42 11.61 8.30 -3.43
C GLY A 42 10.97 9.41 -2.59
N GLU A 43 9.79 9.85 -3.02
CA GLU A 43 9.03 10.90 -2.37
C GLU A 43 7.53 10.80 -2.68
N GLY A 44 7.13 9.85 -3.52
CA GLY A 44 5.74 9.70 -3.92
C GLY A 44 5.57 8.70 -5.05
N PHE A 45 4.35 8.64 -5.58
CA PHE A 45 3.92 7.68 -6.60
C PHE A 45 3.92 6.29 -5.98
N VAL A 46 3.74 6.26 -4.66
CA VAL A 46 3.67 5.05 -3.87
C VAL A 46 2.66 5.30 -2.75
N VAL A 47 1.98 4.25 -2.31
CA VAL A 47 1.10 4.36 -1.14
C VAL A 47 1.33 3.21 -0.19
N LYS A 48 0.66 3.32 0.95
CA LYS A 48 0.75 2.39 2.05
C LYS A 48 -0.67 1.89 2.33
N LEU A 49 -0.79 0.59 2.63
CA LEU A 49 -2.07 -0.08 2.71
C LEU A 49 -2.24 -0.75 4.08
N ARG A 50 -3.47 -0.74 4.59
CA ARG A 50 -3.82 -1.33 5.87
C ARG A 50 -5.28 -1.77 5.78
N GLY A 51 -5.57 -3.01 5.41
CA GLY A 51 -6.96 -3.42 5.29
C GLY A 51 -7.16 -4.93 5.28
N LEU A 52 -8.42 -5.32 5.47
CA LEU A 52 -8.90 -6.69 5.50
C LEU A 52 -8.42 -7.46 6.74
N PRO A 53 -9.04 -8.61 7.03
CA PRO A 53 -8.66 -9.57 8.06
C PRO A 53 -7.18 -9.96 8.08
N TRP A 54 -6.89 -11.01 8.85
CA TRP A 54 -5.53 -11.50 9.08
C TRP A 54 -4.78 -11.90 7.80
N SER A 55 -5.40 -11.77 6.62
CA SER A 55 -4.77 -12.15 5.36
C SER A 55 -5.29 -11.30 4.20
N CYS A 56 -4.53 -11.26 3.11
CA CYS A 56 -4.86 -10.49 1.91
C CYS A 56 -4.08 -11.06 0.71
N SER A 57 -4.40 -10.60 -0.50
CA SER A 57 -3.74 -11.05 -1.72
C SER A 57 -3.56 -9.89 -2.69
N VAL A 58 -2.64 -10.04 -3.65
CA VAL A 58 -2.30 -8.96 -4.56
C VAL A 58 -3.44 -8.63 -5.54
N GLU A 59 -4.42 -9.54 -5.67
CA GLU A 59 -5.53 -9.33 -6.59
C GLU A 59 -6.61 -8.47 -5.95
N ASP A 60 -6.73 -8.49 -4.62
CA ASP A 60 -7.74 -7.68 -3.94
C ASP A 60 -7.24 -6.24 -3.83
N VAL A 61 -5.95 -6.05 -3.55
CA VAL A 61 -5.38 -4.72 -3.43
C VAL A 61 -5.40 -4.01 -4.79
N GLN A 62 -5.10 -4.70 -5.89
CA GLN A 62 -5.15 -4.04 -7.20
C GLN A 62 -6.58 -3.75 -7.62
N ASN A 63 -7.56 -4.52 -7.13
CA ASN A 63 -8.96 -4.24 -7.38
C ASN A 63 -9.40 -3.00 -6.61
N PHE A 64 -8.69 -2.66 -5.52
CA PHE A 64 -9.05 -1.55 -4.66
C PHE A 64 -8.45 -0.22 -5.13
N LEU A 65 -7.24 -0.23 -5.68
CA LEU A 65 -6.65 0.98 -6.27
C LEU A 65 -7.17 1.12 -7.70
N SER A 66 -8.49 1.13 -7.87
CA SER A 66 -9.10 1.32 -9.18
C SER A 66 -8.63 2.63 -9.81
N ASP A 67 -8.66 2.67 -11.14
CA ASP A 67 -8.20 3.76 -12.00
C ASP A 67 -6.71 4.10 -11.81
N CYS A 68 -6.04 3.51 -10.83
CA CYS A 68 -4.62 3.74 -10.59
C CYS A 68 -3.77 2.79 -11.45
N THR A 69 -2.46 2.86 -11.26
CA THR A 69 -1.50 1.97 -11.88
C THR A 69 -0.57 1.49 -10.77
N ILE A 70 0.00 0.30 -10.92
CA ILE A 70 0.65 -0.41 -9.81
C ILE A 70 2.11 -0.70 -10.15
N HIS A 71 2.71 0.21 -10.91
CA HIS A 71 4.08 0.16 -11.39
C HIS A 71 4.37 -1.02 -12.33
N ASP A 72 3.84 -2.21 -12.03
CA ASP A 72 3.90 -3.39 -12.90
C ASP A 72 2.71 -4.32 -12.67
N GLY A 73 1.88 -4.08 -11.64
CA GLY A 73 0.76 -4.94 -11.33
C GLY A 73 1.15 -5.94 -10.24
N ALA A 74 1.05 -7.22 -10.55
CA ALA A 74 1.44 -8.32 -9.66
C ALA A 74 2.94 -8.28 -9.35
N ALA A 75 3.66 -7.26 -9.84
CA ALA A 75 5.08 -7.09 -9.63
C ALA A 75 5.38 -5.74 -8.97
N GLY A 76 4.35 -5.15 -8.34
CA GLY A 76 4.48 -3.88 -7.61
C GLY A 76 3.82 -3.98 -6.24
N VAL A 77 3.25 -5.14 -5.91
CA VAL A 77 2.68 -5.40 -4.59
C VAL A 77 3.80 -5.62 -3.57
N HIS A 78 3.50 -5.39 -2.28
CA HIS A 78 4.41 -5.68 -1.19
C HIS A 78 3.60 -5.96 0.08
N PHE A 79 4.22 -6.62 1.07
CA PHE A 79 3.57 -6.94 2.33
C PHE A 79 4.59 -6.84 3.47
N ILE A 80 4.11 -6.91 4.71
CA ILE A 80 4.96 -6.65 5.88
C ILE A 80 4.72 -7.67 6.97
N TYR A 81 4.97 -8.94 6.65
CA TYR A 81 4.68 -10.05 7.55
C TYR A 81 5.64 -11.22 7.34
N THR A 82 5.39 -12.35 8.00
CA THR A 82 6.24 -13.54 7.91
C THR A 82 5.39 -14.80 7.85
N ARG A 83 6.07 -15.94 7.68
CA ARG A 83 5.46 -17.25 7.56
C ARG A 83 4.58 -17.61 8.77
N GLU A 84 4.76 -16.91 9.89
CA GLU A 84 3.89 -17.06 11.05
C GLU A 84 3.72 -15.71 11.76
N GLY A 85 3.67 -14.61 10.99
CA GLY A 85 3.58 -13.27 11.55
C GLY A 85 2.14 -12.74 11.55
N ARG A 86 1.42 -12.93 10.44
CA ARG A 86 0.01 -12.58 10.27
C ARG A 86 -0.21 -11.10 9.96
N GLN A 87 0.86 -10.37 9.64
CA GLN A 87 0.74 -8.95 9.29
C GLN A 87 0.49 -8.74 7.79
N SER A 88 0.15 -9.79 7.05
CA SER A 88 -0.20 -9.70 5.64
C SER A 88 -1.41 -8.79 5.37
N GLY A 89 -1.97 -8.16 6.40
CA GLY A 89 -3.05 -7.19 6.24
C GLY A 89 -2.46 -5.79 6.08
N GLU A 90 -1.14 -5.68 6.15
CA GLU A 90 -0.41 -4.43 6.01
C GLU A 90 0.53 -4.56 4.82
N ALA A 91 0.60 -3.52 4.00
CA ALA A 91 1.28 -3.59 2.71
C ALA A 91 1.65 -2.22 2.16
N PHE A 92 2.25 -2.23 0.96
CA PHE A 92 2.54 -1.04 0.18
C PHE A 92 2.20 -1.32 -1.28
N VAL A 93 2.06 -0.25 -2.08
CA VAL A 93 1.75 -0.38 -3.49
C VAL A 93 2.47 0.73 -4.25
N GLU A 94 3.47 0.37 -5.06
CA GLU A 94 4.13 1.35 -5.92
C GLU A 94 3.22 1.67 -7.09
N LEU A 95 3.30 2.90 -7.60
CA LEU A 95 2.49 3.33 -8.73
C LEU A 95 3.38 3.87 -9.86
N GLY A 96 2.77 4.60 -10.80
CA GLY A 96 3.49 5.07 -11.96
C GLY A 96 3.51 6.59 -12.11
N SER A 97 2.58 7.31 -11.47
CA SER A 97 2.52 8.77 -11.58
C SER A 97 1.95 9.40 -10.32
N GLU A 98 2.08 10.73 -10.22
CA GLU A 98 1.49 11.52 -9.14
C GLU A 98 -0.02 11.36 -9.16
N ASP A 99 -0.59 11.20 -10.35
CA ASP A 99 -2.02 11.07 -10.51
C ASP A 99 -2.51 9.77 -9.87
N ASP A 100 -1.68 8.74 -9.85
CA ASP A 100 -2.05 7.47 -9.27
C ASP A 100 -2.00 7.53 -7.76
N VAL A 101 -1.02 8.26 -7.19
CA VAL A 101 -0.90 8.35 -5.74
C VAL A 101 -2.04 9.20 -5.20
N LYS A 102 -2.42 10.27 -5.90
CA LYS A 102 -3.57 11.06 -5.48
C LYS A 102 -4.84 10.21 -5.51
N MET A 103 -5.06 9.48 -6.61
CA MET A 103 -6.25 8.65 -6.75
C MET A 103 -6.27 7.51 -5.75
N ALA A 104 -5.10 7.03 -5.32
CA ALA A 104 -5.03 5.94 -4.36
C ALA A 104 -5.40 6.40 -2.95
N LEU A 105 -5.21 7.70 -2.66
CA LEU A 105 -5.55 8.28 -1.37
C LEU A 105 -7.03 8.63 -1.27
N LYS A 106 -7.74 8.66 -2.40
CA LYS A 106 -9.19 8.93 -2.43
C LYS A 106 -10.04 7.81 -1.81
N LYS A 107 -9.42 6.73 -1.33
CA LYS A 107 -10.14 5.60 -0.74
C LYS A 107 -9.52 5.22 0.60
N ASP A 108 -8.83 6.20 1.20
CA ASP A 108 -8.12 6.10 2.46
C ASP A 108 -8.86 5.47 3.65
N ARG A 109 -10.17 5.21 3.56
CA ARG A 109 -10.87 4.43 4.58
C ARG A 109 -12.23 3.89 4.11
N GLU A 110 -12.44 3.77 2.79
CA GLU A 110 -13.67 3.16 2.29
C GLU A 110 -13.66 1.64 2.51
N SER A 111 -14.53 0.90 1.83
CA SER A 111 -14.86 -0.47 2.22
C SER A 111 -14.56 -1.53 1.17
N MET A 112 -14.05 -1.16 0.00
CA MET A 112 -13.81 -2.04 -1.15
C MET A 112 -15.12 -2.61 -1.70
N GLY A 113 -16.17 -2.70 -0.88
CA GLY A 113 -17.48 -3.18 -1.28
C GLY A 113 -18.08 -4.12 -0.23
N HIS A 114 -17.25 -4.71 0.64
CA HIS A 114 -17.71 -5.70 1.59
C HIS A 114 -16.91 -5.71 2.91
N ARG A 115 -15.95 -4.81 3.09
CA ARG A 115 -15.11 -4.79 4.27
C ARG A 115 -14.71 -3.37 4.65
N TYR A 116 -13.42 -3.14 4.91
CA TYR A 116 -12.89 -1.88 5.42
C TYR A 116 -11.41 -1.86 5.10
N ILE A 117 -10.98 -0.82 4.40
CA ILE A 117 -9.61 -0.66 3.96
C ILE A 117 -9.10 0.65 4.51
N GLU A 118 -7.79 0.88 4.45
CA GLU A 118 -7.20 2.16 4.81
C GLU A 118 -5.98 2.38 3.94
N VAL A 119 -5.66 3.66 3.69
CA VAL A 119 -4.54 4.03 2.84
C VAL A 119 -3.91 5.31 3.36
N PHE A 120 -2.60 5.44 3.12
CA PHE A 120 -1.89 6.66 3.40
C PHE A 120 -0.79 6.81 2.34
N LYS A 121 -0.28 8.03 2.18
CA LYS A 121 0.78 8.27 1.21
C LYS A 121 2.06 7.58 1.67
N SER A 122 2.94 7.28 0.72
CA SER A 122 4.23 6.65 0.96
C SER A 122 5.30 7.39 0.13
N HIS A 123 6.56 6.96 0.21
CA HIS A 123 7.65 7.60 -0.53
C HIS A 123 8.80 6.63 -0.78
N ARG A 124 8.54 5.31 -0.68
CA ARG A 124 9.48 4.24 -0.96
C ARG A 124 10.60 4.11 0.07
N THR A 125 11.10 5.22 0.63
CA THR A 125 12.14 5.15 1.64
C THR A 125 11.61 4.44 2.88
N GLU A 126 10.35 4.68 3.24
CA GLU A 126 9.71 4.01 4.35
C GLU A 126 9.48 2.55 3.98
N MET A 127 9.04 2.29 2.74
CA MET A 127 8.74 0.95 2.30
C MET A 127 9.99 0.08 2.40
N ASP A 128 11.12 0.59 1.89
CA ASP A 128 12.36 -0.16 1.87
C ASP A 128 12.87 -0.45 3.29
N TRP A 129 12.53 0.44 4.22
CA TRP A 129 12.98 0.37 5.60
C TRP A 129 12.21 -0.64 6.44
N VAL A 130 10.99 -0.99 6.04
CA VAL A 130 10.16 -1.90 6.83
C VAL A 130 9.82 -3.18 6.07
N LEU A 131 10.10 -3.24 4.77
CA LEU A 131 9.95 -4.47 4.00
C LEU A 131 10.89 -5.56 4.54
N LYS A 132 11.82 -5.17 5.42
CA LYS A 132 12.72 -6.08 6.12
C LYS A 132 11.97 -6.90 7.18
N HIS A 133 10.67 -7.13 6.98
CA HIS A 133 9.79 -7.80 7.92
C HIS A 133 9.69 -7.07 9.26
N SER A 134 10.00 -5.77 9.25
CA SER A 134 10.02 -4.92 10.43
C SER A 134 10.94 -5.44 11.53
N GLY A 135 11.01 -4.71 12.65
CA GLY A 135 11.84 -5.07 13.78
C GLY A 135 11.66 -4.10 14.95
N PRO A 136 12.39 -4.32 16.05
CA PRO A 136 12.37 -3.49 17.24
C PRO A 136 12.48 -2.00 16.93
#